data_3ST6
#
_entry.id   3ST6
#
_cell.length_a   88.104
_cell.length_b   115.849
_cell.length_c   94.904
_cell.angle_alpha   90.00
_cell.angle_beta   91.25
_cell.angle_gamma   90.00
#
_symmetry.space_group_name_H-M   'P 1 21 1'
#
loop_
_entity.id
_entity.type
_entity.pdbx_description
1 polymer 'Isochorismate synthase/isochorismate-pyruvate lyase mbtI'
2 non-polymer '3-[(1-carboxyethenyl)oxy]-2-hydroxybenzoic acid'
3 water water
#
_entity_poly.entity_id   1
_entity_poly.type   'polypeptide(L)'
_entity_poly.pdbx_seq_one_letter_code
;MSELSVATGAVSTASSSIPMPAGVNPADLAAELAAVVTESVDEDYLLYECDGQWVLAAGVQAMVELDSDELRVIRDGVTR
RQQWSGRPGAALGEAVDRLLLETDQAFGWVAFEFGVHRYGLQQRLAPHTPLARVFSPRTRIMVSEKEIRLFDAGIRHREA
IDRLLATGVREVPQSRSVDVSDDPSGFRRRVAVAVDEIAAGRYHKVILSRCVEVPFAIDFPLTYRLGRRHNTPVRSFLLQ
LGGIRALGYSPELVTAVRADGVVITEPLAGTRALGRGPAIDRLARDDLESNSKEIVEHAISVRSSLEEITDIAEPGSAAV
IDFMTVRERGSVQHLGSTIRARLDPSSDRMAALEALFPAVTASGIPKAAGVEAIFRLDECPRGLYSGAVVMLSADGGLDA
ALTLRAAYQVGGRTWLRAGAGIIEESEPEREFEETCEKLSTLTPYLVARQ
;
_entity_poly.pdbx_strand_id   A,B,C,D
#
loop_
_chem_comp.id
_chem_comp.type
_chem_comp.name
_chem_comp.formula
RVE non-polymer '3-[(1-carboxyethenyl)oxy]-2-hydroxybenzoic acid' 'C10 H8 O6'
#
# COMPACT_ATOMS: atom_id res chain seq x y z
N SER A 15 -43.92 8.99 35.36
CA SER A 15 -44.24 10.05 36.32
C SER A 15 -45.02 11.19 35.63
N SER A 16 -46.24 10.84 35.23
CA SER A 16 -47.29 11.62 34.59
C SER A 16 -47.82 10.86 33.36
N SER A 17 -49.12 10.78 33.17
CA SER A 17 -49.64 9.99 32.05
C SER A 17 -50.79 10.62 31.28
N ILE A 18 -50.90 10.25 30.00
CA ILE A 18 -51.93 10.73 29.07
C ILE A 18 -52.62 9.50 28.51
N PRO A 19 -53.98 9.42 28.54
CA PRO A 19 -54.64 8.23 27.98
C PRO A 19 -54.39 8.10 26.50
N MET A 20 -54.09 6.88 26.06
CA MET A 20 -53.82 6.59 24.67
C MET A 20 -55.08 6.85 23.80
N PRO A 21 -54.99 7.64 22.68
N PRO A 21 -55.01 7.70 22.73
CA PRO A 21 -56.19 7.88 21.85
CA PRO A 21 -56.20 7.98 21.92
C PRO A 21 -56.82 6.64 21.22
C PRO A 21 -56.71 6.78 21.11
N ALA A 22 -58.13 6.76 20.88
N ALA A 22 -58.05 6.67 21.00
CA ALA A 22 -59.01 5.71 20.33
CA ALA A 22 -58.73 5.59 20.28
C ALA A 22 -58.44 4.80 19.23
C ALA A 22 -58.44 5.62 18.78
N GLY A 23 -58.43 5.30 17.98
N GLY A 23 -58.23 4.44 18.21
CA GLY A 23 -57.98 4.56 16.82
CA GLY A 23 -57.93 4.25 16.80
C GLY A 23 -56.55 4.83 16.41
C GLY A 23 -56.47 4.45 16.42
N VAL A 24 -55.64 4.85 17.41
CA VAL A 24 -54.21 5.12 17.21
C VAL A 24 -53.34 3.95 17.70
N ASN A 25 -52.54 3.41 16.79
CA ASN A 25 -51.60 2.32 17.07
C ASN A 25 -50.37 2.90 17.85
N PRO A 26 -49.82 2.20 18.90
CA PRO A 26 -48.68 2.76 19.66
C PRO A 26 -47.43 3.05 18.83
N ALA A 27 -47.10 2.13 17.89
CA ALA A 27 -45.94 2.28 17.00
C ALA A 27 -46.05 3.59 16.19
N ASP A 28 -47.27 3.89 15.66
CA ASP A 28 -47.51 5.08 14.86
C ASP A 28 -47.40 6.33 15.68
N LEU A 29 -48.00 6.36 16.89
CA LEU A 29 -47.88 7.53 17.76
C LEU A 29 -46.44 7.73 18.25
N ALA A 30 -45.73 6.64 18.59
CA ALA A 30 -44.35 6.76 19.07
C ALA A 30 -43.45 7.35 18.00
N ALA A 31 -43.57 6.87 16.75
CA ALA A 31 -42.76 7.37 15.66
C ALA A 31 -43.11 8.83 15.32
N GLU A 32 -44.40 9.19 15.42
CA GLU A 32 -44.84 10.57 15.15
C GLU A 32 -44.29 11.53 16.19
N LEU A 33 -44.26 11.10 17.47
CA LEU A 33 -43.71 11.90 18.53
C LEU A 33 -42.22 12.09 18.29
N ALA A 34 -41.52 11.03 17.87
CA ALA A 34 -40.09 11.07 17.55
C ALA A 34 -39.88 12.06 16.40
N ALA A 35 -40.72 12.03 15.33
CA ALA A 35 -40.55 12.94 14.23
C ALA A 35 -40.82 14.39 14.59
N VAL A 36 -41.99 14.65 15.12
CA VAL A 36 -42.52 15.99 15.31
C VAL A 36 -41.97 16.71 16.53
N VAL A 37 -41.92 16.02 17.67
CA VAL A 37 -41.46 16.62 18.90
C VAL A 37 -39.97 16.94 18.88
N THR A 38 -39.15 15.94 18.56
CA THR A 38 -37.69 16.14 18.50
C THR A 38 -37.27 17.14 17.43
N GLU A 39 -37.99 17.20 16.30
CA GLU A 39 -37.71 18.19 15.25
C GLU A 39 -37.98 19.64 15.73
N SER A 40 -39.09 19.87 16.47
CA SER A 40 -39.43 21.21 16.96
C SER A 40 -38.38 21.75 17.92
N VAL A 41 -37.70 20.86 18.67
CA VAL A 41 -36.63 21.21 19.58
C VAL A 41 -35.24 20.90 19.02
N ASP A 42 -35.19 20.37 17.77
CA ASP A 42 -33.92 20.03 17.10
C ASP A 42 -33.02 19.14 18.01
N GLU A 43 -33.53 17.99 18.46
CA GLU A 43 -32.71 17.15 19.32
C GLU A 43 -32.54 15.74 18.79
N ASP A 44 -31.49 15.09 19.27
CA ASP A 44 -31.25 13.67 18.96
C ASP A 44 -32.18 12.80 19.81
N TYR A 45 -32.34 11.53 19.41
CA TYR A 45 -33.24 10.63 20.14
C TYR A 45 -33.00 9.19 19.69
N LEU A 46 -33.61 8.29 20.45
CA LEU A 46 -33.62 6.86 20.16
C LEU A 46 -34.96 6.31 20.67
N LEU A 47 -35.71 5.71 19.75
CA LEU A 47 -37.01 5.04 20.00
C LEU A 47 -36.71 3.52 20.05
N TYR A 48 -37.04 2.88 21.16
CA TYR A 48 -36.79 1.46 21.32
C TYR A 48 -38.09 0.74 21.70
N GLU A 49 -38.47 -0.27 20.90
CA GLU A 49 -39.65 -1.08 21.14
C GLU A 49 -39.27 -2.37 21.88
N CYS A 50 -39.81 -2.56 23.09
CA CYS A 50 -39.51 -3.70 23.94
C CYS A 50 -40.75 -4.16 24.68
N ASP A 51 -41.30 -5.33 24.29
CA ASP A 51 -42.46 -6.00 24.92
C ASP A 51 -43.64 -5.06 25.17
N GLY A 52 -44.27 -4.63 24.07
CA GLY A 52 -45.43 -3.74 24.05
C GLY A 52 -45.19 -2.29 24.44
N GLN A 53 -43.98 -1.92 24.82
CA GLN A 53 -43.68 -0.56 25.16
C GLN A 53 -42.71 0.10 24.17
N TRP A 54 -43.11 1.27 23.68
CA TRP A 54 -42.25 2.06 22.77
C TRP A 54 -41.66 3.15 23.64
N VAL A 55 -40.35 3.08 23.89
CA VAL A 55 -39.65 4.04 24.76
C VAL A 55 -38.91 5.05 23.90
N LEU A 56 -39.34 6.31 23.98
CA LEU A 56 -38.67 7.37 23.23
C LEU A 56 -37.73 8.06 24.18
N ALA A 57 -36.41 7.89 23.95
CA ALA A 57 -35.36 8.50 24.78
C ALA A 57 -35.04 9.78 24.01
N ALA A 58 -35.54 10.93 24.48
CA ALA A 58 -35.44 12.22 23.78
C ALA A 58 -34.43 13.20 24.41
N GLY A 59 -33.50 13.69 23.60
CA GLY A 59 -32.47 14.63 24.05
C GLY A 59 -31.29 13.91 24.67
N VAL A 60 -30.12 14.55 24.62
CA VAL A 60 -28.90 13.91 25.16
C VAL A 60 -28.43 14.69 26.39
N GLN A 61 -28.62 14.11 27.60
CA GLN A 61 -28.16 14.67 28.86
C GLN A 61 -26.63 14.45 28.95
N ALA A 62 -26.16 13.22 28.67
CA ALA A 62 -24.73 12.91 28.59
C ALA A 62 -24.54 11.80 27.61
N MET A 63 -23.39 11.82 26.91
CA MET A 63 -23.02 10.83 25.90
C MET A 63 -21.73 10.12 26.24
N VAL A 64 -21.76 8.77 26.19
CA VAL A 64 -20.57 7.94 26.34
C VAL A 64 -20.15 7.51 24.95
N GLU A 65 -18.93 7.90 24.54
CA GLU A 65 -18.44 7.47 23.24
C GLU A 65 -17.27 6.57 23.45
N LEU A 66 -17.46 5.27 23.20
CA LEU A 66 -16.34 4.34 23.31
C LEU A 66 -15.79 4.09 21.90
N ASP A 67 -14.52 4.45 21.71
CA ASP A 67 -13.79 4.19 20.48
C ASP A 67 -12.68 3.18 20.75
N SER A 68 -12.08 2.63 19.70
CA SER A 68 -11.02 1.65 19.83
C SER A 68 -9.86 2.22 20.66
N ASP A 69 -9.56 3.51 20.51
CA ASP A 69 -8.39 4.12 21.18
C ASP A 69 -8.66 5.08 22.34
N GLU A 70 -9.93 5.40 22.59
CA GLU A 70 -10.28 6.39 23.61
C GLU A 70 -11.71 6.18 24.06
N LEU A 71 -12.01 6.66 25.28
CA LEU A 71 -13.34 6.71 25.89
C LEU A 71 -13.63 8.20 26.20
N ARG A 72 -14.76 8.72 25.73
CA ARG A 72 -15.14 10.12 25.96
C ARG A 72 -16.51 10.15 26.57
N VAL A 73 -16.67 11.01 27.56
CA VAL A 73 -17.96 11.28 28.21
C VAL A 73 -18.23 12.77 27.95
N ILE A 74 -19.40 13.09 27.34
CA ILE A 74 -19.75 14.45 26.95
C ILE A 74 -20.99 14.87 27.67
N ARG A 75 -20.92 15.99 28.42
CA ARG A 75 -22.08 16.51 29.14
C ARG A 75 -21.98 18.03 29.15
N ASP A 76 -23.12 18.71 28.95
CA ASP A 76 -23.27 20.17 28.95
C ASP A 76 -22.08 20.92 28.30
N GLY A 77 -21.67 20.45 27.12
CA GLY A 77 -20.58 21.01 26.33
C GLY A 77 -19.18 20.54 26.63
N VAL A 78 -18.98 19.86 27.79
CA VAL A 78 -17.67 19.38 28.28
C VAL A 78 -17.38 17.91 27.89
N THR A 79 -16.26 17.72 27.18
CA THR A 79 -15.75 16.42 26.76
C THR A 79 -14.58 16.06 27.64
N ARG A 80 -14.75 14.98 28.41
CA ARG A 80 -13.73 14.37 29.26
C ARG A 80 -13.24 13.15 28.49
N ARG A 81 -11.93 13.07 28.26
CA ARG A 81 -11.26 11.98 27.54
C ARG A 81 -10.52 11.08 28.51
N GLN A 82 -10.45 9.78 28.18
CA GLN A 82 -9.79 8.76 28.98
C GLN A 82 -9.21 7.73 28.05
N GLN A 83 -8.07 7.18 28.47
CA GLN A 83 -7.46 6.06 27.76
C GLN A 83 -7.99 4.85 28.48
N TRP A 84 -8.19 3.76 27.75
CA TRP A 84 -8.69 2.55 28.36
C TRP A 84 -7.90 1.37 27.89
N SER A 85 -7.79 0.35 28.73
CA SER A 85 -7.06 -0.86 28.39
C SER A 85 -7.90 -2.06 28.77
N GLY A 86 -7.58 -3.19 28.15
CA GLY A 86 -8.25 -4.45 28.42
C GLY A 86 -9.57 -4.59 27.70
N ARG A 87 -10.57 -5.10 28.42
CA ARG A 87 -11.89 -5.39 27.84
C ARG A 87 -12.71 -4.14 27.51
N PRO A 88 -13.25 -4.03 26.27
CA PRO A 88 -14.11 -2.88 25.94
C PRO A 88 -15.35 -2.82 26.84
N GLY A 89 -15.84 -4.00 27.25
CA GLY A 89 -16.98 -4.20 28.12
C GLY A 89 -16.79 -3.60 29.50
N ALA A 90 -15.57 -3.72 30.06
CA ALA A 90 -15.23 -3.15 31.37
C ALA A 90 -15.21 -1.60 31.30
N ALA A 91 -14.65 -1.03 30.21
CA ALA A 91 -14.59 0.41 29.97
C ALA A 91 -16.00 1.00 29.80
N LEU A 92 -16.81 0.38 28.93
CA LEU A 92 -18.20 0.80 28.71
C LEU A 92 -19.07 0.64 29.97
N GLY A 93 -18.94 -0.48 30.65
CA GLY A 93 -19.67 -0.79 31.87
C GLY A 93 -19.49 0.28 32.93
N GLU A 94 -18.22 0.66 33.17
CA GLU A 94 -17.83 1.70 34.13
C GLU A 94 -18.49 3.05 33.78
N ALA A 95 -18.44 3.46 32.49
CA ALA A 95 -18.99 4.72 32.01
C ALA A 95 -20.51 4.74 32.07
N VAL A 96 -21.19 3.61 31.71
CA VAL A 96 -22.65 3.48 31.73
C VAL A 96 -23.24 3.43 33.17
N ASP A 97 -22.59 2.70 34.09
CA ASP A 97 -23.01 2.61 35.50
C ASP A 97 -23.05 4.04 36.09
N ARG A 98 -22.07 4.89 35.71
CA ARG A 98 -21.96 6.30 36.09
C ARG A 98 -23.17 7.08 35.60
N LEU A 99 -23.52 6.93 34.29
CA LEU A 99 -24.70 7.58 33.70
C LEU A 99 -25.96 7.22 34.48
N LEU A 100 -26.06 5.93 34.87
CA LEU A 100 -27.19 5.34 35.56
C LEU A 100 -27.36 5.68 37.06
N LEU A 101 -26.39 6.40 37.63
CA LEU A 101 -26.48 6.88 39.03
C LEU A 101 -27.38 8.11 39.02
N GLU A 102 -27.36 8.84 37.89
CA GLU A 102 -28.13 10.04 37.61
C GLU A 102 -29.55 9.73 37.08
N THR A 103 -29.64 8.97 35.96
CA THR A 103 -30.90 8.64 35.31
C THR A 103 -31.26 7.14 35.41
N ASP A 104 -32.54 6.79 35.28
CA ASP A 104 -33.02 5.40 35.37
C ASP A 104 -32.62 4.52 34.18
N GLN A 105 -32.53 5.11 32.97
CA GLN A 105 -32.21 4.34 31.77
C GLN A 105 -31.24 5.03 30.84
N ALA A 106 -30.41 4.23 30.13
CA ALA A 106 -29.48 4.66 29.11
C ALA A 106 -29.76 3.88 27.84
N PHE A 107 -29.47 4.49 26.70
CA PHE A 107 -29.82 3.89 25.42
C PHE A 107 -28.69 4.08 24.42
N GLY A 108 -28.63 3.24 23.40
CA GLY A 108 -27.63 3.47 22.38
C GLY A 108 -27.46 2.29 21.44
N TRP A 109 -26.27 2.21 20.91
CA TRP A 109 -25.81 1.18 19.99
C TRP A 109 -24.39 0.73 20.27
N VAL A 110 -24.14 -0.55 19.98
CA VAL A 110 -22.85 -1.21 20.15
C VAL A 110 -22.47 -1.73 18.76
N ALA A 111 -21.28 -1.40 18.32
CA ALA A 111 -20.79 -1.82 17.01
C ALA A 111 -20.43 -3.30 16.99
N PHE A 112 -20.35 -3.88 15.76
CA PHE A 112 -19.86 -5.23 15.55
C PHE A 112 -18.43 -5.31 16.13
N GLU A 113 -17.63 -4.26 15.89
CA GLU A 113 -16.22 -4.11 16.30
C GLU A 113 -15.99 -4.23 17.82
N PHE A 114 -17.04 -4.02 18.62
CA PHE A 114 -17.00 -4.20 20.06
C PHE A 114 -16.70 -5.65 20.44
N GLY A 115 -17.12 -6.61 19.61
CA GLY A 115 -16.93 -8.02 19.91
C GLY A 115 -15.62 -8.63 19.43
N VAL A 116 -14.71 -7.81 18.85
CA VAL A 116 -13.47 -8.38 18.26
C VAL A 116 -12.32 -8.63 19.23
N HIS A 117 -12.30 -7.86 20.31
CA HIS A 117 -11.26 -7.90 21.36
C HIS A 117 -11.15 -9.26 22.05
N ARG A 118 -12.30 -9.93 22.24
CA ARG A 118 -12.43 -11.24 22.86
C ARG A 118 -11.74 -12.31 22.04
N TYR A 119 -11.66 -12.09 20.72
CA TYR A 119 -11.08 -13.04 19.78
C TYR A 119 -9.68 -12.67 19.28
N GLY A 120 -9.03 -11.76 20.01
CA GLY A 120 -7.66 -11.29 19.78
C GLY A 120 -7.42 -10.37 18.60
N LEU A 121 -8.46 -9.67 18.14
CA LEU A 121 -8.39 -8.85 16.93
C LEU A 121 -8.33 -7.33 17.16
N GLN A 122 -8.11 -6.88 18.41
CA GLN A 122 -8.04 -5.46 18.78
C GLN A 122 -7.10 -4.64 17.89
N GLN A 123 -5.90 -5.18 17.55
CA GLN A 123 -4.89 -4.45 16.74
C GLN A 123 -5.33 -4.27 15.28
N ARG A 124 -6.35 -5.03 14.84
CA ARG A 124 -6.86 -4.89 13.48
C ARG A 124 -7.75 -3.64 13.33
N LEU A 125 -8.14 -3.02 14.46
CA LEU A 125 -8.98 -1.82 14.42
C LEU A 125 -8.18 -0.56 14.19
N ALA A 126 -8.59 0.19 13.16
CA ALA A 126 -8.01 1.48 12.78
C ALA A 126 -8.26 2.49 13.92
N PRO A 127 -7.39 3.51 14.11
CA PRO A 127 -7.67 4.49 15.18
C PRO A 127 -9.03 5.15 14.99
N HIS A 128 -9.69 5.52 16.08
CA HIS A 128 -10.98 6.18 16.10
C HIS A 128 -12.14 5.31 15.58
N THR A 129 -12.00 3.99 15.73
CA THR A 129 -13.09 3.08 15.31
C THR A 129 -14.14 3.10 16.41
N PRO A 130 -15.39 3.49 16.06
CA PRO A 130 -16.45 3.47 17.07
C PRO A 130 -16.74 2.06 17.61
N LEU A 131 -16.88 1.93 18.94
CA LEU A 131 -17.25 0.65 19.56
C LEU A 131 -18.67 0.69 20.14
N ALA A 132 -19.06 1.87 20.65
CA ALA A 132 -20.39 2.08 21.22
C ALA A 132 -20.66 3.55 21.44
N ARG A 133 -21.95 3.89 21.40
CA ARG A 133 -22.50 5.21 21.72
C ARG A 133 -23.67 4.96 22.64
N VAL A 134 -23.54 5.37 23.92
CA VAL A 134 -24.58 5.17 24.91
C VAL A 134 -24.85 6.50 25.58
N PHE A 135 -26.12 6.88 25.66
CA PHE A 135 -26.53 8.15 26.25
C PHE A 135 -27.59 8.06 27.31
N SER A 136 -27.61 9.09 28.20
CA SER A 136 -28.66 9.32 29.19
C SER A 136 -29.61 10.30 28.49
N PRO A 137 -30.92 10.01 28.38
CA PRO A 137 -31.80 10.99 27.73
C PRO A 137 -32.19 12.09 28.70
N ARG A 138 -32.56 13.25 28.18
CA ARG A 138 -33.07 14.30 29.07
C ARG A 138 -34.52 13.95 29.49
N THR A 139 -35.28 13.37 28.56
CA THR A 139 -36.70 13.04 28.70
C THR A 139 -36.98 11.64 28.14
N ARG A 140 -37.89 10.91 28.77
CA ARG A 140 -38.41 9.65 28.24
C ARG A 140 -39.91 9.74 28.10
N ILE A 141 -40.44 9.36 26.93
CA ILE A 141 -41.86 9.27 26.65
C ILE A 141 -42.10 7.78 26.33
N MET A 142 -42.86 7.09 27.20
CA MET A 142 -43.18 5.66 27.03
C MET A 142 -44.59 5.53 26.49
N VAL A 143 -44.75 4.91 25.33
CA VAL A 143 -46.02 4.71 24.63
C VAL A 143 -46.39 3.21 24.61
N SER A 144 -47.60 2.89 25.06
CA SER A 144 -48.14 1.52 25.05
C SER A 144 -49.61 1.59 24.63
N GLU A 145 -50.26 0.41 24.50
CA GLU A 145 -51.70 0.39 24.16
C GLU A 145 -52.46 1.05 25.32
N LYS A 146 -52.00 0.81 26.56
CA LYS A 146 -52.57 1.32 27.81
C LYS A 146 -52.58 2.85 27.92
N GLU A 147 -51.42 3.53 27.67
CA GLU A 147 -51.28 4.98 27.85
C GLU A 147 -49.93 5.53 27.34
N ILE A 148 -49.74 6.86 27.52
CA ILE A 148 -48.49 7.60 27.23
C ILE A 148 -47.98 8.07 28.59
N ARG A 149 -46.76 7.65 28.98
CA ARG A 149 -46.16 8.08 30.25
C ARG A 149 -45.03 9.04 29.93
N LEU A 150 -44.93 10.14 30.71
CA LEU A 150 -43.90 11.17 30.61
C LEU A 150 -42.96 11.13 31.79
N PHE A 151 -41.64 11.09 31.50
CA PHE A 151 -40.61 11.07 32.51
C PHE A 151 -39.75 12.28 32.24
N ASP A 152 -39.75 13.24 33.20
CA ASP A 152 -38.92 14.45 33.15
C ASP A 152 -39.13 15.28 31.88
N ALA A 153 -40.37 15.41 31.44
CA ALA A 153 -40.68 16.21 30.27
C ALA A 153 -40.91 17.64 30.70
N GLY A 154 -40.17 18.55 30.08
CA GLY A 154 -40.26 19.97 30.39
C GLY A 154 -41.48 20.60 29.74
N ILE A 155 -41.79 21.87 30.09
CA ILE A 155 -42.96 22.59 29.57
C ILE A 155 -42.95 22.56 28.05
N ARG A 156 -41.83 22.99 27.44
CA ARG A 156 -41.70 23.04 25.98
C ARG A 156 -41.98 21.67 25.34
N HIS A 157 -41.45 20.59 25.90
CA HIS A 157 -41.74 19.23 25.38
C HIS A 157 -43.21 18.86 25.58
N ARG A 158 -43.76 19.08 26.80
CA ARG A 158 -45.17 18.75 27.06
C ARG A 158 -46.13 19.43 26.09
N GLU A 159 -45.87 20.74 25.78
CA GLU A 159 -46.66 21.54 24.84
C GLU A 159 -46.55 20.96 23.44
N ALA A 160 -45.31 20.57 23.04
CA ALA A 160 -45.11 19.95 21.73
C ALA A 160 -45.88 18.62 21.62
N ILE A 161 -45.89 17.82 22.70
CA ILE A 161 -46.64 16.55 22.73
C ILE A 161 -48.14 16.79 22.53
N ASP A 162 -48.72 17.73 23.31
CA ASP A 162 -50.14 18.10 23.17
C ASP A 162 -50.49 18.55 21.76
N ARG A 163 -49.58 19.32 21.09
CA ARG A 163 -49.79 19.75 19.69
C ARG A 163 -49.84 18.56 18.75
N LEU A 164 -48.94 17.58 18.97
CA LEU A 164 -48.90 16.36 18.17
C LEU A 164 -50.22 15.58 18.29
N LEU A 165 -50.70 15.36 19.53
CA LEU A 165 -51.96 14.63 19.81
C LEU A 165 -53.19 15.29 19.16
N ALA A 166 -53.21 16.64 19.09
CA ALA A 166 -54.31 17.39 18.47
C ALA A 166 -54.24 17.29 16.94
N THR A 167 -53.01 17.37 16.36
CA THR A 167 -52.75 17.27 14.92
C THR A 167 -53.13 15.87 14.41
N GLY A 168 -52.84 14.85 15.24
CA GLY A 168 -53.06 13.44 14.91
C GLY A 168 -51.90 12.91 14.09
N VAL A 169 -51.92 11.62 13.79
CA VAL A 169 -50.81 11.06 13.01
C VAL A 169 -50.95 11.35 11.50
N ARG A 170 -49.83 11.58 10.83
CA ARG A 170 -49.80 11.81 9.39
C ARG A 170 -50.14 10.51 8.70
N GLU A 171 -50.77 10.60 7.52
CA GLU A 171 -51.03 9.45 6.68
C GLU A 171 -49.63 9.08 6.12
N VAL A 172 -49.33 7.80 5.99
CA VAL A 172 -48.02 7.42 5.44
C VAL A 172 -48.09 7.47 3.91
N PRO A 173 -47.23 8.21 3.18
CA PRO A 173 -47.34 8.20 1.71
C PRO A 173 -46.97 6.85 1.09
N GLN A 174 -47.09 6.77 -0.25
CA GLN A 174 -46.71 5.60 -1.03
C GLN A 174 -45.19 5.46 -0.96
N SER A 175 -44.69 4.25 -0.83
CA SER A 175 -43.24 4.03 -0.82
C SER A 175 -42.63 4.17 -2.21
N ARG A 176 -41.30 4.21 -2.27
CA ARG A 176 -40.53 4.33 -3.49
C ARG A 176 -39.58 3.14 -3.52
N SER A 177 -39.51 2.45 -4.66
CA SER A 177 -38.73 1.25 -4.84
C SER A 177 -37.24 1.45 -5.01
N VAL A 178 -36.47 0.43 -4.62
CA VAL A 178 -35.01 0.39 -4.74
C VAL A 178 -34.57 -0.92 -5.38
N ASP A 179 -33.60 -0.83 -6.24
CA ASP A 179 -33.03 -1.99 -6.93
C ASP A 179 -32.01 -2.68 -6.04
N VAL A 180 -32.25 -3.96 -5.73
CA VAL A 180 -31.34 -4.78 -4.92
C VAL A 180 -30.61 -5.83 -5.79
N SER A 181 -30.85 -5.87 -7.12
CA SER A 181 -30.26 -6.90 -8.01
C SER A 181 -28.79 -6.75 -8.36
N ASP A 182 -28.26 -5.52 -8.28
CA ASP A 182 -26.85 -5.27 -8.60
C ASP A 182 -25.91 -5.73 -7.48
N ASP A 183 -24.66 -6.03 -7.86
CA ASP A 183 -23.64 -6.53 -6.96
C ASP A 183 -22.35 -5.68 -7.06
N PRO A 184 -22.39 -4.36 -6.72
CA PRO A 184 -21.16 -3.54 -6.85
C PRO A 184 -20.00 -3.91 -5.93
N SER A 185 -20.30 -4.52 -4.76
CA SER A 185 -19.28 -4.87 -3.79
C SER A 185 -18.75 -6.30 -3.98
N GLY A 186 -19.09 -6.94 -5.10
CA GLY A 186 -18.63 -8.29 -5.40
C GLY A 186 -18.95 -9.35 -4.37
N PHE A 187 -20.19 -9.32 -3.79
CA PHE A 187 -20.66 -10.34 -2.84
C PHE A 187 -20.48 -11.75 -3.39
N ARG A 188 -20.93 -12.01 -4.67
CA ARG A 188 -20.78 -13.35 -5.28
C ARG A 188 -19.31 -13.83 -5.27
N ARG A 189 -18.37 -12.91 -5.58
CA ARG A 189 -16.92 -13.15 -5.60
C ARG A 189 -16.39 -13.48 -4.18
N ARG A 190 -16.81 -12.68 -3.18
CA ARG A 190 -16.41 -12.84 -1.79
C ARG A 190 -16.97 -14.13 -1.23
N VAL A 191 -18.22 -14.50 -1.60
CA VAL A 191 -18.81 -15.78 -1.17
C VAL A 191 -17.92 -16.97 -1.67
N ALA A 192 -17.49 -16.93 -2.93
CA ALA A 192 -16.64 -18.00 -3.51
C ALA A 192 -15.32 -18.15 -2.74
N VAL A 193 -14.71 -17.03 -2.30
CA VAL A 193 -13.48 -17.06 -1.51
C VAL A 193 -13.72 -17.79 -0.19
N ALA A 194 -14.81 -17.40 0.54
CA ALA A 194 -15.17 -18.04 1.82
C ALA A 194 -15.41 -19.54 1.63
N VAL A 195 -16.15 -19.94 0.55
CA VAL A 195 -16.44 -21.34 0.22
C VAL A 195 -15.11 -22.11 0.05
N ASP A 196 -14.15 -21.54 -0.70
CA ASP A 196 -12.82 -22.15 -0.86
C ASP A 196 -12.11 -22.34 0.48
N GLU A 197 -12.16 -21.32 1.37
CA GLU A 197 -11.58 -21.37 2.71
C GLU A 197 -12.21 -22.42 3.62
N ILE A 198 -13.54 -22.58 3.53
CA ILE A 198 -14.25 -23.59 4.33
C ILE A 198 -13.86 -24.98 3.84
N ALA A 199 -13.82 -25.19 2.50
CA ALA A 199 -13.42 -26.46 1.89
C ALA A 199 -11.99 -26.85 2.30
N ALA A 200 -11.11 -25.86 2.52
CA ALA A 200 -9.74 -26.07 3.00
C ALA A 200 -9.64 -26.36 4.52
N GLY A 201 -10.78 -26.23 5.24
CA GLY A 201 -10.88 -26.49 6.68
C GLY A 201 -10.59 -25.33 7.62
N ARG A 202 -10.52 -24.09 7.08
CA ARG A 202 -10.22 -22.86 7.85
C ARG A 202 -11.27 -22.55 8.92
N TYR A 203 -12.55 -22.78 8.60
CA TYR A 203 -13.67 -22.54 9.53
C TYR A 203 -14.89 -23.26 8.98
N HIS A 204 -15.98 -23.32 9.77
CA HIS A 204 -17.17 -24.06 9.38
C HIS A 204 -18.17 -23.19 8.62
N LYS A 205 -18.44 -21.99 9.16
CA LYS A 205 -19.43 -21.07 8.65
C LYS A 205 -18.99 -19.66 8.87
N VAL A 206 -19.35 -18.79 7.91
CA VAL A 206 -19.12 -17.36 7.99
C VAL A 206 -20.33 -16.61 7.42
N ILE A 207 -20.73 -15.50 8.07
CA ILE A 207 -21.80 -14.68 7.50
C ILE A 207 -21.14 -13.52 6.77
N LEU A 208 -21.36 -13.45 5.46
CA LEU A 208 -20.84 -12.34 4.69
C LEU A 208 -22.03 -11.50 4.29
N SER A 209 -21.81 -10.24 4.02
CA SER A 209 -22.90 -9.30 3.75
C SER A 209 -22.62 -8.39 2.55
N ARG A 210 -23.63 -7.60 2.16
CA ARG A 210 -23.48 -6.61 1.14
C ARG A 210 -24.35 -5.41 1.47
N CYS A 211 -23.81 -4.23 1.24
CA CYS A 211 -24.55 -2.98 1.39
C CYS A 211 -25.31 -2.72 0.11
N VAL A 212 -26.50 -2.07 0.23
CA VAL A 212 -27.35 -1.65 -0.87
C VAL A 212 -27.59 -0.16 -0.69
N GLU A 213 -27.08 0.64 -1.62
CA GLU A 213 -27.29 2.10 -1.60
C GLU A 213 -28.72 2.44 -1.92
N VAL A 214 -29.32 3.36 -1.16
CA VAL A 214 -30.66 3.87 -1.40
C VAL A 214 -30.38 5.23 -2.07
N PRO A 215 -30.67 5.37 -3.40
CA PRO A 215 -30.25 6.58 -4.11
C PRO A 215 -31.04 7.85 -3.85
N PHE A 216 -31.88 7.85 -2.82
CA PHE A 216 -32.67 9.00 -2.43
C PHE A 216 -32.75 9.03 -0.92
N ALA A 217 -32.93 10.22 -0.35
CA ALA A 217 -33.11 10.37 1.08
C ALA A 217 -34.45 9.84 1.50
N ILE A 218 -34.46 9.10 2.61
CA ILE A 218 -35.73 8.55 3.09
C ILE A 218 -36.16 9.30 4.33
N ASP A 219 -37.44 9.23 4.64
CA ASP A 219 -38.02 9.80 5.85
C ASP A 219 -37.97 8.64 6.82
N PHE A 220 -37.03 8.66 7.78
CA PHE A 220 -36.86 7.58 8.76
C PHE A 220 -38.11 7.27 9.59
N PRO A 221 -38.76 8.26 10.26
CA PRO A 221 -39.99 7.93 11.03
C PRO A 221 -41.13 7.34 10.20
N LEU A 222 -41.41 7.88 8.99
CA LEU A 222 -42.48 7.33 8.15
C LEU A 222 -42.17 5.94 7.63
N THR A 223 -40.89 5.71 7.20
CA THR A 223 -40.40 4.39 6.80
C THR A 223 -40.55 3.41 7.97
N TYR A 224 -40.12 3.82 9.17
CA TYR A 224 -40.25 2.97 10.36
C TYR A 224 -41.76 2.54 10.50
N ARG A 225 -42.69 3.50 10.43
CA ARG A 225 -44.13 3.23 10.58
C ARG A 225 -44.64 2.24 9.58
N LEU A 226 -44.29 2.44 8.29
CA LEU A 226 -44.73 1.59 7.19
C LEU A 226 -44.20 0.16 7.32
N GLY A 227 -42.88 0.01 7.47
CA GLY A 227 -42.27 -1.31 7.64
C GLY A 227 -42.71 -2.05 8.89
N ARG A 228 -43.05 -1.33 9.97
CA ARG A 228 -43.49 -1.97 11.21
C ARG A 228 -44.81 -2.76 11.05
N ARG A 229 -45.73 -2.27 10.18
CA ARG A 229 -47.03 -2.88 9.84
C ARG A 229 -46.85 -4.23 9.16
N HIS A 230 -45.69 -4.48 8.60
CA HIS A 230 -45.42 -5.65 7.81
C HIS A 230 -44.34 -6.59 8.38
N ASN A 231 -43.96 -6.39 9.63
CA ASN A 231 -42.90 -7.15 10.24
C ASN A 231 -43.29 -7.55 11.65
N THR A 232 -42.67 -8.61 12.18
CA THR A 232 -42.95 -9.13 13.53
C THR A 232 -41.62 -9.32 14.24
N PRO A 233 -40.91 -8.20 14.55
CA PRO A 233 -39.58 -8.35 15.16
C PRO A 233 -39.66 -8.57 16.66
N VAL A 234 -38.54 -9.04 17.25
CA VAL A 234 -38.50 -9.19 18.71
CA VAL A 234 -38.45 -9.21 18.71
C VAL A 234 -38.36 -7.81 19.33
N ARG A 235 -37.65 -6.91 18.65
CA ARG A 235 -37.44 -5.52 19.10
C ARG A 235 -37.43 -4.67 17.85
N SER A 236 -37.69 -3.35 18.00
CA SER A 236 -37.52 -2.45 16.86
C SER A 236 -36.95 -1.13 17.37
N PHE A 237 -36.37 -0.37 16.46
CA PHE A 237 -35.79 0.92 16.85
C PHE A 237 -35.85 1.93 15.68
N LEU A 238 -35.79 3.18 16.08
CA LEU A 238 -35.71 4.32 15.21
C LEU A 238 -34.86 5.38 15.95
N LEU A 239 -33.77 5.81 15.35
CA LEU A 239 -32.88 6.73 16.00
C LEU A 239 -32.32 7.83 15.07
N GLN A 240 -31.92 8.92 15.71
CA GLN A 240 -31.21 10.05 15.14
C GLN A 240 -30.19 10.46 16.25
N LEU A 241 -28.95 10.06 16.06
CA LEU A 241 -27.97 10.19 17.08
C LEU A 241 -26.55 10.45 16.55
N GLY A 242 -25.99 11.60 16.89
CA GLY A 242 -24.63 11.95 16.49
C GLY A 242 -24.38 11.92 15.00
N GLY A 243 -25.34 12.37 14.20
CA GLY A 243 -25.17 12.35 12.75
C GLY A 243 -25.54 11.01 12.08
N ILE A 244 -26.04 10.02 12.85
CA ILE A 244 -26.47 8.74 12.29
C ILE A 244 -27.98 8.69 12.38
N ARG A 245 -28.66 8.32 11.28
CA ARG A 245 -30.09 8.00 11.40
C ARG A 245 -30.12 6.52 11.16
N ALA A 246 -30.96 5.80 11.91
CA ALA A 246 -31.08 4.36 11.69
C ALA A 246 -32.45 3.88 12.14
N LEU A 247 -32.94 2.79 11.53
CA LEU A 247 -34.17 2.13 11.91
C LEU A 247 -33.98 0.64 11.68
N GLY A 248 -34.68 -0.18 12.43
CA GLY A 248 -34.58 -1.63 12.23
C GLY A 248 -35.65 -2.42 12.93
N TYR A 249 -35.85 -3.67 12.44
CA TYR A 249 -36.83 -4.60 13.03
C TYR A 249 -35.94 -5.80 13.36
N SER A 250 -35.38 -5.76 14.57
CA SER A 250 -34.44 -6.76 15.03
CA SER A 250 -34.44 -6.79 15.02
C SER A 250 -35.07 -8.18 15.07
N PRO A 251 -34.46 -9.17 14.36
CA PRO A 251 -35.05 -10.53 14.40
C PRO A 251 -34.59 -11.36 15.62
N GLU A 252 -33.65 -10.84 16.45
CA GLU A 252 -33.11 -11.62 17.56
C GLU A 252 -32.62 -10.78 18.74
N LEU A 253 -32.83 -11.27 19.97
CA LEU A 253 -32.23 -10.66 21.16
C LEU A 253 -30.84 -11.31 21.25
N VAL A 254 -29.77 -10.55 21.13
CA VAL A 254 -28.43 -11.13 21.29
C VAL A 254 -28.19 -11.40 22.81
N THR A 255 -28.68 -10.52 23.66
CA THR A 255 -28.55 -10.67 25.14
C THR A 255 -29.56 -9.84 25.83
N ALA A 256 -30.18 -10.43 26.85
CA ALA A 256 -31.01 -9.73 27.83
C ALA A 256 -30.57 -10.24 29.18
N VAL A 257 -30.32 -9.30 30.11
CA VAL A 257 -29.94 -9.56 31.52
C VAL A 257 -31.02 -8.85 32.33
N ARG A 258 -31.74 -9.58 33.17
CA ARG A 258 -32.81 -8.99 33.97
C ARG A 258 -32.26 -8.61 35.33
N ALA A 259 -32.96 -7.70 36.05
CA ALA A 259 -32.57 -7.26 37.42
C ALA A 259 -32.38 -8.43 38.38
N ASP A 260 -33.10 -9.55 38.15
CA ASP A 260 -33.00 -10.75 38.97
C ASP A 260 -31.84 -11.71 38.61
N GLY A 261 -30.96 -11.30 37.70
CA GLY A 261 -29.82 -12.10 37.27
C GLY A 261 -30.05 -13.08 36.13
N VAL A 262 -31.28 -13.23 35.65
CA VAL A 262 -31.59 -14.12 34.53
C VAL A 262 -31.00 -13.52 33.21
N VAL A 263 -30.19 -14.31 32.48
CA VAL A 263 -29.58 -13.96 31.19
C VAL A 263 -30.21 -14.83 30.08
N ILE A 264 -30.57 -14.20 28.94
CA ILE A 264 -31.19 -14.88 27.79
C ILE A 264 -30.47 -14.48 26.49
N THR A 265 -30.34 -15.43 25.58
CA THR A 265 -29.82 -15.20 24.21
C THR A 265 -30.74 -16.03 23.31
N GLU A 266 -31.07 -15.50 22.13
CA GLU A 266 -32.00 -16.15 21.20
C GLU A 266 -31.35 -16.43 19.85
N PRO A 267 -30.47 -17.44 19.74
CA PRO A 267 -29.77 -17.69 18.49
C PRO A 267 -30.69 -18.14 17.35
N LEU A 268 -30.47 -17.57 16.15
CA LEU A 268 -31.19 -17.95 14.90
C LEU A 268 -30.20 -18.57 13.93
N ALA A 269 -30.64 -19.56 13.15
CA ALA A 269 -29.80 -20.16 12.12
C ALA A 269 -30.73 -20.92 11.21
N GLY A 270 -30.63 -20.66 9.91
CA GLY A 270 -31.49 -21.27 8.91
C GLY A 270 -32.54 -20.26 8.50
N THR A 271 -32.82 -20.19 7.19
CA THR A 271 -33.73 -19.20 6.65
C THR A 271 -34.51 -19.72 5.45
N ARG A 272 -35.79 -19.32 5.37
CA ARG A 272 -36.66 -19.53 4.21
C ARG A 272 -37.46 -18.25 4.00
N ALA A 273 -37.94 -18.02 2.79
CA ALA A 273 -38.76 -16.85 2.51
C ALA A 273 -40.09 -16.97 3.25
N LEU A 274 -40.67 -15.81 3.58
CA LEU A 274 -41.97 -15.68 4.23
C LEU A 274 -42.66 -14.52 3.53
N GLY A 275 -43.99 -14.46 3.65
CA GLY A 275 -44.83 -13.41 3.06
C GLY A 275 -45.15 -13.58 1.58
N ARG A 276 -45.00 -14.80 1.08
CA ARG A 276 -45.18 -15.11 -0.35
C ARG A 276 -46.54 -15.74 -0.64
N GLY A 277 -47.36 -15.91 0.39
CA GLY A 277 -48.67 -16.57 0.28
C GLY A 277 -48.78 -17.71 1.28
N PRO A 278 -49.96 -17.91 1.90
CA PRO A 278 -50.12 -18.96 2.93
C PRO A 278 -49.59 -20.37 2.62
N ALA A 279 -50.04 -20.97 1.50
CA ALA A 279 -49.62 -22.33 1.14
C ALA A 279 -48.14 -22.35 0.76
N ILE A 280 -47.64 -21.29 0.08
CA ILE A 280 -46.21 -21.19 -0.31
C ILE A 280 -45.34 -21.11 0.96
N ASP A 281 -45.73 -20.24 1.90
CA ASP A 281 -45.03 -20.06 3.18
C ASP A 281 -45.02 -21.36 4.03
N ARG A 282 -46.13 -22.14 4.00
CA ARG A 282 -46.23 -23.43 4.72
C ARG A 282 -45.27 -24.44 4.13
N LEU A 283 -45.18 -24.49 2.79
CA LEU A 283 -44.25 -25.42 2.13
C LEU A 283 -42.82 -25.08 2.57
N ALA A 284 -42.50 -23.78 2.59
CA ALA A 284 -41.16 -23.29 2.98
C ALA A 284 -40.92 -23.61 4.46
N ARG A 285 -41.96 -23.46 5.31
CA ARG A 285 -41.89 -23.73 6.75
C ARG A 285 -41.59 -25.22 6.99
N ASP A 286 -42.30 -26.11 6.26
CA ASP A 286 -42.14 -27.56 6.34
C ASP A 286 -40.77 -27.97 5.86
N ASP A 287 -40.25 -27.29 4.79
CA ASP A 287 -38.91 -27.51 4.27
C ASP A 287 -37.85 -27.19 5.33
N LEU A 288 -37.92 -25.98 5.89
CA LEU A 288 -37.01 -25.50 6.94
C LEU A 288 -36.94 -26.47 8.14
N GLU A 289 -38.10 -26.92 8.63
CA GLU A 289 -38.17 -27.83 9.79
C GLU A 289 -37.71 -29.26 9.54
N SER A 290 -37.47 -29.65 8.29
CA SER A 290 -37.11 -31.05 8.00
C SER A 290 -35.80 -31.17 7.23
N ASN A 291 -35.21 -30.04 6.87
CA ASN A 291 -34.00 -29.98 6.07
C ASN A 291 -32.78 -30.27 6.93
N SER A 292 -32.09 -31.37 6.62
CA SER A 292 -30.88 -31.82 7.33
C SER A 292 -29.81 -30.71 7.43
N LYS A 293 -29.56 -29.96 6.33
CA LYS A 293 -28.56 -28.87 6.28
C LYS A 293 -28.89 -27.75 7.30
N GLU A 294 -30.18 -27.40 7.40
CA GLU A 294 -30.68 -26.36 8.33
C GLU A 294 -30.67 -26.86 9.76
N ILE A 295 -31.11 -28.13 9.97
CA ILE A 295 -31.10 -28.68 11.33
C ILE A 295 -29.66 -28.69 11.90
N VAL A 296 -28.68 -29.22 11.12
CA VAL A 296 -27.25 -29.31 11.51
C VAL A 296 -26.72 -27.93 11.94
N GLU A 297 -26.94 -26.91 11.13
CA GLU A 297 -26.47 -25.57 11.41
C GLU A 297 -27.11 -24.95 12.59
N HIS A 298 -28.38 -25.19 12.78
CA HIS A 298 -29.00 -24.66 13.97
C HIS A 298 -28.43 -25.33 15.23
N ALA A 299 -28.35 -26.63 15.21
CA ALA A 299 -27.78 -27.38 16.32
C ALA A 299 -26.39 -26.88 16.70
N ILE A 300 -25.51 -26.78 15.72
CA ILE A 300 -24.13 -26.26 15.91
C ILE A 300 -24.14 -24.84 16.55
N SER A 301 -25.01 -23.93 16.05
CA SER A 301 -25.17 -22.58 16.58
C SER A 301 -25.66 -22.54 18.01
N VAL A 302 -26.67 -23.39 18.37
CA VAL A 302 -27.17 -23.50 19.75
C VAL A 302 -26.04 -24.01 20.69
N ARG A 303 -25.21 -24.96 20.22
CA ARG A 303 -24.06 -25.49 20.97
C ARG A 303 -23.06 -24.36 21.26
N SER A 304 -22.69 -23.59 20.22
CA SER A 304 -21.77 -22.45 20.33
C SER A 304 -22.32 -21.42 21.29
N SER A 305 -23.61 -21.09 21.14
CA SER A 305 -24.27 -20.11 21.98
C SER A 305 -24.28 -20.53 23.47
N LEU A 306 -24.52 -21.83 23.75
CA LEU A 306 -24.50 -22.39 25.10
C LEU A 306 -23.10 -22.29 25.74
N GLU A 307 -22.10 -22.51 24.94
CA GLU A 307 -20.75 -22.44 25.41
C GLU A 307 -20.38 -21.02 25.84
N GLU A 308 -20.88 -20.04 25.11
CA GLU A 308 -20.63 -18.62 25.41
C GLU A 308 -21.30 -18.21 26.68
N ILE A 309 -22.60 -18.55 26.84
CA ILE A 309 -23.37 -18.20 28.04
C ILE A 309 -22.82 -18.89 29.33
N THR A 310 -22.20 -20.09 29.16
CA THR A 310 -21.53 -20.88 30.19
C THR A 310 -20.39 -20.04 30.80
N ASP A 311 -19.64 -19.29 29.94
CA ASP A 311 -18.53 -18.42 30.37
C ASP A 311 -18.89 -17.37 31.44
N ILE A 312 -20.20 -17.01 31.60
CA ILE A 312 -20.66 -15.97 32.54
C ILE A 312 -21.75 -16.42 33.52
N ALA A 313 -22.20 -17.67 33.40
CA ALA A 313 -23.30 -18.18 34.21
C ALA A 313 -22.87 -18.89 35.46
N GLU A 314 -23.80 -19.00 36.43
CA GLU A 314 -23.63 -19.78 37.66
C GLU A 314 -23.46 -21.23 37.20
N PRO A 315 -22.47 -22.02 37.72
CA PRO A 315 -22.30 -23.41 37.24
C PRO A 315 -23.59 -24.19 37.18
N GLY A 316 -23.81 -24.85 36.03
CA GLY A 316 -24.99 -25.65 35.74
C GLY A 316 -26.33 -24.93 35.64
N SER A 317 -26.34 -23.57 35.48
CA SER A 317 -27.59 -22.81 35.38
C SER A 317 -28.09 -22.64 33.92
N ALA A 318 -27.20 -22.92 32.93
CA ALA A 318 -27.51 -22.78 31.50
C ALA A 318 -28.40 -23.90 30.93
N ALA A 319 -29.46 -23.49 30.23
CA ALA A 319 -30.42 -24.42 29.62
C ALA A 319 -30.99 -23.86 28.32
N VAL A 320 -31.40 -24.77 27.42
CA VAL A 320 -32.08 -24.41 26.18
C VAL A 320 -33.56 -24.51 26.54
N ILE A 321 -34.25 -23.38 26.61
CA ILE A 321 -35.68 -23.36 26.99
C ILE A 321 -36.64 -23.40 25.79
N ASP A 322 -36.12 -23.27 24.60
CA ASP A 322 -36.92 -23.36 23.38
C ASP A 322 -35.95 -23.81 22.38
N PHE A 323 -36.19 -24.99 21.78
CA PHE A 323 -35.23 -25.54 20.83
C PHE A 323 -35.73 -25.70 19.43
N MET A 324 -35.04 -25.06 18.47
CA MET A 324 -35.28 -25.22 17.03
C MET A 324 -36.75 -25.01 16.63
N THR A 325 -37.32 -23.85 16.96
CA THR A 325 -38.71 -23.55 16.58
C THR A 325 -38.71 -22.47 15.48
N VAL A 326 -39.74 -22.49 14.60
CA VAL A 326 -39.83 -21.49 13.52
C VAL A 326 -40.21 -20.13 14.11
N ARG A 327 -39.41 -19.11 13.78
CA ARG A 327 -39.57 -17.72 14.20
C ARG A 327 -39.84 -16.97 12.91
N GLU A 328 -41.02 -16.43 12.78
CA GLU A 328 -41.47 -15.70 11.59
C GLU A 328 -40.99 -14.26 11.67
N ARG A 329 -40.28 -13.79 10.60
CA ARG A 329 -39.72 -12.45 10.64
C ARG A 329 -39.98 -11.64 9.36
N GLY A 330 -41.25 -11.43 9.06
CA GLY A 330 -41.62 -10.58 7.94
C GLY A 330 -41.40 -11.21 6.59
N SER A 331 -40.26 -10.90 5.94
CA SER A 331 -39.94 -11.42 4.58
C SER A 331 -39.24 -12.79 4.63
N VAL A 332 -38.86 -13.23 5.84
CA VAL A 332 -38.14 -14.48 6.09
C VAL A 332 -38.63 -15.15 7.37
N GLN A 333 -38.33 -16.46 7.49
CA GLN A 333 -38.65 -17.25 8.68
C GLN A 333 -37.37 -18.01 9.02
N HIS A 334 -37.00 -18.07 10.29
CA HIS A 334 -35.78 -18.74 10.71
C HIS A 334 -36.07 -19.86 11.74
N LEU A 335 -35.10 -20.74 11.92
CA LEU A 335 -35.18 -21.65 13.05
C LEU A 335 -34.52 -20.87 14.22
N GLY A 336 -35.18 -20.90 15.37
CA GLY A 336 -34.69 -20.22 16.57
C GLY A 336 -34.69 -21.05 17.85
N SER A 337 -33.77 -20.72 18.78
CA SER A 337 -33.78 -21.33 20.10
C SER A 337 -33.64 -20.23 21.13
N THR A 338 -34.03 -20.51 22.39
CA THR A 338 -33.84 -19.57 23.50
C THR A 338 -32.94 -20.26 24.51
N ILE A 339 -31.84 -19.60 24.89
CA ILE A 339 -30.87 -20.09 25.87
C ILE A 339 -30.95 -19.18 27.09
N ARG A 340 -31.27 -19.78 28.28
CA ARG A 340 -31.45 -19.06 29.53
C ARG A 340 -30.39 -19.54 30.54
N ALA A 341 -29.92 -18.60 31.40
CA ALA A 341 -28.96 -18.88 32.47
C ALA A 341 -29.11 -17.86 33.60
N ARG A 342 -28.25 -17.96 34.59
CA ARG A 342 -28.28 -17.09 35.73
C ARG A 342 -26.95 -16.41 35.77
N LEU A 343 -26.97 -15.10 35.90
CA LEU A 343 -25.71 -14.36 35.86
C LEU A 343 -24.93 -14.71 37.13
N ASP A 344 -23.68 -15.13 36.93
CA ASP A 344 -22.81 -15.47 38.03
C ASP A 344 -22.46 -14.20 38.82
N PRO A 345 -22.31 -14.29 40.17
CA PRO A 345 -21.95 -13.08 40.95
C PRO A 345 -20.59 -12.46 40.59
N SER A 346 -19.64 -13.27 40.10
CA SER A 346 -18.30 -12.87 39.66
C SER A 346 -18.28 -12.15 38.29
N SER A 347 -19.45 -12.11 37.61
CA SER A 347 -19.64 -11.51 36.27
C SER A 347 -20.60 -10.31 36.38
N ASP A 348 -20.86 -9.63 35.25
CA ASP A 348 -21.78 -8.49 35.16
C ASP A 348 -22.42 -8.43 33.77
N ARG A 349 -23.39 -7.52 33.58
CA ARG A 349 -24.13 -7.38 32.32
C ARG A 349 -23.27 -7.14 31.06
N MET A 350 -22.19 -6.35 31.18
CA MET A 350 -21.29 -6.08 30.05
C MET A 350 -20.46 -7.29 29.65
N ALA A 351 -20.04 -8.06 30.68
CA ALA A 351 -19.31 -9.30 30.52
C ALA A 351 -20.22 -10.31 29.76
N ALA A 352 -21.52 -10.37 30.10
CA ALA A 352 -22.52 -11.23 29.45
C ALA A 352 -22.64 -10.81 27.94
N LEU A 353 -22.77 -9.49 27.70
CA LEU A 353 -22.84 -8.95 26.33
C LEU A 353 -21.62 -9.33 25.53
N GLU A 354 -20.39 -9.12 26.11
CA GLU A 354 -19.13 -9.47 25.46
C GLU A 354 -19.06 -10.96 25.21
N ALA A 355 -19.52 -11.80 26.17
CA ALA A 355 -19.43 -13.25 25.98
C ALA A 355 -20.26 -13.73 24.76
N LEU A 356 -21.43 -13.08 24.51
CA LEU A 356 -22.36 -13.39 23.43
C LEU A 356 -22.13 -12.54 22.17
N PHE A 357 -21.02 -11.78 22.15
CA PHE A 357 -20.71 -10.87 21.04
C PHE A 357 -19.47 -11.21 20.20
N PRO A 358 -19.47 -10.87 18.88
CA PRO A 358 -20.65 -10.51 18.07
C PRO A 358 -21.55 -11.75 17.99
N ALA A 359 -22.87 -11.61 17.73
CA ALA A 359 -23.75 -12.78 17.67
C ALA A 359 -23.23 -13.86 16.77
N VAL A 360 -23.30 -15.11 17.22
CA VAL A 360 -22.86 -16.25 16.41
C VAL A 360 -23.65 -16.27 15.07
N THR A 361 -24.94 -15.90 15.15
CA THR A 361 -25.90 -15.78 14.03
C THR A 361 -25.38 -14.95 12.87
N ALA A 362 -24.66 -13.84 13.18
CA ALA A 362 -24.20 -12.93 12.15
C ALA A 362 -22.66 -12.83 12.04
N SER A 363 -21.94 -13.84 12.62
CA SER A 363 -20.47 -13.82 12.55
C SER A 363 -19.95 -15.10 11.91
N GLY A 364 -19.65 -16.13 12.69
CA GLY A 364 -19.14 -17.38 12.14
C GLY A 364 -18.78 -18.39 13.20
N ILE A 365 -18.40 -19.58 12.74
CA ILE A 365 -18.04 -20.71 13.59
C ILE A 365 -16.84 -21.42 12.98
N PRO A 366 -15.76 -21.66 13.76
CA PRO A 366 -15.52 -21.19 15.14
C PRO A 366 -15.43 -19.66 15.13
N LYS A 367 -15.83 -19.00 16.24
CA LYS A 367 -15.91 -17.54 16.34
C LYS A 367 -14.67 -16.76 15.93
N ALA A 368 -13.51 -17.05 16.54
CA ALA A 368 -12.26 -16.32 16.24
C ALA A 368 -11.90 -16.36 14.77
N ALA A 369 -11.94 -17.54 14.15
CA ALA A 369 -11.65 -17.68 12.72
C ALA A 369 -12.74 -17.02 11.87
N GLY A 370 -14.03 -17.18 12.22
CA GLY A 370 -15.12 -16.55 11.48
C GLY A 370 -15.10 -15.03 11.53
N VAL A 371 -14.90 -14.44 12.75
CA VAL A 371 -14.79 -13.00 12.93
C VAL A 371 -13.59 -12.46 12.10
N GLU A 372 -12.42 -13.16 12.15
CA GLU A 372 -11.27 -12.74 11.35
C GLU A 372 -11.58 -12.78 9.84
N ALA A 373 -12.28 -13.84 9.37
CA ALA A 373 -12.64 -13.95 7.96
C ALA A 373 -13.50 -12.71 7.52
N ILE A 374 -14.40 -12.22 8.39
CA ILE A 374 -15.21 -11.02 8.12
C ILE A 374 -14.36 -9.80 7.84
N PHE A 375 -13.27 -9.58 8.62
CA PHE A 375 -12.30 -8.50 8.37
C PHE A 375 -11.70 -8.56 6.95
N ARG A 376 -11.45 -9.76 6.42
CA ARG A 376 -10.84 -9.95 5.10
C ARG A 376 -11.84 -10.00 3.96
N LEU A 377 -13.00 -10.60 4.22
CA LEU A 377 -14.03 -10.88 3.22
C LEU A 377 -15.31 -10.02 3.23
N ASP A 378 -15.42 -9.06 4.15
CA ASP A 378 -16.56 -8.17 4.18
C ASP A 378 -16.12 -6.72 4.25
N GLU A 379 -17.03 -5.77 3.95
CA GLU A 379 -16.69 -4.34 4.04
C GLU A 379 -16.66 -3.96 5.52
N CYS A 380 -15.45 -3.66 6.01
CA CYS A 380 -15.21 -3.34 7.41
C CYS A 380 -14.71 -1.89 7.59
N PRO A 381 -15.04 -1.24 8.72
CA PRO A 381 -15.85 -1.73 9.86
C PRO A 381 -17.32 -1.86 9.50
N ARG A 382 -17.98 -2.89 10.06
CA ARG A 382 -19.42 -3.08 9.85
C ARG A 382 -20.19 -2.01 10.58
N GLY A 383 -19.67 -1.55 11.73
CA GLY A 383 -20.32 -0.54 12.58
C GLY A 383 -21.61 -1.04 13.18
N LEU A 384 -22.72 -0.32 12.95
CA LEU A 384 -24.01 -0.74 13.54
C LEU A 384 -24.44 -2.12 13.05
N TYR A 385 -24.28 -2.43 11.74
CA TYR A 385 -24.76 -3.69 11.21
C TYR A 385 -24.13 -4.90 11.93
N SER A 386 -24.99 -5.80 12.43
CA SER A 386 -24.59 -7.01 13.17
C SER A 386 -24.00 -6.71 14.59
N GLY A 387 -24.09 -5.46 15.01
CA GLY A 387 -23.86 -5.02 16.38
C GLY A 387 -25.21 -5.07 17.08
N ALA A 388 -25.45 -4.19 18.04
CA ALA A 388 -26.72 -4.21 18.74
C ALA A 388 -27.24 -2.79 19.04
N VAL A 389 -28.53 -2.70 19.29
CA VAL A 389 -29.24 -1.51 19.82
C VAL A 389 -29.61 -1.90 21.23
N VAL A 390 -29.20 -1.06 22.20
CA VAL A 390 -29.27 -1.40 23.62
C VAL A 390 -30.10 -0.47 24.44
N MET A 391 -30.65 -1.02 25.52
CA MET A 391 -31.38 -0.28 26.56
C MET A 391 -30.86 -0.86 27.90
N LEU A 392 -30.32 0.01 28.74
CA LEU A 392 -29.75 -0.40 30.04
C LEU A 392 -30.52 0.29 31.17
N SER A 393 -30.69 -0.41 32.29
CA SER A 393 -31.43 0.16 33.44
C SER A 393 -30.55 0.27 34.68
N ALA A 394 -30.86 1.26 35.55
CA ALA A 394 -30.10 1.43 36.80
C ALA A 394 -30.17 0.16 37.70
N ASP A 395 -31.29 -0.59 37.66
CA ASP A 395 -31.49 -1.83 38.43
C ASP A 395 -30.63 -3.02 37.93
N GLY A 396 -29.80 -2.81 36.90
CA GLY A 396 -28.93 -3.84 36.37
C GLY A 396 -29.37 -4.44 35.04
N GLY A 397 -30.56 -4.07 34.59
CA GLY A 397 -31.13 -4.55 33.33
C GLY A 397 -30.29 -4.20 32.10
N LEU A 398 -30.31 -5.09 31.09
CA LEU A 398 -29.65 -4.93 29.79
C LEU A 398 -30.54 -5.60 28.74
N ASP A 399 -30.92 -4.87 27.72
CA ASP A 399 -31.70 -5.44 26.62
C ASP A 399 -30.96 -5.08 25.32
N ALA A 400 -30.47 -6.10 24.62
CA ALA A 400 -29.67 -5.87 23.39
C ALA A 400 -30.21 -6.61 22.17
N ALA A 401 -30.75 -5.83 21.26
CA ALA A 401 -31.36 -6.32 20.03
C ALA A 401 -30.30 -6.44 18.93
N LEU A 402 -30.20 -7.61 18.24
CA LEU A 402 -29.25 -7.78 17.14
C LEU A 402 -29.63 -6.84 15.98
N THR A 403 -28.66 -6.04 15.50
CA THR A 403 -28.90 -5.07 14.42
C THR A 403 -28.82 -5.72 13.04
N LEU A 404 -29.93 -6.28 12.62
CA LEU A 404 -30.10 -6.80 11.27
C LEU A 404 -31.42 -6.20 10.79
N ARG A 405 -31.72 -6.30 9.49
CA ARG A 405 -33.01 -5.78 8.96
C ARG A 405 -33.14 -4.29 9.31
N ALA A 406 -32.06 -3.53 9.07
CA ALA A 406 -31.94 -2.12 9.41
C ALA A 406 -31.51 -1.24 8.20
N ALA A 407 -31.90 0.04 8.23
CA ALA A 407 -31.50 1.03 7.23
C ALA A 407 -30.71 2.10 8.03
N TYR A 408 -29.77 2.74 7.37
CA TYR A 408 -28.85 3.71 7.98
C TYR A 408 -28.67 4.90 7.07
N GLN A 409 -28.41 6.05 7.67
CA GLN A 409 -28.02 7.25 6.95
C GLN A 409 -26.91 7.93 7.75
N VAL A 410 -25.78 8.10 7.10
CA VAL A 410 -24.58 8.73 7.67
C VAL A 410 -24.02 9.62 6.57
N GLY A 411 -23.90 10.90 6.86
CA GLY A 411 -23.46 11.90 5.89
C GLY A 411 -24.57 12.05 4.86
N GLY A 412 -24.20 12.09 3.61
CA GLY A 412 -25.18 12.12 2.54
C GLY A 412 -25.48 10.75 2.00
N ARG A 413 -25.12 9.66 2.73
CA ARG A 413 -25.30 8.27 2.25
C ARG A 413 -26.37 7.52 3.03
N THR A 414 -27.32 6.88 2.29
CA THR A 414 -28.40 6.05 2.84
C THR A 414 -28.19 4.62 2.33
N TRP A 415 -28.24 3.62 3.23
CA TRP A 415 -28.03 2.25 2.82
C TRP A 415 -28.74 1.19 3.65
N LEU A 416 -28.88 0.01 3.02
CA LEU A 416 -29.41 -1.21 3.63
C LEU A 416 -28.25 -2.19 3.67
N ARG A 417 -28.34 -3.24 4.47
CA ARG A 417 -27.30 -4.23 4.52
C ARG A 417 -27.89 -5.55 4.92
N ALA A 418 -27.51 -6.62 4.21
CA ALA A 418 -27.99 -7.95 4.55
C ALA A 418 -26.93 -8.96 4.18
N GLY A 419 -26.90 -10.03 4.95
CA GLY A 419 -25.94 -11.10 4.75
C GLY A 419 -26.55 -12.47 4.65
N ALA A 420 -25.70 -13.49 4.58
CA ALA A 420 -26.16 -14.87 4.49
C ALA A 420 -25.07 -15.72 5.05
N GLY A 421 -25.46 -16.89 5.56
CA GLY A 421 -24.57 -17.85 6.20
C GLY A 421 -23.90 -18.68 5.15
N ILE A 422 -22.58 -18.62 5.08
CA ILE A 422 -21.86 -19.38 4.06
C ILE A 422 -21.26 -20.62 4.71
N ILE A 423 -21.56 -21.79 4.13
CA ILE A 423 -21.05 -23.09 4.59
C ILE A 423 -20.38 -23.78 3.37
N GLU A 424 -19.73 -24.94 3.55
CA GLU A 424 -19.01 -25.65 2.49
C GLU A 424 -19.83 -25.84 1.21
N GLU A 425 -21.13 -26.19 1.34
CA GLU A 425 -22.00 -26.43 0.18
C GLU A 425 -22.55 -25.17 -0.50
N SER A 426 -22.30 -23.96 0.07
CA SER A 426 -22.83 -22.71 -0.46
C SER A 426 -22.56 -22.35 -1.92
N GLU A 427 -23.58 -21.81 -2.60
CA GLU A 427 -23.49 -21.35 -3.98
C GLU A 427 -23.66 -19.82 -4.04
N PRO A 428 -22.71 -19.08 -4.68
CA PRO A 428 -22.81 -17.61 -4.75
C PRO A 428 -24.16 -17.05 -5.17
N GLU A 429 -24.83 -17.68 -6.17
CA GLU A 429 -26.14 -17.28 -6.70
C GLU A 429 -27.26 -17.39 -5.70
N ARG A 430 -27.38 -18.56 -5.04
CA ARG A 430 -28.41 -18.78 -4.03
C ARG A 430 -28.16 -17.91 -2.80
N GLU A 431 -26.87 -17.67 -2.44
CA GLU A 431 -26.55 -16.81 -1.29
C GLU A 431 -26.97 -15.36 -1.60
N PHE A 432 -26.73 -14.91 -2.85
CA PHE A 432 -27.13 -13.57 -3.30
C PHE A 432 -28.68 -13.46 -3.21
N GLU A 433 -29.42 -14.52 -3.67
CA GLU A 433 -30.87 -14.55 -3.58
C GLU A 433 -31.36 -14.46 -2.13
N GLU A 434 -30.68 -15.17 -1.20
CA GLU A 434 -31.01 -15.15 0.23
C GLU A 434 -30.88 -13.72 0.73
N THR A 435 -29.87 -12.95 0.27
CA THR A 435 -29.76 -11.57 0.76
C THR A 435 -30.97 -10.75 0.29
N CYS A 436 -31.47 -11.01 -0.94
CA CYS A 436 -32.65 -10.34 -1.47
C CYS A 436 -33.88 -10.56 -0.61
N GLU A 437 -34.08 -11.82 -0.13
CA GLU A 437 -35.17 -12.16 0.78
C GLU A 437 -35.08 -11.33 2.05
N LYS A 438 -33.88 -11.19 2.64
CA LYS A 438 -33.76 -10.41 3.89
C LYS A 438 -33.94 -8.94 3.63
N LEU A 439 -33.46 -8.44 2.49
CA LEU A 439 -33.59 -7.01 2.20
C LEU A 439 -35.06 -6.62 2.01
N SER A 440 -35.88 -7.59 1.59
CA SER A 440 -37.32 -7.44 1.34
C SER A 440 -38.14 -7.13 2.63
N THR A 441 -37.49 -7.24 3.83
CA THR A 441 -38.07 -6.84 5.10
C THR A 441 -38.29 -5.31 5.08
N LEU A 442 -37.46 -4.61 4.29
CA LEU A 442 -37.49 -3.14 4.22
C LEU A 442 -37.80 -2.56 2.86
N THR A 443 -37.22 -3.17 1.80
CA THR A 443 -37.32 -2.60 0.43
C THR A 443 -38.70 -2.17 -0.03
N PRO A 444 -39.80 -2.87 0.31
CA PRO A 444 -41.13 -2.40 -0.16
C PRO A 444 -41.73 -1.23 0.66
N TYR A 445 -41.03 -0.78 1.75
CA TYR A 445 -41.57 0.20 2.68
C TYR A 445 -40.76 1.49 2.84
N LEU A 446 -39.89 1.80 1.88
CA LEU A 446 -39.04 2.98 1.96
C LEU A 446 -39.80 4.24 1.54
N VAL A 447 -40.06 5.12 2.50
CA VAL A 447 -40.76 6.39 2.27
C VAL A 447 -39.75 7.47 1.95
N ALA A 448 -39.83 8.07 0.73
CA ALA A 448 -38.94 9.15 0.33
C ALA A 448 -39.12 10.42 1.15
N ARG A 449 -38.01 11.10 1.47
CA ARG A 449 -38.08 12.34 2.26
C ARG A 449 -38.71 13.41 1.39
N GLN A 450 -39.69 14.13 1.93
CA GLN A 450 -40.38 15.22 1.21
C GLN A 450 -40.09 16.57 1.86
N SER B 15 41.60 -6.35 0.82
CA SER B 15 42.60 -5.77 -0.08
C SER B 15 43.71 -5.01 0.66
N SER B 16 43.35 -3.96 1.44
CA SER B 16 44.27 -3.17 2.29
C SER B 16 44.03 -3.62 3.73
N SER B 17 45.03 -3.61 4.58
CA SER B 17 44.82 -3.90 5.98
C SER B 17 45.60 -3.06 6.95
N ILE B 18 45.11 -3.03 8.19
CA ILE B 18 45.69 -2.35 9.34
C ILE B 18 45.64 -3.37 10.49
N PRO B 19 46.73 -3.64 11.22
CA PRO B 19 46.54 -4.49 12.38
C PRO B 19 45.63 -3.80 13.41
N MET B 20 44.96 -4.60 14.19
CA MET B 20 44.12 -4.11 15.26
C MET B 20 44.95 -3.59 16.43
N PRO B 21 44.61 -2.43 16.97
CA PRO B 21 45.39 -1.95 18.15
C PRO B 21 45.15 -2.82 19.37
N ALA B 22 46.20 -3.06 20.19
CA ALA B 22 46.02 -3.85 21.40
C ALA B 22 45.05 -3.12 22.36
N GLY B 23 44.28 -3.89 23.14
CA GLY B 23 43.39 -3.36 24.17
C GLY B 23 42.02 -2.96 23.69
N VAL B 24 41.72 -3.19 22.39
CA VAL B 24 40.44 -2.81 21.78
C VAL B 24 39.77 -4.06 21.25
N ASN B 25 38.47 -4.26 21.57
CA ASN B 25 37.73 -5.43 21.09
C ASN B 25 37.04 -5.17 19.74
N PRO B 26 37.07 -6.15 18.82
CA PRO B 26 36.49 -5.90 17.48
C PRO B 26 35.02 -5.48 17.43
N ALA B 27 34.14 -6.02 18.34
CA ALA B 27 32.71 -5.59 18.30
C ALA B 27 32.64 -4.07 18.55
N ASP B 28 33.44 -3.57 19.52
CA ASP B 28 33.44 -2.16 19.84
C ASP B 28 33.98 -1.33 18.70
N LEU B 29 35.12 -1.72 18.11
CA LEU B 29 35.71 -0.95 17.03
C LEU B 29 34.81 -0.92 15.78
N ALA B 30 34.17 -2.06 15.48
CA ALA B 30 33.25 -2.13 14.33
C ALA B 30 32.01 -1.25 14.53
N ALA B 31 31.42 -1.26 15.76
CA ALA B 31 30.24 -0.42 16.03
C ALA B 31 30.62 1.07 16.01
N GLU B 32 31.82 1.40 16.55
CA GLU B 32 32.29 2.77 16.54
C GLU B 32 32.53 3.26 15.11
N LEU B 33 33.10 2.40 14.23
CA LEU B 33 33.35 2.72 12.82
C LEU B 33 32.03 3.07 12.14
N ALA B 34 31.00 2.22 12.38
CA ALA B 34 29.65 2.43 11.86
C ALA B 34 29.16 3.85 12.28
N ALA B 35 29.35 4.22 13.56
CA ALA B 35 28.99 5.57 14.06
C ALA B 35 29.84 6.70 13.41
N VAL B 36 31.17 6.53 13.30
CA VAL B 36 32.09 7.52 12.70
C VAL B 36 31.75 7.76 11.23
N VAL B 37 31.61 6.66 10.47
CA VAL B 37 31.27 6.71 9.05
C VAL B 37 29.97 7.48 8.82
N THR B 38 28.93 7.23 9.65
CA THR B 38 27.63 7.89 9.68
C THR B 38 27.75 9.41 9.91
N GLU B 39 28.61 9.82 10.84
CA GLU B 39 28.81 11.24 11.11
C GLU B 39 29.39 11.97 9.91
N SER B 40 30.25 11.29 9.17
CA SER B 40 30.98 11.86 8.06
C SER B 40 30.20 11.82 6.75
N VAL B 41 29.83 10.64 6.29
CA VAL B 41 29.20 10.44 4.97
C VAL B 41 27.68 10.31 4.95
N ASP B 42 27.02 10.12 6.12
CA ASP B 42 25.56 10.05 6.25
C ASP B 42 24.94 9.03 5.23
N GLU B 43 25.45 7.79 5.28
CA GLU B 43 25.01 6.74 4.35
C GLU B 43 24.39 5.55 5.10
N ASP B 44 23.66 4.69 4.35
CA ASP B 44 23.11 3.47 4.89
C ASP B 44 24.21 2.42 5.05
N TYR B 45 24.00 1.47 5.96
CA TYR B 45 25.00 0.43 6.21
C TYR B 45 24.38 -0.81 6.88
N LEU B 46 25.13 -1.91 6.89
CA LEU B 46 24.76 -3.12 7.62
C LEU B 46 26.06 -3.74 8.16
N LEU B 47 26.15 -3.86 9.49
CA LEU B 47 27.26 -4.49 10.18
C LEU B 47 26.81 -5.91 10.54
N TYR B 48 27.57 -6.91 10.08
CA TYR B 48 27.22 -8.31 10.33
C TYR B 48 28.40 -9.05 10.92
N GLU B 49 28.15 -9.65 12.07
CA GLU B 49 29.16 -10.47 12.77
C GLU B 49 28.98 -11.96 12.42
N CYS B 50 30.02 -12.54 11.84
CA CYS B 50 29.98 -13.94 11.40
C CYS B 50 31.37 -14.55 11.63
N ASP B 51 31.45 -15.47 12.62
CA ASP B 51 32.65 -16.24 12.97
C ASP B 51 33.91 -15.40 13.15
N GLY B 52 33.85 -14.47 14.11
CA GLY B 52 34.97 -13.59 14.44
C GLY B 52 35.24 -12.44 13.48
N GLN B 53 34.46 -12.30 12.41
CA GLN B 53 34.60 -11.19 11.49
C GLN B 53 33.38 -10.29 11.59
N TRP B 54 33.60 -9.03 11.90
CA TRP B 54 32.54 -8.02 11.94
C TRP B 54 32.67 -7.30 10.59
N VAL B 55 31.77 -7.64 9.66
CA VAL B 55 31.76 -7.07 8.33
C VAL B 55 30.86 -5.81 8.29
N LEU B 56 31.49 -4.65 8.05
CA LEU B 56 30.73 -3.39 7.84
C LEU B 56 30.53 -3.18 6.34
N ALA B 57 29.29 -3.41 5.88
CA ALA B 57 28.91 -3.18 4.49
C ALA B 57 28.36 -1.72 4.47
N ALA B 58 29.21 -0.81 3.98
CA ALA B 58 28.94 0.64 4.02
C ALA B 58 28.56 1.24 2.68
N GLY B 59 27.41 1.89 2.67
CA GLY B 59 26.87 2.56 1.47
C GLY B 59 26.14 1.60 0.57
N VAL B 60 25.18 2.13 -0.18
CA VAL B 60 24.40 1.30 -1.09
C VAL B 60 24.84 1.50 -2.54
N GLN B 61 25.45 0.48 -3.13
CA GLN B 61 25.84 0.58 -4.54
C GLN B 61 24.58 0.25 -5.42
N ALA B 62 23.92 -0.88 -5.10
CA ALA B 62 22.71 -1.33 -5.78
C ALA B 62 21.83 -1.96 -4.72
N MET B 63 20.53 -1.68 -4.75
CA MET B 63 19.57 -2.22 -3.80
C MET B 63 18.51 -3.09 -4.53
N VAL B 64 18.30 -4.33 -4.05
CA VAL B 64 17.23 -5.22 -4.51
C VAL B 64 16.08 -5.10 -3.53
N GLU B 65 14.91 -4.65 -4.01
CA GLU B 65 13.77 -4.50 -3.11
C GLU B 65 12.72 -5.50 -3.56
N LEU B 66 12.53 -6.59 -2.78
CA LEU B 66 11.52 -7.59 -3.15
C LEU B 66 10.29 -7.33 -2.34
N ASP B 67 9.19 -7.04 -3.05
CA ASP B 67 7.91 -6.80 -2.42
C ASP B 67 6.93 -7.86 -2.93
N SER B 68 5.79 -7.99 -2.27
CA SER B 68 4.76 -8.99 -2.61
C SER B 68 4.24 -8.87 -4.04
N ASP B 69 4.21 -7.64 -4.57
CA ASP B 69 3.71 -7.36 -5.90
C ASP B 69 4.73 -6.96 -6.95
N GLU B 70 6.03 -6.80 -6.57
CA GLU B 70 7.04 -6.32 -7.48
C GLU B 70 8.45 -6.53 -6.91
N LEU B 71 9.42 -6.58 -7.82
CA LEU B 71 10.85 -6.59 -7.48
C LEU B 71 11.47 -5.37 -8.18
N ARG B 72 12.23 -4.57 -7.43
CA ARG B 72 12.92 -3.42 -8.00
C ARG B 72 14.42 -3.53 -7.78
N VAL B 73 15.20 -3.06 -8.74
CA VAL B 73 16.67 -2.94 -8.62
C VAL B 73 16.94 -1.45 -8.77
N ILE B 74 17.45 -0.82 -7.70
CA ILE B 74 17.72 0.63 -7.67
C ILE B 74 19.23 0.86 -7.67
N ARG B 75 19.75 1.50 -8.74
CA ARG B 75 21.19 1.73 -8.87
C ARG B 75 21.45 3.07 -9.57
N ASP B 76 22.26 3.95 -8.92
CA ASP B 76 22.64 5.29 -9.43
C ASP B 76 21.40 6.14 -9.81
N GLY B 77 20.39 6.13 -8.95
CA GLY B 77 19.13 6.85 -9.13
C GLY B 77 18.08 6.20 -10.01
N VAL B 78 18.46 5.14 -10.77
CA VAL B 78 17.56 4.46 -11.71
C VAL B 78 16.91 3.22 -11.08
N THR B 79 15.57 3.19 -11.08
CA THR B 79 14.75 2.10 -10.56
C THR B 79 14.28 1.24 -11.74
N ARG B 80 14.66 -0.05 -11.75
CA ARG B 80 14.23 -1.01 -12.77
C ARG B 80 13.23 -1.93 -12.05
N ARG B 81 11.96 -1.89 -12.48
CA ARG B 81 10.87 -2.66 -11.85
C ARG B 81 10.62 -3.94 -12.60
N GLN B 82 10.33 -5.00 -11.85
CA GLN B 82 10.06 -6.32 -12.40
C GLN B 82 8.82 -6.99 -11.82
N GLN B 83 8.04 -7.62 -12.66
CA GLN B 83 6.97 -8.47 -12.22
C GLN B 83 7.59 -9.81 -11.91
N TRP B 84 7.10 -10.43 -10.88
CA TRP B 84 7.54 -11.78 -10.55
C TRP B 84 6.34 -12.62 -10.24
N SER B 85 6.37 -13.80 -10.81
CA SER B 85 5.34 -14.81 -10.58
C SER B 85 6.10 -16.03 -10.06
N GLY B 86 5.42 -16.86 -9.28
CA GLY B 86 6.06 -18.05 -8.76
C GLY B 86 6.66 -17.84 -7.39
N ARG B 87 7.82 -18.48 -7.16
CA ARG B 87 8.47 -18.47 -5.86
C ARG B 87 9.25 -17.20 -5.56
N PRO B 88 9.04 -16.57 -4.37
CA PRO B 88 9.80 -15.35 -4.02
C PRO B 88 11.32 -15.57 -4.04
N GLY B 89 11.77 -16.77 -3.64
CA GLY B 89 13.19 -17.14 -3.64
C GLY B 89 13.81 -17.17 -5.02
N ALA B 90 13.02 -17.56 -6.03
CA ALA B 90 13.47 -17.56 -7.43
C ALA B 90 13.69 -16.11 -7.91
N ALA B 91 12.76 -15.18 -7.60
CA ALA B 91 12.83 -13.76 -7.98
C ALA B 91 14.07 -13.10 -7.30
N LEU B 92 14.16 -13.30 -5.98
CA LEU B 92 15.25 -12.76 -5.20
C LEU B 92 16.61 -13.29 -5.61
N GLY B 93 16.70 -14.60 -5.85
CA GLY B 93 17.91 -15.28 -6.27
C GLY B 93 18.50 -14.75 -7.56
N GLU B 94 17.64 -14.61 -8.59
CA GLU B 94 18.00 -14.10 -9.91
C GLU B 94 18.59 -12.68 -9.80
N ALA B 95 17.97 -11.80 -9.01
CA ALA B 95 18.44 -10.42 -8.84
C ALA B 95 19.73 -10.32 -8.00
N VAL B 96 19.83 -11.12 -6.92
CA VAL B 96 21.01 -11.14 -6.04
C VAL B 96 22.24 -11.74 -6.79
N ASP B 97 22.04 -12.79 -7.60
CA ASP B 97 23.11 -13.34 -8.45
C ASP B 97 23.65 -12.28 -9.42
N ARG B 98 22.77 -11.42 -10.01
CA ARG B 98 23.17 -10.31 -10.91
C ARG B 98 24.04 -9.31 -10.14
N LEU B 99 23.67 -9.00 -8.87
CA LEU B 99 24.45 -8.09 -8.01
C LEU B 99 25.86 -8.64 -7.80
N LEU B 100 25.95 -9.96 -7.55
CA LEU B 100 27.14 -10.71 -7.23
C LEU B 100 28.13 -10.98 -8.36
N LEU B 101 27.74 -10.62 -9.59
CA LEU B 101 28.62 -10.66 -10.75
C LEU B 101 29.62 -9.48 -10.61
N GLU B 102 29.13 -8.35 -10.05
CA GLU B 102 29.85 -7.07 -9.87
C GLU B 102 30.61 -6.90 -8.53
N THR B 103 30.07 -7.44 -7.43
CA THR B 103 30.65 -7.32 -6.08
C THR B 103 30.77 -8.70 -5.43
N ASP B 104 31.73 -8.87 -4.50
CA ASP B 104 31.95 -10.15 -3.85
C ASP B 104 30.89 -10.55 -2.83
N GLN B 105 30.21 -9.56 -2.23
CA GLN B 105 29.23 -9.84 -1.17
C GLN B 105 28.02 -8.93 -1.25
N ALA B 106 26.88 -9.43 -0.78
CA ALA B 106 25.64 -8.67 -0.66
C ALA B 106 25.07 -8.96 0.70
N PHE B 107 24.32 -7.99 1.27
CA PHE B 107 23.83 -8.01 2.65
C PHE B 107 22.42 -7.55 2.72
N GLY B 108 21.73 -7.90 3.79
CA GLY B 108 20.38 -7.38 3.93
C GLY B 108 19.51 -8.12 4.90
N TRP B 109 18.19 -8.02 4.67
CA TRP B 109 17.22 -8.66 5.52
C TRP B 109 16.07 -9.26 4.68
N VAL B 110 15.50 -10.32 5.25
CA VAL B 110 14.41 -11.10 4.69
C VAL B 110 13.31 -11.09 5.74
N ALA B 111 12.14 -10.65 5.35
CA ALA B 111 11.00 -10.54 6.27
C ALA B 111 10.37 -11.91 6.58
N PHE B 112 9.64 -12.01 7.70
CA PHE B 112 8.87 -13.21 8.01
C PHE B 112 7.97 -13.55 6.78
N GLU B 113 7.46 -12.51 6.09
CA GLU B 113 6.54 -12.63 4.95
C GLU B 113 7.12 -13.30 3.73
N PHE B 114 8.46 -13.36 3.65
CA PHE B 114 9.11 -14.10 2.56
C PHE B 114 8.70 -15.60 2.58
N GLY B 115 8.38 -16.14 3.76
CA GLY B 115 8.07 -17.54 3.92
C GLY B 115 6.61 -17.93 3.74
N VAL B 116 5.74 -17.03 3.33
CA VAL B 116 4.31 -17.34 3.30
C VAL B 116 3.76 -17.91 2.02
N HIS B 117 4.48 -17.69 0.94
CA HIS B 117 4.16 -18.18 -0.35
C HIS B 117 4.16 -19.71 -0.42
N ARG B 118 5.14 -20.31 0.20
CA ARG B 118 5.32 -21.75 0.32
C ARG B 118 4.04 -22.46 0.89
N TYR B 119 3.31 -21.76 1.75
CA TYR B 119 2.13 -22.22 2.47
C TYR B 119 0.78 -21.66 1.96
N GLY B 120 0.81 -21.11 0.74
CA GLY B 120 -0.35 -20.57 0.04
C GLY B 120 -1.08 -19.43 0.71
N LEU B 121 -0.35 -18.57 1.45
CA LEU B 121 -0.94 -17.43 2.16
C LEU B 121 -0.61 -16.04 1.60
N GLN B 122 0.09 -16.01 0.44
CA GLN B 122 0.50 -14.78 -0.25
C GLN B 122 -0.66 -13.81 -0.50
N GLN B 123 -1.86 -14.33 -0.81
CA GLN B 123 -3.04 -13.51 -1.07
C GLN B 123 -3.50 -12.72 0.15
N ARG B 124 -3.03 -13.11 1.36
CA ARG B 124 -3.40 -12.44 2.60
C ARG B 124 -2.54 -11.19 2.87
N LEU B 125 -1.47 -11.00 2.08
CA LEU B 125 -0.60 -9.84 2.24
C LEU B 125 -1.17 -8.62 1.54
N ALA B 126 -1.04 -7.46 2.19
CA ALA B 126 -1.40 -6.15 1.67
C ALA B 126 -0.51 -5.82 0.47
N PRO B 127 -0.95 -4.90 -0.43
CA PRO B 127 -0.09 -4.53 -1.56
C PRO B 127 1.17 -3.87 -1.01
N HIS B 128 2.28 -4.05 -1.74
CA HIS B 128 3.57 -3.47 -1.38
C HIS B 128 4.12 -4.01 -0.05
N THR B 129 3.79 -5.27 0.31
CA THR B 129 4.35 -5.86 1.54
C THR B 129 5.84 -6.15 1.29
N PRO B 130 6.75 -5.62 2.10
CA PRO B 130 8.18 -5.91 1.87
C PRO B 130 8.48 -7.38 2.19
N LEU B 131 9.21 -8.06 1.31
CA LEU B 131 9.63 -9.47 1.51
C LEU B 131 11.14 -9.53 1.81
N ALA B 132 11.93 -8.68 1.15
CA ALA B 132 13.38 -8.64 1.38
C ALA B 132 14.02 -7.35 0.89
N ARG B 133 15.17 -6.98 1.51
CA ARG B 133 15.94 -5.85 1.08
C ARG B 133 17.38 -6.34 1.06
N VAL B 134 17.98 -6.51 -0.10
CA VAL B 134 19.36 -6.98 -0.22
C VAL B 134 20.18 -6.01 -1.09
N PHE B 135 21.36 -5.59 -0.60
CA PHE B 135 22.16 -4.61 -1.33
C PHE B 135 23.61 -5.01 -1.52
N SER B 136 24.22 -4.47 -2.58
CA SER B 136 25.65 -4.52 -2.88
C SER B 136 26.20 -3.27 -2.21
N PRO B 137 27.15 -3.44 -1.28
CA PRO B 137 27.70 -2.24 -0.59
C PRO B 137 28.74 -1.53 -1.46
N ARG B 138 28.97 -0.24 -1.23
CA ARG B 138 30.02 0.50 -1.98
C ARG B 138 31.40 0.12 -1.47
N THR B 139 31.48 -0.15 -0.18
CA THR B 139 32.70 -0.44 0.56
C THR B 139 32.44 -1.48 1.66
N ARG B 140 33.45 -2.28 1.95
CA ARG B 140 33.42 -3.19 3.08
C ARG B 140 34.62 -2.98 3.94
N ILE B 141 34.38 -2.97 5.26
CA ILE B 141 35.45 -2.88 6.26
C ILE B 141 35.23 -4.08 7.21
N MET B 142 36.20 -5.03 7.24
CA MET B 142 36.13 -6.25 8.05
C MET B 142 37.02 -6.09 9.27
N VAL B 143 36.43 -6.20 10.44
CA VAL B 143 37.11 -6.02 11.74
C VAL B 143 37.16 -7.39 12.45
N SER B 144 38.36 -7.84 12.86
CA SER B 144 38.55 -9.10 13.59
C SER B 144 39.54 -8.82 14.76
N GLU B 145 39.78 -9.80 15.65
CA GLU B 145 40.75 -9.61 16.74
C GLU B 145 42.16 -9.30 16.19
N LYS B 146 42.46 -9.72 14.95
CA LYS B 146 43.78 -9.56 14.35
C LYS B 146 43.96 -8.29 13.54
N GLU B 147 43.02 -8.00 12.63
CA GLU B 147 43.20 -6.89 11.71
C GLU B 147 41.92 -6.20 11.29
N ILE B 148 42.08 -5.05 10.61
CA ILE B 148 41.02 -4.28 9.96
C ILE B 148 41.34 -4.38 8.46
N ARG B 149 40.39 -4.91 7.68
CA ARG B 149 40.60 -5.07 6.24
C ARG B 149 39.66 -4.11 5.50
N LEU B 150 40.19 -3.46 4.48
CA LEU B 150 39.48 -2.43 3.68
C LEU B 150 39.29 -2.88 2.26
N PHE B 151 38.03 -2.89 1.80
CA PHE B 151 37.67 -3.27 0.43
C PHE B 151 36.94 -2.11 -0.19
N ASP B 152 37.49 -1.56 -1.28
CA ASP B 152 36.91 -0.44 -2.02
C ASP B 152 36.63 0.77 -1.13
N ALA B 153 37.55 1.10 -0.21
CA ALA B 153 37.36 2.22 0.71
C ALA B 153 37.87 3.51 0.06
N GLY B 154 36.96 4.45 -0.22
CA GLY B 154 37.27 5.77 -0.78
C GLY B 154 37.91 6.71 0.24
N ILE B 155 38.32 7.92 -0.19
CA ILE B 155 39.00 8.93 0.67
C ILE B 155 38.32 9.21 2.01
N ARG B 156 37.01 9.48 2.00
CA ARG B 156 36.28 9.80 3.24
C ARG B 156 36.23 8.66 4.20
N HIS B 157 36.08 7.45 3.70
CA HIS B 157 36.08 6.24 4.52
C HIS B 157 37.47 5.96 5.10
N ARG B 158 38.52 6.22 4.31
CA ARG B 158 39.88 6.06 4.80
C ARG B 158 40.15 7.13 5.89
N GLU B 159 39.71 8.39 5.69
CA GLU B 159 39.89 9.45 6.71
C GLU B 159 39.14 9.14 7.99
N ALA B 160 37.93 8.54 7.88
CA ALA B 160 37.10 8.14 9.03
C ALA B 160 37.77 7.05 9.85
N ILE B 161 38.37 6.04 9.19
CA ILE B 161 39.13 4.98 9.88
C ILE B 161 40.31 5.63 10.61
N ASP B 162 41.06 6.56 9.94
CA ASP B 162 42.20 7.24 10.60
C ASP B 162 41.74 8.04 11.82
N ARG B 163 40.63 8.79 11.69
CA ARG B 163 40.08 9.56 12.83
C ARG B 163 39.65 8.70 13.99
N LEU B 164 39.01 7.55 13.69
CA LEU B 164 38.57 6.61 14.72
C LEU B 164 39.80 6.02 15.44
N LEU B 165 40.81 5.59 14.69
CA LEU B 165 42.01 4.98 15.29
C LEU B 165 42.80 5.99 16.16
N ALA B 166 42.69 7.29 15.84
CA ALA B 166 43.36 8.39 16.57
C ALA B 166 42.74 8.64 17.96
N THR B 167 41.45 8.33 18.12
CA THR B 167 40.75 8.53 19.39
C THR B 167 40.43 7.24 20.18
N GLY B 168 40.32 6.12 19.50
CA GLY B 168 39.92 4.87 20.13
C GLY B 168 38.41 4.86 20.33
N VAL B 169 37.90 3.88 21.10
CA VAL B 169 36.46 3.76 21.33
C VAL B 169 35.90 4.67 22.42
N ARG B 170 34.65 5.14 22.21
CA ARG B 170 33.91 5.94 23.17
C ARG B 170 33.55 5.12 24.39
N GLU B 171 33.47 5.80 25.55
CA GLU B 171 32.99 5.21 26.80
C GLU B 171 31.47 5.01 26.60
N VAL B 172 30.94 3.83 26.92
CA VAL B 172 29.51 3.55 26.76
C VAL B 172 28.75 4.16 27.93
N PRO B 173 27.78 5.06 27.66
CA PRO B 173 26.97 5.65 28.75
C PRO B 173 26.12 4.63 29.49
N GLN B 174 25.61 5.03 30.65
CA GLN B 174 24.74 4.21 31.42
C GLN B 174 23.43 3.91 30.67
N SER B 175 22.89 2.70 30.83
CA SER B 175 21.65 2.36 30.13
C SER B 175 20.41 2.95 30.85
N ARG B 176 19.30 3.10 30.11
CA ARG B 176 18.04 3.64 30.62
C ARG B 176 16.99 2.53 30.64
N SER B 177 16.29 2.36 31.79
CA SER B 177 15.29 1.32 31.98
C SER B 177 14.07 1.48 31.10
N VAL B 178 13.37 0.36 30.83
CA VAL B 178 12.14 0.30 30.07
C VAL B 178 11.16 -0.66 30.76
N ASP B 179 9.89 -0.25 30.83
CA ASP B 179 8.84 -1.02 31.45
C ASP B 179 8.27 -2.00 30.40
N VAL B 180 8.31 -3.33 30.68
CA VAL B 180 7.78 -4.36 29.76
C VAL B 180 6.50 -5.04 30.32
N SER B 181 5.98 -4.52 31.46
CA SER B 181 4.84 -5.06 32.21
C SER B 181 3.47 -4.90 31.57
N ASP B 182 3.24 -3.81 30.84
CA ASP B 182 1.93 -3.58 30.22
C ASP B 182 1.69 -4.50 29.03
N ASP B 183 0.41 -4.76 28.72
CA ASP B 183 0.02 -5.61 27.60
C ASP B 183 -0.97 -4.89 26.65
N PRO B 184 -0.58 -3.73 26.01
CA PRO B 184 -1.51 -3.02 25.12
C PRO B 184 -1.98 -3.78 23.88
N SER B 185 -1.23 -4.79 23.42
CA SER B 185 -1.60 -5.55 22.25
C SER B 185 -2.43 -6.79 22.62
N GLY B 186 -2.72 -6.97 23.91
CA GLY B 186 -3.52 -8.09 24.40
C GLY B 186 -2.93 -9.47 24.15
N PHE B 187 -1.59 -9.62 24.35
CA PHE B 187 -0.88 -10.90 24.19
C PHE B 187 -1.55 -12.03 24.97
N ARG B 188 -1.95 -11.76 26.22
CA ARG B 188 -2.57 -12.75 27.10
C ARG B 188 -3.87 -13.29 26.47
N ARG B 189 -4.70 -12.36 25.96
CA ARG B 189 -5.95 -12.69 25.28
C ARG B 189 -5.66 -13.52 24.02
N ARG B 190 -4.67 -13.08 23.21
CA ARG B 190 -4.26 -13.76 21.98
C ARG B 190 -3.71 -15.18 22.25
N VAL B 191 -3.01 -15.39 23.37
CA VAL B 191 -2.52 -16.73 23.77
C VAL B 191 -3.73 -17.65 24.10
N ALA B 192 -4.70 -17.17 24.89
CA ALA B 192 -5.91 -17.93 25.28
C ALA B 192 -6.69 -18.42 24.06
N VAL B 193 -6.82 -17.55 23.04
CA VAL B 193 -7.47 -17.90 21.77
C VAL B 193 -6.70 -19.03 21.07
N ALA B 194 -5.34 -18.93 21.03
CA ALA B 194 -4.52 -19.96 20.38
C ALA B 194 -4.62 -21.32 21.12
N VAL B 195 -4.56 -21.29 22.46
CA VAL B 195 -4.70 -22.48 23.33
C VAL B 195 -6.02 -23.22 22.99
N ASP B 196 -7.15 -22.46 22.88
CA ASP B 196 -8.47 -23.03 22.53
C ASP B 196 -8.45 -23.68 21.16
N GLU B 197 -7.71 -23.09 20.19
CA GLU B 197 -7.59 -23.64 18.85
C GLU B 197 -6.77 -24.94 18.84
N ILE B 198 -5.65 -24.97 19.58
CA ILE B 198 -4.79 -26.16 19.68
C ILE B 198 -5.63 -27.31 20.30
N ALA B 199 -6.45 -26.98 21.34
CA ALA B 199 -7.31 -27.96 22.02
C ALA B 199 -8.32 -28.60 21.06
N ALA B 200 -8.77 -27.84 20.05
CA ALA B 200 -9.72 -28.29 19.03
C ALA B 200 -8.98 -29.04 17.88
N GLY B 201 -7.64 -29.15 17.98
CA GLY B 201 -6.81 -29.84 17.01
C GLY B 201 -6.47 -29.08 15.74
N ARG B 202 -6.54 -27.73 15.78
CA ARG B 202 -6.26 -26.91 14.58
C ARG B 202 -4.79 -26.98 14.20
N TYR B 203 -3.95 -27.04 15.24
CA TYR B 203 -2.50 -27.16 15.12
C TYR B 203 -1.94 -27.61 16.48
N HIS B 204 -0.67 -27.91 16.48
CA HIS B 204 0.04 -28.39 17.62
C HIS B 204 0.70 -27.26 18.43
N LYS B 205 1.22 -26.29 17.72
CA LYS B 205 1.94 -25.23 18.36
C LYS B 205 2.04 -24.01 17.47
N VAL B 206 2.02 -22.87 18.10
CA VAL B 206 2.19 -21.58 17.42
C VAL B 206 3.06 -20.65 18.25
N ILE B 207 3.93 -19.88 17.61
CA ILE B 207 4.73 -18.89 18.31
C ILE B 207 4.01 -17.57 18.11
N LEU B 208 3.59 -16.98 19.23
CA LEU B 208 2.97 -15.67 19.22
C LEU B 208 3.89 -14.71 19.91
N SER B 209 3.77 -13.43 19.56
CA SER B 209 4.66 -12.39 20.04
C SER B 209 3.94 -11.12 20.48
N ARG B 210 4.71 -10.20 21.03
CA ARG B 210 4.24 -8.91 21.44
C ARG B 210 5.36 -7.89 21.23
N CYS B 211 4.98 -6.71 20.76
CA CYS B 211 5.82 -5.54 20.61
C CYS B 211 5.81 -4.81 21.92
N VAL B 212 6.97 -4.23 22.26
CA VAL B 212 7.15 -3.43 23.46
C VAL B 212 7.72 -2.10 23.03
N GLU B 213 6.95 -1.02 23.23
CA GLU B 213 7.42 0.31 22.84
C GLU B 213 8.56 0.79 23.74
N VAL B 214 9.59 1.40 23.14
CA VAL B 214 10.74 1.99 23.85
C VAL B 214 10.42 3.49 23.80
N PRO B 215 9.98 4.10 24.92
CA PRO B 215 9.52 5.51 24.88
C PRO B 215 10.53 6.62 24.59
N PHE B 216 11.80 6.26 24.35
CA PHE B 216 12.86 7.24 24.05
C PHE B 216 13.69 6.74 22.87
N ALA B 217 14.32 7.66 22.15
CA ALA B 217 15.20 7.30 21.04
C ALA B 217 16.48 6.68 21.63
N ILE B 218 16.96 5.60 21.02
CA ILE B 218 18.18 4.94 21.48
C ILE B 218 19.30 5.21 20.50
N ASP B 219 20.54 5.18 21.01
CA ASP B 219 21.73 5.27 20.17
C ASP B 219 21.98 3.80 19.74
N PHE B 220 21.71 3.47 18.48
CA PHE B 220 21.86 2.08 17.99
C PHE B 220 23.31 1.53 18.13
N PRO B 221 24.36 2.22 17.64
CA PRO B 221 25.74 1.70 17.83
C PRO B 221 26.18 1.44 19.28
N LEU B 222 25.85 2.37 20.20
CA LEU B 222 26.16 2.24 21.64
C LEU B 222 25.38 1.14 22.32
N THR B 223 24.04 1.06 22.08
CA THR B 223 23.26 -0.08 22.57
C THR B 223 23.83 -1.39 22.04
N TYR B 224 24.18 -1.44 20.73
CA TYR B 224 24.75 -2.65 20.14
C TYR B 224 25.96 -3.08 20.98
N ARG B 225 26.89 -2.16 21.21
CA ARG B 225 28.10 -2.44 22.01
C ARG B 225 27.82 -2.99 23.41
N LEU B 226 26.91 -2.33 24.16
CA LEU B 226 26.51 -2.74 25.52
C LEU B 226 25.86 -4.10 25.59
N GLY B 227 24.88 -4.38 24.72
CA GLY B 227 24.25 -5.69 24.68
C GLY B 227 25.18 -6.78 24.21
N ARG B 228 26.09 -6.48 23.26
CA ARG B 228 27.03 -7.50 22.76
C ARG B 228 27.95 -8.03 23.87
N ARG B 229 28.36 -7.14 24.79
CA ARG B 229 29.22 -7.45 25.95
C ARG B 229 28.60 -8.50 26.87
N HIS B 230 27.29 -8.66 26.78
CA HIS B 230 26.47 -9.44 27.70
C HIS B 230 25.65 -10.53 27.04
N ASN B 231 26.02 -10.91 25.84
CA ASN B 231 25.27 -11.93 25.11
C ASN B 231 26.22 -12.83 24.39
N THR B 232 25.77 -14.01 23.97
CA THR B 232 26.56 -15.00 23.23
C THR B 232 25.71 -15.49 22.07
N PRO B 233 25.47 -14.63 21.07
CA PRO B 233 24.63 -15.07 19.93
C PRO B 233 25.45 -15.80 18.89
N VAL B 234 24.80 -16.50 17.97
CA VAL B 234 25.48 -17.19 16.86
C VAL B 234 25.93 -16.17 15.82
N ARG B 235 25.16 -15.05 15.71
CA ARG B 235 25.41 -13.93 14.80
C ARG B 235 24.84 -12.70 15.47
N SER B 236 25.28 -11.51 15.05
CA SER B 236 24.73 -10.25 15.53
C SER B 236 24.71 -9.27 14.39
N PHE B 237 23.90 -8.22 14.54
CA PHE B 237 23.86 -7.22 13.46
C PHE B 237 23.49 -5.85 14.02
N LEU B 238 23.79 -4.83 13.22
CA LEU B 238 23.50 -3.41 13.48
C LEU B 238 23.35 -2.80 12.09
N LEU B 239 22.19 -2.19 11.81
CA LEU B 239 21.98 -1.63 10.47
C LEU B 239 21.23 -0.30 10.49
N GLN B 240 21.34 0.43 9.37
CA GLN B 240 20.58 1.63 9.10
C GLN B 240 20.35 1.52 7.59
N LEU B 241 19.13 1.06 7.20
CA LEU B 241 18.88 0.75 5.79
C LEU B 241 17.45 1.13 5.42
N GLY B 242 17.31 2.02 4.42
CA GLY B 242 16.02 2.51 3.94
C GLY B 242 15.04 2.96 5.01
N GLY B 243 15.51 3.76 5.96
CA GLY B 243 14.66 4.27 7.04
C GLY B 243 14.48 3.35 8.24
N ILE B 244 15.05 2.14 8.18
CA ILE B 244 14.97 1.21 9.32
C ILE B 244 16.34 1.22 10.05
N ARG B 245 16.32 1.36 11.39
CA ARG B 245 17.52 1.13 12.21
C ARG B 245 17.17 -0.14 12.96
N ALA B 246 18.14 -1.04 13.09
CA ALA B 246 17.86 -2.25 13.85
C ALA B 246 19.15 -2.83 14.35
N LEU B 247 19.07 -3.66 15.40
CA LEU B 247 20.23 -4.36 15.96
C LEU B 247 19.71 -5.64 16.57
N GLY B 248 20.54 -6.64 16.68
CA GLY B 248 20.07 -7.89 17.26
C GLY B 248 21.16 -8.88 17.59
N TYR B 249 20.85 -9.82 18.49
CA TYR B 249 21.77 -10.88 18.90
C TYR B 249 21.04 -12.17 18.53
N SER B 250 21.19 -12.59 17.29
CA SER B 250 20.52 -13.76 16.74
CA SER B 250 20.50 -13.78 16.76
C SER B 250 20.89 -15.07 17.48
N PRO B 251 19.89 -15.79 18.05
CA PRO B 251 20.21 -17.04 18.76
C PRO B 251 20.32 -18.28 17.87
N GLU B 252 20.05 -18.15 16.56
CA GLU B 252 20.01 -19.30 15.67
C GLU B 252 20.32 -18.96 14.21
N LEU B 253 21.00 -19.89 13.51
CA LEU B 253 21.23 -19.84 12.07
C LEU B 253 20.06 -20.57 11.47
N VAL B 254 19.19 -19.84 10.75
CA VAL B 254 18.06 -20.48 10.10
C VAL B 254 18.58 -21.30 8.90
N THR B 255 19.59 -20.76 8.22
CA THR B 255 20.18 -21.39 7.04
C THR B 255 21.61 -20.88 6.84
N ALA B 256 22.51 -21.80 6.49
CA ALA B 256 23.84 -21.46 6.04
C ALA B 256 24.16 -22.41 4.89
N VAL B 257 24.61 -21.85 3.78
CA VAL B 257 25.00 -22.60 2.59
C VAL B 257 26.46 -22.25 2.35
N ARG B 258 27.33 -23.26 2.27
CA ARG B 258 28.75 -22.99 2.02
C ARG B 258 29.00 -23.08 0.53
N ALA B 259 30.11 -22.47 0.03
CA ALA B 259 30.49 -22.54 -1.40
C ALA B 259 30.56 -23.99 -1.91
N ASP B 260 30.93 -24.95 -1.02
CA ASP B 260 31.03 -26.40 -1.31
C ASP B 260 29.71 -27.18 -1.44
N GLY B 261 28.59 -26.53 -1.12
CA GLY B 261 27.28 -27.16 -1.20
C GLY B 261 26.69 -27.61 0.12
N VAL B 262 27.49 -27.56 1.21
CA VAL B 262 27.02 -27.96 2.54
C VAL B 262 26.02 -26.94 3.10
N VAL B 263 24.79 -27.43 3.43
CA VAL B 263 23.68 -26.63 3.97
C VAL B 263 23.51 -27.01 5.45
N ILE B 264 23.31 -26.02 6.32
CA ILE B 264 23.10 -26.22 7.74
C ILE B 264 21.89 -25.38 8.22
N THR B 265 21.16 -25.90 9.22
CA THR B 265 20.05 -25.25 9.91
C THR B 265 20.22 -25.63 11.39
N GLU B 266 20.00 -24.67 12.30
CA GLU B 266 20.16 -24.93 13.73
C GLU B 266 18.87 -24.73 14.52
N PRO B 267 17.88 -25.64 14.41
CA PRO B 267 16.63 -25.40 15.14
C PRO B 267 16.75 -25.34 16.66
N LEU B 268 15.99 -24.44 17.26
CA LEU B 268 15.86 -24.24 18.70
C LEU B 268 14.41 -24.55 19.10
N ALA B 269 14.22 -25.24 20.21
CA ALA B 269 12.89 -25.54 20.75
C ALA B 269 13.06 -25.89 22.22
N GLY B 270 12.56 -25.00 23.09
CA GLY B 270 12.68 -25.16 24.53
C GLY B 270 13.47 -24.03 25.12
N THR B 271 12.93 -23.45 26.19
CA THR B 271 13.54 -22.29 26.83
C THR B 271 13.44 -22.37 28.35
N ARG B 272 14.52 -21.96 29.01
CA ARG B 272 14.61 -21.72 30.45
C ARG B 272 15.40 -20.42 30.64
N ALA B 273 15.22 -19.74 31.79
CA ALA B 273 15.95 -18.51 32.08
C ALA B 273 17.43 -18.83 32.32
N LEU B 274 18.28 -17.86 31.98
CA LEU B 274 19.73 -17.91 32.16
C LEU B 274 20.18 -16.55 32.74
N GLY B 275 21.27 -16.56 33.50
CA GLY B 275 21.84 -15.37 34.11
C GLY B 275 21.29 -15.03 35.48
N ARG B 276 20.67 -15.99 36.13
CA ARG B 276 20.03 -15.83 37.42
C ARG B 276 20.83 -16.38 38.61
N GLY B 277 22.08 -16.71 38.33
CA GLY B 277 23.00 -17.30 39.31
C GLY B 277 23.46 -18.69 38.87
N PRO B 278 24.75 -19.06 39.10
CA PRO B 278 25.24 -20.39 38.67
C PRO B 278 24.42 -21.60 39.11
N ALA B 279 23.98 -21.62 40.38
CA ALA B 279 23.19 -22.70 40.97
C ALA B 279 21.76 -22.74 40.38
N ILE B 280 21.09 -21.56 40.24
CA ILE B 280 19.75 -21.40 39.67
C ILE B 280 19.78 -21.79 38.17
N ASP B 281 20.87 -21.43 37.47
CA ASP B 281 21.09 -21.71 36.05
C ASP B 281 21.34 -23.18 35.79
N ARG B 282 22.08 -23.85 36.67
CA ARG B 282 22.35 -25.27 36.54
C ARG B 282 21.12 -26.11 36.71
N LEU B 283 20.30 -25.70 37.64
CA LEU B 283 19.01 -26.32 37.91
C LEU B 283 18.08 -26.18 36.69
N ALA B 284 18.03 -24.97 36.08
CA ALA B 284 17.19 -24.72 34.90
C ALA B 284 17.69 -25.57 33.71
N ARG B 285 19.02 -25.69 33.59
CA ARG B 285 19.70 -26.48 32.57
C ARG B 285 19.34 -27.97 32.65
N ASP B 286 19.36 -28.54 33.88
CA ASP B 286 19.02 -29.95 34.16
C ASP B 286 17.54 -30.25 33.85
N ASP B 287 16.64 -29.28 34.11
CA ASP B 287 15.21 -29.42 33.85
C ASP B 287 14.96 -29.42 32.33
N LEU B 288 15.71 -28.58 31.59
CA LEU B 288 15.62 -28.45 30.14
C LEU B 288 16.04 -29.77 29.45
N GLU B 289 17.16 -30.37 29.91
CA GLU B 289 17.70 -31.62 29.38
C GLU B 289 16.85 -32.86 29.71
N SER B 290 16.05 -32.80 30.81
CA SER B 290 15.26 -33.91 31.33
C SER B 290 13.73 -33.80 31.25
N ASN B 291 13.19 -32.63 30.87
CA ASN B 291 11.73 -32.43 30.81
C ASN B 291 11.12 -33.08 29.58
N SER B 292 10.13 -34.00 29.78
CA SER B 292 9.44 -34.75 28.74
C SER B 292 8.74 -33.86 27.72
N LYS B 293 8.13 -32.74 28.18
CA LYS B 293 7.43 -31.75 27.35
C LYS B 293 8.46 -31.05 26.46
N GLU B 294 9.63 -30.73 27.03
CA GLU B 294 10.74 -30.07 26.32
C GLU B 294 11.34 -30.98 25.25
N ILE B 295 11.54 -32.27 25.58
CA ILE B 295 12.10 -33.28 24.69
C ILE B 295 11.14 -33.58 23.51
N VAL B 296 9.82 -33.75 23.79
CA VAL B 296 8.85 -34.00 22.69
C VAL B 296 8.84 -32.89 21.67
N GLU B 297 8.73 -31.67 22.14
CA GLU B 297 8.66 -30.48 21.32
C GLU B 297 9.93 -30.34 20.54
N HIS B 298 11.07 -30.59 21.17
CA HIS B 298 12.31 -30.50 20.43
C HIS B 298 12.45 -31.51 19.31
N ALA B 299 12.09 -32.75 19.59
CA ALA B 299 12.14 -33.84 18.59
C ALA B 299 11.17 -33.57 17.44
N ILE B 300 9.95 -33.06 17.75
CA ILE B 300 8.94 -32.72 16.72
C ILE B 300 9.51 -31.60 15.82
N SER B 301 10.17 -30.60 16.45
CA SER B 301 10.79 -29.49 15.73
C SER B 301 11.93 -29.95 14.83
N VAL B 302 12.77 -30.90 15.30
CA VAL B 302 13.91 -31.45 14.54
C VAL B 302 13.38 -32.28 13.32
N ARG B 303 12.30 -33.05 13.53
CA ARG B 303 11.67 -33.83 12.45
C ARG B 303 11.18 -32.83 11.38
N SER B 304 10.51 -31.75 11.82
CA SER B 304 10.02 -30.70 10.93
C SER B 304 11.18 -30.11 10.10
N SER B 305 12.27 -29.66 10.76
CA SER B 305 13.45 -29.10 10.09
C SER B 305 14.10 -30.10 9.12
N LEU B 306 14.11 -31.40 9.48
CA LEU B 306 14.67 -32.46 8.65
C LEU B 306 13.90 -32.67 7.35
N GLU B 307 12.57 -32.73 7.40
CA GLU B 307 11.75 -32.93 6.20
C GLU B 307 11.90 -31.74 5.27
N GLU B 308 12.00 -30.51 5.86
CA GLU B 308 12.20 -29.27 5.10
C GLU B 308 13.53 -29.26 4.37
N ILE B 309 14.63 -29.60 5.07
CA ILE B 309 15.96 -29.66 4.45
C ILE B 309 16.06 -30.78 3.40
N THR B 310 15.32 -31.90 3.61
CA THR B 310 15.30 -33.04 2.69
C THR B 310 14.78 -32.62 1.33
N ASP B 311 13.82 -31.67 1.31
CA ASP B 311 13.23 -31.10 0.09
C ASP B 311 14.27 -30.52 -0.87
N ILE B 312 15.41 -30.02 -0.33
CA ILE B 312 16.47 -29.39 -1.15
C ILE B 312 17.80 -30.13 -1.22
N ALA B 313 17.94 -31.21 -0.43
CA ALA B 313 19.16 -31.98 -0.33
C ALA B 313 19.31 -33.11 -1.32
N GLU B 314 20.58 -33.46 -1.64
CA GLU B 314 20.91 -34.62 -2.44
C GLU B 314 20.37 -35.83 -1.65
N PRO B 315 19.77 -36.84 -2.31
CA PRO B 315 19.22 -37.98 -1.55
C PRO B 315 20.22 -38.64 -0.60
N GLY B 316 19.76 -38.89 0.63
CA GLY B 316 20.54 -39.51 1.72
C GLY B 316 21.63 -38.66 2.34
N SER B 317 21.65 -37.33 2.08
CA SER B 317 22.67 -36.44 2.64
C SER B 317 22.21 -35.75 3.94
N ALA B 318 20.89 -35.76 4.23
CA ALA B 318 20.32 -35.12 5.42
C ALA B 318 20.63 -35.88 6.73
N ALA B 319 21.30 -35.19 7.67
CA ALA B 319 21.70 -35.75 8.95
C ALA B 319 21.66 -34.75 10.10
N VAL B 320 21.23 -35.21 11.29
CA VAL B 320 21.20 -34.47 12.56
C VAL B 320 22.60 -34.68 13.13
N ILE B 321 23.43 -33.63 13.10
CA ILE B 321 24.82 -33.65 13.56
C ILE B 321 25.07 -33.18 15.01
N ASP B 322 24.06 -32.63 15.66
CA ASP B 322 24.11 -32.22 17.06
C ASP B 322 22.68 -32.34 17.49
N PHE B 323 22.44 -33.10 18.56
CA PHE B 323 21.07 -33.32 18.92
C PHE B 323 20.69 -33.02 20.34
N MET B 324 19.71 -32.12 20.50
CA MET B 324 19.13 -31.77 21.81
C MET B 324 20.17 -31.31 22.85
N THR B 325 21.06 -30.38 22.45
CA THR B 325 22.10 -29.87 23.36
C THR B 325 21.70 -28.46 23.83
N VAL B 326 22.03 -28.11 25.09
CA VAL B 326 21.73 -26.79 25.65
C VAL B 326 22.62 -25.74 25.00
N ARG B 327 21.99 -24.66 24.49
CA ARG B 327 22.66 -23.52 23.86
C ARG B 327 22.33 -22.27 24.67
N GLU B 328 23.37 -21.69 25.26
CA GLU B 328 23.24 -20.52 26.12
C GLU B 328 23.18 -19.24 25.30
N ARG B 329 22.14 -18.43 25.57
CA ARG B 329 21.87 -17.18 24.86
C ARG B 329 21.56 -15.98 25.80
N GLY B 330 22.54 -15.62 26.63
CA GLY B 330 22.43 -14.48 27.53
C GLY B 330 21.37 -14.56 28.60
N SER B 331 20.15 -14.04 28.30
CA SER B 331 19.01 -14.01 29.26
C SER B 331 18.22 -15.33 29.34
N VAL B 332 18.43 -16.21 28.35
CA VAL B 332 17.73 -17.50 28.22
C VAL B 332 18.71 -18.58 27.71
N GLN B 333 18.32 -19.83 27.93
CA GLN B 333 19.01 -21.02 27.44
C GLN B 333 17.98 -21.88 26.67
N HIS B 334 18.41 -22.45 25.53
CA HIS B 334 17.51 -23.23 24.67
C HIS B 334 18.05 -24.59 24.40
N LEU B 335 17.14 -25.50 24.06
CA LEU B 335 17.54 -26.80 23.57
C LEU B 335 17.73 -26.58 22.06
N GLY B 336 18.90 -26.93 21.55
CA GLY B 336 19.20 -26.82 20.14
C GLY B 336 19.74 -28.05 19.46
N SER B 337 19.57 -28.13 18.13
CA SER B 337 20.11 -29.18 17.26
C SER B 337 20.70 -28.57 16.01
N THR B 338 21.56 -29.33 15.32
CA THR B 338 22.18 -28.93 14.07
C THR B 338 21.89 -29.98 13.00
N ILE B 339 21.30 -29.56 11.89
CA ILE B 339 20.95 -30.43 10.76
C ILE B 339 21.79 -30.03 9.58
N ARG B 340 22.38 -31.02 8.94
CA ARG B 340 23.25 -30.81 7.80
C ARG B 340 22.82 -31.62 6.59
N ALA B 341 23.06 -31.07 5.39
CA ALA B 341 22.77 -31.73 4.12
C ALA B 341 23.72 -31.20 3.07
N ARG B 342 23.66 -31.77 1.86
CA ARG B 342 24.40 -31.32 0.70
C ARG B 342 23.36 -30.79 -0.27
N LEU B 343 23.51 -29.54 -0.71
CA LEU B 343 22.54 -28.90 -1.60
C LEU B 343 22.40 -29.67 -2.93
N ASP B 344 21.17 -30.13 -3.24
CA ASP B 344 20.96 -30.86 -4.51
C ASP B 344 21.34 -29.98 -5.70
N PRO B 345 22.10 -30.53 -6.70
CA PRO B 345 22.47 -29.69 -7.88
C PRO B 345 21.30 -29.09 -8.63
N SER B 346 20.07 -29.65 -8.47
CA SER B 346 18.83 -29.15 -9.07
C SER B 346 18.19 -28.00 -8.23
N SER B 347 18.80 -27.69 -7.07
CA SER B 347 18.33 -26.67 -6.13
C SER B 347 19.36 -25.53 -6.02
N ASP B 348 19.05 -24.51 -5.21
CA ASP B 348 19.94 -23.36 -5.01
C ASP B 348 19.82 -22.81 -3.58
N ARG B 349 20.72 -21.88 -3.20
CA ARG B 349 20.75 -21.29 -1.86
C ARG B 349 19.45 -20.63 -1.47
N MET B 350 18.81 -19.89 -2.42
CA MET B 350 17.53 -19.26 -2.13
C MET B 350 16.42 -20.28 -1.94
N ALA B 351 16.42 -21.38 -2.72
CA ALA B 351 15.44 -22.47 -2.57
C ALA B 351 15.64 -23.13 -1.20
N ALA B 352 16.90 -23.21 -0.72
CA ALA B 352 17.26 -23.75 0.60
C ALA B 352 16.73 -22.84 1.72
N LEU B 353 16.95 -21.52 1.59
CA LEU B 353 16.43 -20.54 2.55
C LEU B 353 14.91 -20.64 2.61
N GLU B 354 14.26 -20.63 1.44
CA GLU B 354 12.82 -20.77 1.25
C GLU B 354 12.27 -22.05 1.89
N ALA B 355 12.90 -23.21 1.65
CA ALA B 355 12.47 -24.50 2.22
C ALA B 355 12.48 -24.45 3.76
N LEU B 356 13.38 -23.65 4.33
CA LEU B 356 13.53 -23.51 5.78
C LEU B 356 12.79 -22.31 6.38
N PHE B 357 12.04 -21.57 5.59
CA PHE B 357 11.39 -20.35 6.05
C PHE B 357 9.83 -20.49 6.14
N PRO B 358 9.20 -19.79 7.06
CA PRO B 358 9.84 -19.08 8.18
C PRO B 358 10.38 -20.17 9.11
N ALA B 359 11.40 -19.86 9.91
CA ALA B 359 11.98 -20.85 10.80
C ALA B 359 10.88 -21.54 11.61
N VAL B 360 10.95 -22.87 11.72
CA VAL B 360 9.99 -23.61 12.56
C VAL B 360 10.05 -23.08 13.99
N THR B 361 11.23 -22.61 14.42
CA THR B 361 11.47 -22.07 15.75
C THR B 361 10.57 -20.93 16.12
N ALA B 362 10.27 -20.03 15.14
CA ALA B 362 9.48 -18.82 15.36
C ALA B 362 8.09 -18.84 14.65
N SER B 363 7.65 -19.99 14.11
CA SER B 363 6.36 -20.08 13.41
C SER B 363 5.40 -21.05 14.12
N GLY B 364 5.49 -22.34 13.80
CA GLY B 364 4.68 -23.33 14.48
C GLY B 364 4.67 -24.68 13.82
N ILE B 365 3.84 -25.60 14.40
CA ILE B 365 3.75 -26.98 13.91
C ILE B 365 2.26 -27.43 13.80
N PRO B 366 1.78 -27.95 12.62
CA PRO B 366 2.45 -28.04 11.29
C PRO B 366 2.68 -26.60 10.82
N LYS B 367 3.69 -26.38 9.97
CA LYS B 367 4.03 -25.01 9.55
C LYS B 367 2.92 -24.20 8.90
N ALA B 368 2.17 -24.79 7.95
CA ALA B 368 1.07 -24.15 7.24
C ALA B 368 0.02 -23.58 8.20
N ALA B 369 -0.43 -24.39 9.18
CA ALA B 369 -1.40 -23.99 10.21
C ALA B 369 -0.82 -22.96 11.20
N GLY B 370 0.46 -23.08 11.53
CA GLY B 370 1.12 -22.13 12.44
C GLY B 370 1.21 -20.73 11.87
N VAL B 371 1.68 -20.64 10.61
CA VAL B 371 1.81 -19.37 9.86
C VAL B 371 0.42 -18.73 9.67
N GLU B 372 -0.60 -19.54 9.28
CA GLU B 372 -1.96 -19.02 9.14
C GLU B 372 -2.45 -18.42 10.46
N ALA B 373 -2.20 -19.11 11.59
CA ALA B 373 -2.58 -18.64 12.92
C ALA B 373 -1.88 -17.30 13.26
N ILE B 374 -0.59 -17.14 12.91
CA ILE B 374 0.13 -15.90 13.15
C ILE B 374 -0.53 -14.72 12.40
N PHE B 375 -1.05 -14.95 11.17
CA PHE B 375 -1.74 -13.92 10.39
C PHE B 375 -2.96 -13.39 11.15
N ARG B 376 -3.59 -14.27 11.95
CA ARG B 376 -4.78 -13.95 12.71
C ARG B 376 -4.54 -13.51 14.12
N LEU B 377 -3.48 -14.06 14.77
CA LEU B 377 -3.23 -13.84 16.19
C LEU B 377 -2.02 -13.03 16.63
N ASP B 378 -1.24 -12.53 15.66
CA ASP B 378 -0.10 -11.69 15.97
C ASP B 378 -0.24 -10.41 15.14
N GLU B 379 0.49 -9.32 15.51
CA GLU B 379 0.48 -8.07 14.73
C GLU B 379 1.23 -8.34 13.42
N CYS B 380 0.50 -8.23 12.28
CA CYS B 380 1.06 -8.50 10.97
C CYS B 380 1.06 -7.28 10.01
N PRO B 381 2.07 -7.08 9.12
CA PRO B 381 3.25 -7.93 8.90
C PRO B 381 4.27 -7.83 10.04
N ARG B 382 4.94 -8.96 10.34
CA ARG B 382 5.98 -9.03 11.34
C ARG B 382 7.22 -8.29 10.85
N GLY B 383 7.44 -8.22 9.55
CA GLY B 383 8.60 -7.53 9.02
C GLY B 383 9.91 -8.24 9.35
N LEU B 384 10.91 -7.49 9.90
CA LEU B 384 12.22 -8.07 10.26
C LEU B 384 12.07 -9.14 11.34
N TYR B 385 11.19 -8.92 12.30
CA TYR B 385 11.03 -9.88 13.40
C TYR B 385 10.66 -11.30 12.89
N SER B 386 11.48 -12.29 13.29
CA SER B 386 11.33 -13.70 12.93
C SER B 386 11.66 -14.02 11.48
N GLY B 387 12.12 -12.98 10.75
CA GLY B 387 12.72 -13.16 9.43
C GLY B 387 14.22 -13.42 9.62
N ALA B 388 15.04 -12.91 8.73
CA ALA B 388 16.49 -13.12 8.87
C ALA B 388 17.30 -11.91 8.40
N VAL B 389 18.55 -11.85 8.90
CA VAL B 389 19.54 -10.89 8.41
C VAL B 389 20.52 -11.80 7.68
N VAL B 390 20.86 -11.40 6.45
CA VAL B 390 21.63 -12.25 5.54
C VAL B 390 22.91 -11.63 5.00
N MET B 391 23.85 -12.49 4.67
CA MET B 391 25.11 -12.20 3.99
C MET B 391 25.27 -13.28 2.92
N LEU B 392 25.39 -12.86 1.67
CA LEU B 392 25.54 -13.69 0.48
C LEU B 392 26.87 -13.42 -0.16
N SER B 393 27.46 -14.44 -0.74
CA SER B 393 28.76 -14.29 -1.37
C SER B 393 28.75 -14.74 -2.83
N ALA B 394 29.62 -14.12 -3.64
CA ALA B 394 29.70 -14.47 -5.08
C ALA B 394 30.00 -15.95 -5.35
N ASP B 395 30.75 -16.65 -4.46
CA ASP B 395 31.09 -18.08 -4.57
C ASP B 395 29.92 -19.07 -4.26
N GLY B 396 28.75 -18.54 -3.93
CA GLY B 396 27.55 -19.34 -3.63
C GLY B 396 27.15 -19.37 -2.16
N GLY B 397 27.95 -18.71 -1.31
CA GLY B 397 27.70 -18.66 0.11
C GLY B 397 26.42 -17.93 0.50
N LEU B 398 25.80 -18.37 1.58
CA LEU B 398 24.59 -17.77 2.19
C LEU B 398 24.67 -17.99 3.71
N ASP B 399 24.50 -16.94 4.47
CA ASP B 399 24.48 -17.02 5.92
C ASP B 399 23.25 -16.25 6.34
N ALA B 400 22.31 -16.93 7.01
CA ALA B 400 21.04 -16.29 7.38
C ALA B 400 20.75 -16.52 8.83
N ALA B 401 20.84 -15.43 9.59
CA ALA B 401 20.60 -15.41 11.03
C ALA B 401 19.17 -15.11 11.38
N LEU B 402 18.56 -15.94 12.23
CA LEU B 402 17.16 -15.74 12.63
C LEU B 402 16.99 -14.45 13.43
N THR B 403 16.09 -13.57 12.98
CA THR B 403 15.92 -12.29 13.64
C THR B 403 15.02 -12.33 14.86
N LEU B 404 15.66 -12.57 16.01
CA LEU B 404 15.02 -12.55 17.33
C LEU B 404 16.00 -11.80 18.22
N ARG B 405 15.55 -11.30 19.39
CA ARG B 405 16.43 -10.57 20.33
C ARG B 405 16.96 -9.31 19.64
N ALA B 406 16.03 -8.62 18.95
CA ALA B 406 16.35 -7.44 18.16
C ALA B 406 15.55 -6.22 18.59
N ALA B 407 16.08 -5.03 18.33
CA ALA B 407 15.39 -3.73 18.57
C ALA B 407 15.29 -3.07 17.22
N TYR B 408 14.23 -2.29 17.01
CA TYR B 408 13.96 -1.67 15.72
C TYR B 408 13.56 -0.22 15.90
N GLN B 409 13.83 0.63 14.90
CA GLN B 409 13.36 2.03 14.89
C GLN B 409 12.90 2.32 13.46
N VAL B 410 11.63 2.70 13.30
CA VAL B 410 11.06 3.05 11.99
C VAL B 410 10.10 4.21 12.19
N GLY B 411 10.29 5.26 11.40
CA GLY B 411 9.49 6.48 11.44
C GLY B 411 9.16 6.99 12.84
N GLY B 412 10.19 7.27 13.62
CA GLY B 412 10.00 7.80 14.97
C GLY B 412 9.45 6.86 16.03
N ARG B 413 9.29 5.55 15.72
CA ARG B 413 8.84 4.57 16.73
C ARG B 413 9.99 3.56 16.98
N THR B 414 10.32 3.33 18.26
CA THR B 414 11.37 2.37 18.63
C THR B 414 10.70 1.25 19.38
N TRP B 415 11.02 0.00 19.01
CA TRP B 415 10.42 -1.12 19.72
C TRP B 415 11.26 -2.38 19.79
N LEU B 416 10.86 -3.26 20.71
CA LEU B 416 11.41 -4.58 20.96
C LEU B 416 10.32 -5.56 20.61
N ARG B 417 10.66 -6.86 20.39
CA ARG B 417 9.63 -7.83 20.07
C ARG B 417 10.11 -9.20 20.51
N ALA B 418 9.27 -9.91 21.24
CA ALA B 418 9.56 -11.26 21.72
C ALA B 418 8.30 -12.08 21.80
N GLY B 419 8.47 -13.38 21.58
CA GLY B 419 7.37 -14.33 21.59
C GLY B 419 7.60 -15.52 22.47
N ALA B 420 6.73 -16.52 22.31
CA ALA B 420 6.75 -17.76 23.09
C ALA B 420 5.98 -18.83 22.35
N GLY B 421 6.44 -20.06 22.50
CA GLY B 421 5.80 -21.21 21.86
C GLY B 421 4.59 -21.64 22.67
N ILE B 422 3.40 -21.56 22.05
CA ILE B 422 2.11 -21.87 22.67
C ILE B 422 1.70 -23.25 22.26
N ILE B 423 1.42 -24.11 23.26
CA ILE B 423 0.93 -25.49 23.11
C ILE B 423 -0.39 -25.63 23.92
N GLU B 424 -1.04 -26.81 23.88
CA GLU B 424 -2.31 -27.08 24.59
C GLU B 424 -2.28 -26.72 26.08
N GLU B 425 -1.18 -27.05 26.76
CA GLU B 425 -1.00 -26.83 28.20
C GLU B 425 -0.61 -25.38 28.59
N SER B 426 -0.41 -24.48 27.61
CA SER B 426 0.04 -23.11 27.88
C SER B 426 -0.94 -22.25 28.69
N GLU B 427 -0.38 -21.39 29.55
CA GLU B 427 -1.14 -20.46 30.38
C GLU B 427 -0.75 -19.03 29.99
N PRO B 428 -1.74 -18.16 29.59
CA PRO B 428 -1.41 -16.77 29.19
C PRO B 428 -0.45 -15.99 30.08
N GLU B 429 -0.61 -16.07 31.41
CA GLU B 429 0.24 -15.35 32.37
C GLU B 429 1.72 -15.82 32.36
N ARG B 430 1.94 -17.15 32.37
CA ARG B 430 3.26 -17.80 32.32
C ARG B 430 3.94 -17.46 30.98
N GLU B 431 3.15 -17.45 29.88
CA GLU B 431 3.60 -17.11 28.53
C GLU B 431 4.02 -15.66 28.46
N PHE B 432 3.28 -14.76 29.15
CA PHE B 432 3.62 -13.35 29.21
C PHE B 432 4.98 -13.19 29.91
N GLU B 433 5.15 -13.84 31.08
CA GLU B 433 6.41 -13.82 31.83
C GLU B 433 7.56 -14.36 30.98
N GLU B 434 7.31 -15.41 30.16
CA GLU B 434 8.30 -15.99 29.25
C GLU B 434 8.79 -14.94 28.22
N THR B 435 7.88 -14.06 27.73
CA THR B 435 8.31 -13.01 26.79
C THR B 435 9.28 -12.06 27.49
N CYS B 436 9.05 -11.77 28.80
CA CYS B 436 9.91 -10.89 29.61
C CYS B 436 11.35 -11.38 29.71
N GLU B 437 11.54 -12.70 29.87
CA GLU B 437 12.85 -13.37 29.95
C GLU B 437 13.65 -13.16 28.67
N LYS B 438 12.98 -13.28 27.50
CA LYS B 438 13.61 -13.09 26.20
C LYS B 438 13.84 -11.60 25.92
N LEU B 439 12.95 -10.71 26.45
CA LEU B 439 13.14 -9.26 26.30
C LEU B 439 14.35 -8.81 27.11
N SER B 440 14.71 -9.57 28.19
CA SER B 440 15.86 -9.27 29.06
C SER B 440 17.25 -9.39 28.38
N THR B 441 17.30 -9.94 27.16
CA THR B 441 18.51 -9.97 26.30
C THR B 441 18.88 -8.49 25.94
N LEU B 442 17.87 -7.58 25.92
CA LEU B 442 18.07 -6.18 25.52
C LEU B 442 17.69 -5.11 26.53
N THR B 443 16.63 -5.34 27.31
CA THR B 443 16.10 -4.35 28.24
C THR B 443 17.13 -3.72 29.20
N PRO B 444 18.12 -4.46 29.75
CA PRO B 444 19.09 -3.81 30.65
C PRO B 444 20.19 -3.06 29.90
N TYR B 445 20.16 -3.08 28.54
CA TYR B 445 21.24 -2.55 27.70
C TYR B 445 20.90 -1.43 26.72
N LEU B 446 19.75 -0.76 26.93
CA LEU B 446 19.36 0.33 26.03
C LEU B 446 20.07 1.65 26.36
N VAL B 447 20.87 2.16 25.42
CA VAL B 447 21.58 3.43 25.60
C VAL B 447 20.77 4.52 24.89
N ALA B 448 20.24 5.49 25.65
CA ALA B 448 19.47 6.62 25.10
C ALA B 448 20.30 7.47 24.12
N ARG B 449 19.67 7.99 23.06
CA ARG B 449 20.34 8.87 22.10
C ARG B 449 20.72 10.17 22.83
N SER C 15 -34.33 -1.07 -12.07
CA SER C 15 -33.63 0.09 -12.63
C SER C 15 -32.48 -0.38 -13.51
N SER C 16 -31.86 -1.51 -13.12
CA SER C 16 -30.76 -2.10 -13.88
C SER C 16 -31.23 -3.04 -15.02
N SER C 17 -32.56 -3.26 -15.17
CA SER C 17 -33.08 -4.12 -16.23
C SER C 17 -34.05 -3.34 -17.10
N ILE C 18 -34.02 -3.57 -18.43
CA ILE C 18 -34.92 -2.89 -19.36
C ILE C 18 -35.49 -3.92 -20.31
N PRO C 19 -36.83 -4.01 -20.48
CA PRO C 19 -37.35 -4.95 -21.49
C PRO C 19 -36.86 -4.52 -22.88
N MET C 20 -36.47 -5.51 -23.69
CA MET C 20 -35.95 -5.26 -25.01
C MET C 20 -36.99 -4.51 -25.89
N PRO C 21 -36.61 -3.47 -26.68
CA PRO C 21 -37.60 -2.78 -27.54
C PRO C 21 -38.24 -3.73 -28.57
N ALA C 22 -39.49 -3.44 -28.99
CA ALA C 22 -40.23 -4.28 -29.95
C ALA C 22 -39.55 -4.39 -31.34
N GLY C 23 -39.48 -5.62 -31.86
CA GLY C 23 -38.96 -5.94 -33.19
C GLY C 23 -37.49 -5.66 -33.44
N VAL C 24 -36.70 -5.52 -32.35
CA VAL C 24 -35.28 -5.20 -32.38
C VAL C 24 -34.45 -6.44 -31.98
N ASN C 25 -33.50 -6.84 -32.82
CA ASN C 25 -32.63 -7.96 -32.52
C ASN C 25 -31.47 -7.50 -31.69
N PRO C 26 -30.98 -8.34 -30.81
CA PRO C 26 -29.92 -7.89 -29.88
C PRO C 26 -28.60 -7.46 -30.51
N ALA C 27 -28.19 -8.09 -31.63
CA ALA C 27 -26.92 -7.72 -32.27
C ALA C 27 -27.00 -6.29 -32.76
N ASP C 28 -28.17 -5.87 -33.31
CA ASP C 28 -28.40 -4.53 -33.82
C ASP C 28 -28.39 -3.50 -32.70
N LEU C 29 -29.16 -3.76 -31.64
CA LEU C 29 -29.19 -2.85 -30.50
C LEU C 29 -27.81 -2.78 -29.83
N ALA C 30 -27.14 -3.93 -29.62
CA ALA C 30 -25.82 -3.93 -28.95
C ALA C 30 -24.81 -3.14 -29.78
N ALA C 31 -24.80 -3.31 -31.11
CA ALA C 31 -23.85 -2.55 -31.93
C ALA C 31 -24.17 -1.05 -31.95
N GLU C 32 -25.46 -0.70 -31.91
CA GLU C 32 -25.92 0.71 -31.91
C GLU C 32 -25.55 1.40 -30.60
N LEU C 33 -25.64 0.66 -29.47
CA LEU C 33 -25.22 1.19 -28.16
C LEU C 33 -23.70 1.36 -28.17
N ALA C 34 -22.98 0.40 -28.75
CA ALA C 34 -21.53 0.47 -28.90
C ALA C 34 -21.11 1.68 -29.73
N ALA C 35 -21.82 2.00 -30.81
CA ALA C 35 -21.51 3.16 -31.63
C ALA C 35 -21.83 4.50 -30.92
N VAL C 36 -23.11 4.68 -30.52
CA VAL C 36 -23.65 5.95 -30.04
C VAL C 36 -23.31 6.31 -28.61
N VAL C 37 -23.48 5.35 -27.67
CA VAL C 37 -23.25 5.60 -26.27
C VAL C 37 -21.79 5.91 -25.95
N THR C 38 -20.84 5.10 -26.47
CA THR C 38 -19.42 5.31 -26.19
C THR C 38 -18.89 6.61 -26.74
N GLU C 39 -19.30 6.97 -27.96
CA GLU C 39 -18.85 8.21 -28.57
C GLU C 39 -19.31 9.40 -27.75
N SER C 40 -20.59 9.39 -27.28
CA SER C 40 -21.15 10.47 -26.46
CA SER C 40 -21.15 10.47 -26.46
C SER C 40 -20.37 10.68 -25.17
N VAL C 41 -19.87 9.58 -24.56
CA VAL C 41 -19.11 9.65 -23.30
C VAL C 41 -17.59 9.56 -23.41
N ASP C 42 -17.04 9.63 -24.63
CA ASP C 42 -15.61 9.59 -24.96
C ASP C 42 -14.94 8.34 -24.42
N GLU C 43 -15.51 7.18 -24.76
CA GLU C 43 -15.00 5.92 -24.30
C GLU C 43 -14.61 4.94 -25.39
N ASP C 44 -13.52 4.22 -25.13
CA ASP C 44 -13.12 3.04 -25.91
C ASP C 44 -14.04 1.90 -25.38
N TYR C 45 -14.14 0.79 -26.14
CA TYR C 45 -15.05 -0.30 -25.78
C TYR C 45 -14.73 -1.61 -26.47
N LEU C 46 -15.40 -2.66 -26.00
CA LEU C 46 -15.33 -4.00 -26.60
C LEU C 46 -16.69 -4.64 -26.39
N LEU C 47 -17.32 -5.02 -27.50
CA LEU C 47 -18.58 -5.75 -27.56
C LEU C 47 -18.23 -7.23 -27.83
N TYR C 48 -18.73 -8.13 -26.95
CA TYR C 48 -18.50 -9.56 -27.07
C TYR C 48 -19.82 -10.37 -27.02
N GLU C 49 -20.02 -11.19 -28.05
CA GLU C 49 -21.19 -12.05 -28.17
C GLU C 49 -20.79 -13.45 -27.74
N CYS C 50 -21.48 -13.96 -26.70
CA CYS C 50 -21.25 -15.27 -26.12
C CYS C 50 -22.61 -15.85 -25.71
N ASP C 51 -23.06 -16.90 -26.42
CA ASP C 51 -24.25 -17.70 -26.16
C ASP C 51 -25.57 -16.92 -25.99
N GLY C 52 -25.91 -16.12 -27.00
CA GLY C 52 -27.11 -15.28 -27.03
C GLY C 52 -27.02 -13.99 -26.24
N GLN C 53 -25.89 -13.72 -25.60
CA GLN C 53 -25.69 -12.51 -24.80
C GLN C 53 -24.63 -11.62 -25.41
N TRP C 54 -24.99 -10.39 -25.65
CA TRP C 54 -24.05 -9.41 -26.18
C TRP C 54 -23.63 -8.56 -24.99
N VAL C 55 -22.36 -8.62 -24.61
CA VAL C 55 -21.79 -7.84 -23.51
C VAL C 55 -20.93 -6.67 -24.06
N LEU C 56 -21.41 -5.45 -23.82
CA LEU C 56 -20.71 -4.22 -24.15
C LEU C 56 -19.95 -3.75 -22.91
N ALA C 57 -18.60 -3.82 -22.97
CA ALA C 57 -17.68 -3.33 -21.94
C ALA C 57 -17.26 -1.96 -22.39
N ALA C 58 -17.79 -0.93 -21.72
CA ALA C 58 -17.57 0.47 -22.15
C ALA C 58 -16.70 1.26 -21.20
N GLY C 59 -15.65 1.87 -21.76
CA GLY C 59 -14.74 2.71 -21.00
C GLY C 59 -13.64 1.97 -20.32
N VAL C 60 -12.43 2.50 -20.44
CA VAL C 60 -11.25 1.90 -19.87
C VAL C 60 -11.00 2.41 -18.44
N GLN C 61 -11.45 1.62 -17.46
CA GLN C 61 -11.23 1.97 -16.06
C GLN C 61 -9.80 1.63 -15.62
N ALA C 62 -9.23 0.52 -16.13
CA ALA C 62 -7.87 0.05 -15.89
C ALA C 62 -7.49 -0.81 -17.07
N MET C 63 -6.22 -0.74 -17.46
CA MET C 63 -5.72 -1.41 -18.64
C MET C 63 -4.42 -2.12 -18.38
N VAL C 64 -4.37 -3.38 -18.82
CA VAL C 64 -3.17 -4.20 -18.81
C VAL C 64 -2.69 -4.32 -20.26
N GLU C 65 -1.46 -3.90 -20.50
CA GLU C 65 -0.84 -4.01 -21.82
C GLU C 65 0.38 -4.90 -21.67
N LEU C 66 0.35 -6.07 -22.30
CA LEU C 66 1.48 -6.97 -22.27
C LEU C 66 2.17 -6.92 -23.62
N ASP C 67 3.43 -6.47 -23.62
CA ASP C 67 4.28 -6.44 -24.79
C ASP C 67 5.42 -7.44 -24.62
N SER C 68 6.13 -7.72 -25.69
CA SER C 68 7.22 -8.70 -25.68
C SER C 68 8.31 -8.33 -24.68
N ASP C 69 8.56 -7.03 -24.52
CA ASP C 69 9.64 -6.52 -23.67
C ASP C 69 9.23 -5.70 -22.45
N GLU C 70 7.92 -5.67 -22.10
CA GLU C 70 7.41 -4.86 -21.01
C GLU C 70 5.96 -5.19 -20.69
N LEU C 71 5.58 -4.99 -19.43
CA LEU C 71 4.19 -5.10 -18.97
C LEU C 71 3.82 -3.72 -18.41
N ARG C 72 2.67 -3.19 -18.83
CA ARG C 72 2.20 -1.93 -18.29
C ARG C 72 0.84 -2.05 -17.68
N VAL C 73 0.62 -1.42 -16.52
CA VAL C 73 -0.70 -1.37 -15.91
C VAL C 73 -1.04 0.10 -15.83
N ILE C 74 -2.14 0.50 -16.48
CA ILE C 74 -2.56 1.89 -16.56
C ILE C 74 -3.87 2.10 -15.83
N ARG C 75 -3.83 2.87 -14.75
CA ARG C 75 -4.99 3.18 -13.93
C ARG C 75 -4.84 4.57 -13.33
N ASP C 76 -5.90 5.39 -13.41
CA ASP C 76 -5.99 6.76 -12.85
C ASP C 76 -4.95 7.72 -13.47
N GLY C 77 -4.65 7.55 -14.76
CA GLY C 77 -3.69 8.37 -15.48
C GLY C 77 -2.24 8.06 -15.11
N VAL C 78 -2.03 6.95 -14.36
CA VAL C 78 -0.72 6.48 -13.93
C VAL C 78 -0.36 5.16 -14.62
N THR C 79 0.82 5.13 -15.25
CA THR C 79 1.34 3.98 -15.96
C THR C 79 2.46 3.35 -15.12
N ARG C 80 2.25 2.10 -14.69
CA ARG C 80 3.29 1.38 -13.95
C ARG C 80 3.94 0.44 -14.95
N ARG C 81 5.24 0.63 -15.23
CA ARG C 81 6.00 -0.19 -16.18
C ARG C 81 6.85 -1.22 -15.48
N GLN C 82 6.91 -2.45 -16.03
CA GLN C 82 7.68 -3.56 -15.47
C GLN C 82 8.26 -4.43 -16.54
N GLN C 83 9.42 -4.96 -16.27
CA GLN C 83 9.95 -6.01 -17.05
C GLN C 83 9.35 -7.33 -16.56
N TRP C 84 9.32 -8.32 -17.42
CA TRP C 84 8.75 -9.62 -17.03
C TRP C 84 9.52 -10.73 -17.72
N SER C 85 9.51 -11.95 -17.17
CA SER C 85 10.21 -13.08 -17.79
C SER C 85 9.35 -14.33 -17.66
N GLY C 86 9.75 -15.40 -18.34
CA GLY C 86 9.04 -16.68 -18.28
C GLY C 86 7.84 -16.73 -19.21
N ARG C 87 6.76 -17.35 -18.74
CA ARG C 87 5.54 -17.55 -19.52
C ARG C 87 4.68 -16.26 -19.64
N PRO C 88 4.21 -15.88 -20.85
CA PRO C 88 3.37 -14.68 -20.97
C PRO C 88 2.01 -14.79 -20.26
N GLY C 89 1.48 -16.01 -20.19
CA GLY C 89 0.22 -16.30 -19.49
C GLY C 89 0.32 -16.05 -18.00
N ALA C 90 1.46 -16.40 -17.38
CA ALA C 90 1.65 -16.16 -15.96
C ALA C 90 1.77 -14.66 -15.70
N ALA C 91 2.43 -13.90 -16.63
CA ALA C 91 2.54 -12.45 -16.50
C ALA C 91 1.17 -11.78 -16.65
N LEU C 92 0.43 -12.19 -17.69
CA LEU C 92 -0.90 -11.66 -17.96
C LEU C 92 -1.89 -11.99 -16.84
N GLY C 93 -1.95 -13.26 -16.43
CA GLY C 93 -2.87 -13.73 -15.37
C GLY C 93 -2.71 -12.97 -14.07
N GLU C 94 -1.47 -12.81 -13.62
CA GLU C 94 -1.20 -12.05 -12.41
C GLU C 94 -1.79 -10.63 -12.44
N ALA C 95 -1.63 -9.89 -13.55
CA ALA C 95 -2.15 -8.54 -13.66
C ALA C 95 -3.69 -8.52 -13.79
N VAL C 96 -4.25 -9.42 -14.62
CA VAL C 96 -5.70 -9.56 -14.81
C VAL C 96 -6.35 -9.98 -13.49
N ASP C 97 -5.76 -10.94 -12.76
CA ASP C 97 -6.33 -11.33 -11.44
C ASP C 97 -6.54 -10.14 -10.52
N ARG C 98 -5.58 -9.20 -10.51
CA ARG C 98 -5.66 -7.97 -9.72
C ARG C 98 -6.84 -7.10 -10.15
N LEU C 99 -7.04 -6.92 -11.49
CA LEU C 99 -8.16 -6.12 -12.02
C LEU C 99 -9.50 -6.71 -11.53
N LEU C 100 -9.57 -8.05 -11.53
CA LEU C 100 -10.75 -8.83 -11.19
C LEU C 100 -11.17 -8.83 -9.71
N LEU C 101 -10.31 -8.30 -8.82
CA LEU C 101 -10.62 -8.16 -7.39
C LEU C 101 -11.56 -6.96 -7.19
N GLU C 102 -11.55 -6.01 -8.14
CA GLU C 102 -12.34 -4.77 -8.09
C GLU C 102 -13.58 -4.76 -8.98
N THR C 103 -13.59 -5.60 -10.02
CA THR C 103 -14.68 -5.67 -11.00
C THR C 103 -15.00 -7.14 -11.33
N ASP C 104 -16.18 -7.41 -11.87
CA ASP C 104 -16.53 -8.80 -12.14
C ASP C 104 -15.99 -9.37 -13.42
N GLN C 105 -15.78 -8.51 -14.44
CA GLN C 105 -15.34 -9.00 -15.76
C GLN C 105 -14.26 -8.14 -16.38
N ALA C 106 -13.46 -8.73 -17.25
CA ALA C 106 -12.41 -8.00 -17.96
C ALA C 106 -12.40 -8.52 -19.37
N PHE C 107 -12.00 -7.67 -20.31
CA PHE C 107 -12.13 -8.00 -21.75
C PHE C 107 -10.92 -7.57 -22.49
N GLY C 108 -10.68 -8.20 -23.64
CA GLY C 108 -9.58 -7.75 -24.46
C GLY C 108 -9.25 -8.70 -25.58
N TRP C 109 -7.98 -8.63 -25.99
CA TRP C 109 -7.45 -9.44 -27.07
C TRP C 109 -6.05 -9.93 -26.76
N VAL C 110 -5.71 -11.07 -27.36
CA VAL C 110 -4.44 -11.72 -27.23
C VAL C 110 -3.97 -11.92 -28.65
N ALA C 111 -2.73 -11.50 -28.93
CA ALA C 111 -2.15 -11.58 -30.28
C ALA C 111 -1.71 -13.02 -30.60
N PHE C 112 -1.52 -13.31 -31.87
CA PHE C 112 -0.87 -14.57 -32.26
C PHE C 112 0.49 -14.73 -31.53
N GLU C 113 1.26 -13.62 -31.41
CA GLU C 113 2.61 -13.61 -30.77
C GLU C 113 2.63 -14.04 -29.29
N PHE C 114 1.48 -14.03 -28.61
CA PHE C 114 1.37 -14.48 -27.24
C PHE C 114 1.69 -16.03 -27.14
N GLY C 115 1.43 -16.77 -28.22
CA GLY C 115 1.64 -18.22 -28.35
C GLY C 115 3.00 -18.71 -28.81
N VAL C 116 3.97 -17.80 -29.05
CA VAL C 116 5.32 -18.18 -29.55
C VAL C 116 6.32 -18.62 -28.47
N HIS C 117 6.19 -18.08 -27.28
CA HIS C 117 7.04 -18.27 -26.11
C HIS C 117 7.14 -19.73 -25.69
N ARG C 118 6.02 -20.48 -25.79
CA ARG C 118 6.02 -21.92 -25.47
C ARG C 118 6.90 -22.73 -26.43
N TYR C 119 7.28 -22.14 -27.58
CA TYR C 119 8.12 -22.80 -28.59
C TYR C 119 9.56 -22.27 -28.66
N GLY C 120 9.89 -21.41 -27.71
CA GLY C 120 11.20 -20.79 -27.60
C GLY C 120 11.46 -19.81 -28.73
N LEU C 121 10.37 -19.30 -29.36
CA LEU C 121 10.43 -18.39 -30.51
C LEU C 121 10.31 -16.89 -30.20
N GLN C 122 10.26 -16.50 -28.91
CA GLN C 122 10.10 -15.11 -28.48
C GLN C 122 11.20 -14.12 -28.89
N GLN C 123 12.44 -14.61 -29.09
CA GLN C 123 13.60 -13.79 -29.51
C GLN C 123 13.44 -13.21 -30.92
N ARG C 124 12.58 -13.83 -31.75
CA ARG C 124 12.27 -13.44 -33.11
C ARG C 124 11.36 -12.18 -33.16
N LEU C 125 10.84 -11.77 -32.00
CA LEU C 125 9.96 -10.62 -31.91
C LEU C 125 10.72 -9.33 -31.76
N ALA C 126 10.27 -8.31 -32.47
CA ALA C 126 10.78 -6.95 -32.43
C ALA C 126 10.48 -6.37 -31.07
N PRO C 127 11.26 -5.39 -30.54
CA PRO C 127 10.89 -4.79 -29.25
C PRO C 127 9.52 -4.11 -29.39
N HIS C 128 8.77 -4.01 -28.32
CA HIS C 128 7.44 -3.42 -28.35
C HIS C 128 6.38 -4.22 -29.13
N THR C 129 6.58 -5.51 -29.30
CA THR C 129 5.56 -6.31 -29.98
C THR C 129 4.38 -6.56 -29.01
N PRO C 130 3.17 -6.15 -29.37
CA PRO C 130 2.02 -6.40 -28.48
C PRO C 130 1.69 -7.89 -28.36
N LEU C 131 1.41 -8.36 -27.15
CA LEU C 131 1.02 -9.74 -26.88
C LEU C 131 -0.44 -9.85 -26.43
N ALA C 132 -0.89 -8.89 -25.62
CA ALA C 132 -2.27 -8.85 -25.14
C ALA C 132 -2.63 -7.45 -24.64
N ARG C 133 -3.90 -7.16 -24.69
CA ARG C 133 -4.53 -5.95 -24.16
C ARG C 133 -5.77 -6.39 -23.43
N VAL C 134 -5.83 -6.18 -22.10
CA VAL C 134 -7.00 -6.59 -21.28
C VAL C 134 -7.38 -5.43 -20.39
N PHE C 135 -8.67 -5.06 -20.38
CA PHE C 135 -9.17 -3.94 -19.58
C PHE C 135 -10.37 -4.23 -18.70
N SER C 136 -10.50 -3.44 -17.63
CA SER C 136 -11.63 -3.43 -16.71
C SER C 136 -12.57 -2.35 -17.22
N PRO C 137 -13.81 -2.70 -17.57
CA PRO C 137 -14.74 -1.65 -18.07
C PRO C 137 -15.32 -0.76 -16.98
N ARG C 138 -15.67 0.48 -17.35
CA ARG C 138 -16.29 1.43 -16.44
C ARG C 138 -17.75 1.01 -16.25
N THR C 139 -18.38 0.63 -17.34
CA THR C 139 -19.79 0.25 -17.40
C THR C 139 -19.94 -0.99 -18.27
N ARG C 140 -21.01 -1.79 -18.03
CA ARG C 140 -21.32 -2.89 -18.92
C ARG C 140 -22.78 -2.89 -19.21
N ILE C 141 -23.13 -3.21 -20.46
CA ILE C 141 -24.50 -3.34 -20.92
C ILE C 141 -24.63 -4.73 -21.54
N MET C 142 -25.50 -5.60 -20.96
CA MET C 142 -25.73 -6.93 -21.51
C MET C 142 -27.07 -6.93 -22.22
N VAL C 143 -27.03 -7.23 -23.51
CA VAL C 143 -28.20 -7.26 -24.38
C VAL C 143 -28.50 -8.71 -24.80
N SER C 144 -29.72 -9.16 -24.57
CA SER C 144 -30.20 -10.47 -25.00
C SER C 144 -31.51 -10.22 -25.76
N GLU C 145 -32.04 -11.26 -26.37
CA GLU C 145 -33.21 -11.12 -27.16
C GLU C 145 -34.41 -10.61 -26.37
N LYS C 146 -34.45 -10.88 -25.08
CA LYS C 146 -35.56 -10.44 -24.21
C LYS C 146 -35.32 -9.23 -23.29
N GLU C 147 -34.06 -8.98 -22.86
CA GLU C 147 -33.82 -7.89 -21.93
C GLU C 147 -32.45 -7.24 -22.09
N ILE C 148 -32.35 -6.05 -21.51
CA ILE C 148 -31.11 -5.24 -21.41
C ILE C 148 -30.79 -5.15 -19.94
N ARG C 149 -29.57 -5.55 -19.55
CA ARG C 149 -29.14 -5.46 -18.16
C ARG C 149 -27.98 -4.48 -18.06
N LEU C 150 -27.99 -3.63 -17.02
CA LEU C 150 -27.00 -2.59 -16.77
C LEU C 150 -26.12 -2.89 -15.60
N PHE C 151 -24.83 -2.57 -15.75
CA PHE C 151 -23.84 -2.74 -14.70
C PHE C 151 -22.99 -1.52 -14.59
N ASP C 152 -22.97 -0.91 -13.37
CA ASP C 152 -22.18 0.28 -13.02
C ASP C 152 -22.41 1.42 -14.02
N ALA C 153 -23.66 1.56 -14.49
CA ALA C 153 -24.00 2.59 -15.47
C ALA C 153 -24.35 3.90 -14.78
N GLY C 154 -23.56 4.93 -15.05
CA GLY C 154 -23.75 6.26 -14.51
C GLY C 154 -24.88 7.00 -15.19
N ILE C 155 -25.16 8.25 -14.76
CA ILE C 155 -26.28 9.03 -15.30
C ILE C 155 -26.14 9.34 -16.80
N ARG C 156 -24.93 9.70 -17.24
CA ARG C 156 -24.63 10.00 -18.64
C ARG C 156 -24.78 8.78 -19.52
N HIS C 157 -24.33 7.60 -19.03
CA HIS C 157 -24.51 6.34 -19.78
C HIS C 157 -26.00 6.02 -19.87
N ARG C 158 -26.73 6.14 -18.71
CA ARG C 158 -28.17 5.85 -18.67
C ARG C 158 -28.96 6.75 -19.60
N GLU C 159 -28.71 8.06 -19.53
CA GLU C 159 -29.35 9.04 -20.42
C GLU C 159 -29.09 8.71 -21.91
N ALA C 160 -27.81 8.35 -22.26
CA ALA C 160 -27.44 7.97 -23.63
C ALA C 160 -28.18 6.73 -24.10
N ILE C 161 -28.32 5.72 -23.21
CA ILE C 161 -29.07 4.48 -23.47
C ILE C 161 -30.57 4.81 -23.73
N ASP C 162 -31.19 5.61 -22.82
CA ASP C 162 -32.61 5.99 -22.95
C ASP C 162 -32.92 6.65 -24.29
N ARG C 163 -32.06 7.59 -24.70
CA ARG C 163 -32.16 8.33 -25.96
C ARG C 163 -32.13 7.36 -27.14
N LEU C 164 -31.13 6.43 -27.13
CA LEU C 164 -30.98 5.41 -28.17
C LEU C 164 -32.23 4.51 -28.23
N LEU C 165 -32.73 4.08 -27.06
CA LEU C 165 -33.93 3.23 -27.00
C LEU C 165 -35.16 3.95 -27.54
N ALA C 166 -35.24 5.28 -27.34
CA ALA C 166 -36.36 6.08 -27.87
C ALA C 166 -36.27 6.22 -29.39
N THR C 167 -35.09 6.60 -29.88
CA THR C 167 -34.75 6.81 -31.29
C THR C 167 -34.87 5.53 -32.14
N GLY C 168 -34.37 4.42 -31.60
CA GLY C 168 -34.34 3.14 -32.30
C GLY C 168 -33.03 2.98 -33.02
N VAL C 169 -32.80 1.79 -33.60
CA VAL C 169 -31.59 1.46 -34.35
C VAL C 169 -31.61 2.10 -35.76
N ARG C 170 -30.45 2.56 -36.24
CA ARG C 170 -30.30 3.18 -37.56
C ARG C 170 -30.51 2.13 -38.63
N GLU C 171 -30.92 2.58 -39.81
CA GLU C 171 -31.03 1.72 -40.98
C GLU C 171 -29.58 1.47 -41.45
N VAL C 172 -29.27 0.24 -41.87
CA VAL C 172 -27.91 -0.07 -42.34
C VAL C 172 -27.80 0.41 -43.80
N PRO C 173 -26.89 1.37 -44.12
CA PRO C 173 -26.76 1.81 -45.52
C PRO C 173 -26.25 0.70 -46.44
N GLN C 174 -26.28 0.95 -47.77
CA GLN C 174 -25.78 -0.02 -48.74
C GLN C 174 -24.24 -0.13 -48.61
N SER C 175 -23.70 -1.32 -48.85
CA SER C 175 -22.26 -1.56 -48.77
C SER C 175 -21.47 -1.10 -50.03
N ARG C 176 -20.11 -1.03 -49.92
CA ARG C 176 -19.19 -0.67 -51.01
C ARG C 176 -18.27 -1.86 -51.23
N SER C 177 -18.15 -2.32 -52.49
CA SER C 177 -17.33 -3.50 -52.82
C SER C 177 -15.82 -3.25 -52.69
N VAL C 178 -15.08 -4.35 -52.49
CA VAL C 178 -13.63 -4.35 -52.36
C VAL C 178 -13.05 -5.43 -53.29
N ASP C 179 -11.92 -5.12 -53.96
CA ASP C 179 -11.23 -6.06 -54.85
C ASP C 179 -10.26 -6.92 -54.04
N VAL C 180 -10.49 -8.25 -54.06
CA VAL C 180 -9.69 -9.25 -53.35
C VAL C 180 -8.87 -10.17 -54.29
N SER C 181 -8.90 -9.90 -55.62
CA SER C 181 -8.23 -10.70 -56.66
C SER C 181 -6.70 -10.64 -56.70
N ASP C 182 -6.11 -9.46 -56.43
CA ASP C 182 -4.66 -9.23 -56.42
C ASP C 182 -3.90 -10.03 -55.35
N ASP C 183 -2.60 -10.26 -55.60
CA ASP C 183 -1.73 -11.00 -54.69
C ASP C 183 -0.41 -10.23 -54.48
N PRO C 184 -0.43 -9.03 -53.82
CA PRO C 184 0.82 -8.27 -53.64
C PRO C 184 1.81 -8.94 -52.72
N SER C 185 1.32 -9.72 -51.76
CA SER C 185 2.16 -10.40 -50.79
C SER C 185 2.70 -11.76 -51.31
N GLY C 186 2.27 -12.14 -52.51
CA GLY C 186 2.65 -13.39 -53.17
C GLY C 186 2.26 -14.65 -52.44
N PHE C 187 0.98 -14.74 -52.02
CA PHE C 187 0.42 -15.89 -51.30
C PHE C 187 0.68 -17.21 -52.05
N ARG C 188 0.39 -17.20 -53.34
CA ARG C 188 0.59 -18.32 -54.27
C ARG C 188 2.01 -18.88 -54.22
N ARG C 189 3.01 -17.98 -54.28
CA ARG C 189 4.41 -18.36 -54.22
C ARG C 189 4.78 -18.92 -52.88
N ARG C 190 4.24 -18.33 -51.77
CA ARG C 190 4.46 -18.79 -50.39
C ARG C 190 3.81 -20.16 -50.11
N VAL C 191 2.68 -20.47 -50.79
CA VAL C 191 1.98 -21.77 -50.69
C VAL C 191 2.96 -22.85 -51.25
N ALA C 192 3.57 -22.57 -52.42
CA ALA C 192 4.58 -23.43 -53.06
C ALA C 192 5.80 -23.73 -52.17
N VAL C 193 6.32 -22.72 -51.45
CA VAL C 193 7.49 -22.85 -50.57
C VAL C 193 7.18 -23.76 -49.36
N ALA C 194 5.95 -23.66 -48.80
CA ALA C 194 5.51 -24.47 -47.67
C ALA C 194 5.31 -25.92 -48.11
N VAL C 195 4.74 -26.13 -49.32
CA VAL C 195 4.49 -27.44 -49.96
C VAL C 195 5.81 -28.23 -50.10
N ASP C 196 6.92 -27.54 -50.47
CA ASP C 196 8.26 -28.15 -50.59
C ASP C 196 8.84 -28.50 -49.23
N GLU C 197 8.58 -27.66 -48.24
CA GLU C 197 9.13 -27.84 -46.92
C GLU C 197 8.54 -29.03 -46.18
N ILE C 198 7.29 -29.28 -46.49
CA ILE C 198 6.49 -30.35 -45.89
C ILE C 198 6.99 -31.65 -46.53
N ALA C 199 6.94 -31.69 -47.85
CA ALA C 199 7.46 -32.81 -48.62
C ALA C 199 8.84 -33.26 -48.19
N ALA C 200 9.66 -32.35 -47.71
CA ALA C 200 10.96 -32.64 -47.16
C ALA C 200 10.89 -33.09 -45.71
N GLY C 201 9.66 -33.21 -45.23
CA GLY C 201 9.40 -33.57 -43.85
C GLY C 201 9.75 -32.61 -42.74
N ARG C 202 9.62 -31.32 -42.98
CA ARG C 202 9.90 -30.37 -41.93
C ARG C 202 8.75 -30.28 -40.90
N TYR C 203 7.54 -30.50 -41.38
CA TYR C 203 6.33 -30.51 -40.58
C TYR C 203 5.19 -31.00 -41.51
N HIS C 204 4.03 -31.35 -40.97
CA HIS C 204 2.87 -31.88 -41.71
C HIS C 204 1.94 -30.82 -42.27
N LYS C 205 1.72 -29.73 -41.51
CA LYS C 205 0.79 -28.68 -41.93
C LYS C 205 1.21 -27.27 -41.45
N VAL C 206 0.79 -26.25 -42.19
CA VAL C 206 1.02 -24.84 -41.87
C VAL C 206 -0.12 -23.99 -42.43
N ILE C 207 -0.63 -23.02 -41.62
CA ILE C 207 -1.64 -22.09 -42.13
C ILE C 207 -0.90 -20.81 -42.50
N LEU C 208 -1.07 -20.38 -43.76
CA LEU C 208 -0.50 -19.14 -44.28
C LEU C 208 -1.66 -18.29 -44.70
N SER C 209 -1.49 -16.97 -44.68
CA SER C 209 -2.55 -16.00 -44.94
C SER C 209 -2.07 -14.82 -45.78
N ARG C 210 -3.04 -13.96 -46.17
CA ARG C 210 -2.81 -12.75 -46.91
C ARG C 210 -3.71 -11.64 -46.42
N CYS C 211 -3.17 -10.45 -46.39
CA CYS C 211 -3.88 -9.24 -46.05
C CYS C 211 -4.48 -8.68 -47.32
N VAL C 212 -5.69 -8.15 -47.19
CA VAL C 212 -6.37 -7.49 -48.28
C VAL C 212 -6.73 -6.10 -47.80
N GLU C 213 -6.19 -5.07 -48.49
CA GLU C 213 -6.43 -3.66 -48.16
C GLU C 213 -7.81 -3.23 -48.54
N VAL C 214 -8.45 -2.43 -47.67
CA VAL C 214 -9.76 -1.85 -47.95
C VAL C 214 -9.43 -0.38 -48.29
N PRO C 215 -9.54 0.04 -49.58
CA PRO C 215 -9.11 1.40 -49.96
C PRO C 215 -9.92 2.62 -49.46
N PHE C 216 -10.94 2.38 -48.65
CA PHE C 216 -11.78 3.44 -48.11
C PHE C 216 -12.02 3.17 -46.62
N ALA C 217 -12.31 4.21 -45.85
CA ALA C 217 -12.60 4.03 -44.42
C ALA C 217 -14.00 3.45 -44.28
N ILE C 218 -14.17 2.43 -43.40
CA ILE C 218 -15.45 1.79 -43.10
C ILE C 218 -16.01 2.21 -41.73
N ASP C 219 -17.32 2.00 -41.53
CA ASP C 219 -18.01 2.22 -40.26
C ASP C 219 -18.04 0.85 -39.59
N PHE C 220 -17.28 0.72 -38.51
CA PHE C 220 -17.15 -0.56 -37.88
C PHE C 220 -18.49 -1.10 -37.28
N PRO C 221 -19.21 -0.33 -36.45
CA PRO C 221 -20.51 -0.85 -35.96
C PRO C 221 -21.54 -1.21 -37.04
N LEU C 222 -21.67 -0.38 -38.11
CA LEU C 222 -22.63 -0.65 -39.19
C LEU C 222 -22.24 -1.89 -39.95
N THR C 223 -20.94 -2.04 -40.28
CA THR C 223 -20.43 -3.26 -40.92
C THR C 223 -20.69 -4.47 -40.02
N TYR C 224 -20.43 -4.36 -38.68
CA TYR C 224 -20.64 -5.48 -37.78
C TYR C 224 -22.08 -5.99 -37.89
N ARG C 225 -23.03 -5.05 -37.83
CA ARG C 225 -24.46 -5.33 -37.92
C ARG C 225 -24.80 -6.06 -39.23
N LEU C 226 -24.36 -5.50 -40.37
CA LEU C 226 -24.61 -6.06 -41.71
C LEU C 226 -24.05 -7.46 -41.88
N GLY C 227 -22.77 -7.64 -41.56
CA GLY C 227 -22.13 -8.95 -41.63
C GLY C 227 -22.76 -9.97 -40.68
N ARG C 228 -23.21 -9.51 -39.46
CA ARG C 228 -23.85 -10.39 -38.48
C ARG C 228 -25.28 -10.88 -38.92
N ARG C 229 -25.96 -10.11 -39.74
CA ARG C 229 -27.22 -10.48 -40.37
C ARG C 229 -27.02 -11.68 -41.28
N HIS C 230 -25.79 -11.89 -41.72
CA HIS C 230 -25.45 -12.94 -42.70
C HIS C 230 -24.44 -14.00 -42.29
N ASN C 231 -24.16 -14.09 -41.01
CA ASN C 231 -23.29 -15.09 -40.45
C ASN C 231 -23.88 -15.62 -39.18
N THR C 232 -23.44 -16.81 -38.77
CA THR C 232 -23.79 -17.50 -37.52
C THR C 232 -22.46 -18.02 -36.90
N PRO C 233 -21.68 -17.15 -36.24
CA PRO C 233 -20.39 -17.61 -35.67
C PRO C 233 -20.51 -18.23 -34.27
N VAL C 234 -19.41 -18.84 -33.74
CA VAL C 234 -19.41 -19.40 -32.37
C VAL C 234 -19.45 -18.22 -31.36
N ARG C 235 -18.74 -17.15 -31.72
CA ARG C 235 -18.62 -15.90 -30.95
C ARG C 235 -18.47 -14.75 -31.95
N SER C 236 -18.70 -13.50 -31.50
CA SER C 236 -18.41 -12.37 -32.36
C SER C 236 -17.99 -11.18 -31.51
N PHE C 237 -17.37 -10.19 -32.16
CA PHE C 237 -16.88 -9.03 -31.43
C PHE C 237 -16.83 -7.80 -32.32
N LEU C 238 -16.78 -6.67 -31.66
CA LEU C 238 -16.69 -5.34 -32.23
C LEU C 238 -15.98 -4.51 -31.17
N LEU C 239 -14.88 -3.88 -31.53
CA LEU C 239 -14.13 -3.10 -30.51
C LEU C 239 -13.53 -1.81 -31.09
N GLN C 240 -13.17 -0.88 -30.21
CA GLN C 240 -12.38 0.33 -30.47
C GLN C 240 -11.59 0.47 -29.21
N LEU C 241 -10.31 0.14 -29.29
CA LEU C 241 -9.47 0.09 -28.11
C LEU C 241 -8.03 0.41 -28.51
N GLY C 242 -7.43 1.35 -27.81
CA GLY C 242 -6.04 1.74 -27.99
C GLY C 242 -5.64 2.12 -29.40
N GLY C 243 -6.56 2.77 -30.11
CA GLY C 243 -6.32 3.20 -31.48
C GLY C 243 -6.62 2.17 -32.54
N ILE C 244 -7.06 0.96 -32.13
CA ILE C 244 -7.45 -0.11 -33.05
C ILE C 244 -8.97 -0.21 -33.09
N ARG C 245 -9.51 -0.31 -34.30
CA ARG C 245 -10.90 -0.70 -34.46
C ARG C 245 -10.83 -2.11 -35.06
N ALA C 246 -11.69 -3.01 -34.60
CA ALA C 246 -11.76 -4.38 -35.10
C ALA C 246 -13.15 -4.99 -34.90
N LEU C 247 -13.50 -5.93 -35.77
CA LEU C 247 -14.77 -6.67 -35.70
C LEU C 247 -14.50 -8.06 -36.26
N GLY C 248 -15.25 -9.04 -35.82
CA GLY C 248 -15.06 -10.38 -36.33
C GLY C 248 -16.17 -11.32 -35.97
N TYR C 249 -16.29 -12.40 -36.75
CA TYR C 249 -17.26 -13.48 -36.57
C TYR C 249 -16.39 -14.70 -36.37
N SER C 250 -16.04 -14.95 -35.10
CA SER C 250 -15.16 -16.02 -34.69
CA SER C 250 -15.16 -16.04 -34.70
C SER C 250 -15.70 -17.42 -35.05
N PRO C 251 -14.96 -18.21 -35.85
CA PRO C 251 -15.46 -19.55 -36.24
C PRO C 251 -15.11 -20.66 -35.27
N GLU C 252 -14.28 -20.35 -34.27
CA GLU C 252 -13.80 -21.35 -33.36
C GLU C 252 -13.55 -20.88 -31.94
N LEU C 253 -13.96 -21.72 -30.99
CA LEU C 253 -13.69 -21.47 -29.58
C LEU C 253 -12.31 -22.10 -29.25
N VAL C 254 -11.32 -21.26 -28.92
CA VAL C 254 -10.00 -21.72 -28.54
C VAL C 254 -10.07 -22.40 -27.18
N THR C 255 -10.66 -21.70 -26.20
CA THR C 255 -10.77 -22.20 -24.83
C THR C 255 -11.93 -21.54 -24.13
N ALA C 256 -12.61 -22.32 -23.29
CA ALA C 256 -13.61 -21.83 -22.35
C ALA C 256 -13.32 -22.55 -21.04
N VAL C 257 -13.19 -21.79 -19.98
CA VAL C 257 -12.93 -22.30 -18.63
C VAL C 257 -14.09 -21.83 -17.79
N ARG C 258 -14.81 -22.78 -17.16
CA ARG C 258 -15.96 -22.45 -16.33
C ARG C 258 -15.53 -22.27 -14.88
N ALA C 259 -16.36 -21.58 -14.07
CA ALA C 259 -16.10 -21.36 -12.63
C ALA C 259 -15.98 -22.71 -11.89
N ASP C 260 -16.64 -23.76 -12.41
CA ASP C 260 -16.60 -25.12 -11.85
C ASP C 260 -15.32 -25.93 -12.23
N GLY C 261 -14.48 -25.38 -13.10
CA GLY C 261 -13.24 -26.01 -13.52
C GLY C 261 -13.29 -26.76 -14.83
N VAL C 262 -14.49 -26.87 -15.44
CA VAL C 262 -14.64 -27.56 -16.74
C VAL C 262 -13.94 -26.68 -17.80
N VAL C 263 -13.07 -27.29 -18.60
CA VAL C 263 -12.32 -26.63 -19.68
C VAL C 263 -12.81 -27.29 -20.95
N ILE C 264 -13.18 -26.47 -21.96
CA ILE C 264 -13.64 -26.91 -23.27
C ILE C 264 -12.74 -26.26 -24.36
N THR C 265 -12.55 -26.97 -25.48
CA THR C 265 -11.88 -26.49 -26.69
C THR C 265 -12.66 -27.17 -27.82
N GLU C 266 -12.93 -26.43 -28.91
CA GLU C 266 -13.74 -26.98 -29.98
C GLU C 266 -13.05 -26.83 -31.34
N PRO C 267 -12.00 -27.64 -31.61
CA PRO C 267 -11.29 -27.51 -32.90
C PRO C 267 -12.20 -27.78 -34.07
N LEU C 268 -11.93 -27.05 -35.15
CA LEU C 268 -12.62 -27.15 -36.41
C LEU C 268 -11.55 -27.25 -37.49
N ALA C 269 -11.52 -28.37 -38.17
CA ALA C 269 -10.56 -28.60 -39.25
C ALA C 269 -11.28 -29.08 -40.48
N GLY C 270 -10.65 -28.83 -41.61
CA GLY C 270 -11.27 -29.03 -42.88
C GLY C 270 -12.17 -27.90 -43.34
N THR C 271 -12.28 -27.74 -44.64
CA THR C 271 -13.20 -26.74 -45.13
C THR C 271 -13.86 -27.08 -46.46
N ARG C 272 -15.09 -26.63 -46.56
CA ARG C 272 -15.96 -26.73 -47.73
C ARG C 272 -16.81 -25.45 -47.78
N ALA C 273 -17.27 -25.04 -48.97
CA ALA C 273 -18.10 -23.84 -49.13
C ALA C 273 -19.53 -24.05 -48.60
N GLY C 275 -22.90 -21.26 -48.12
CA GLY C 275 -24.26 -20.97 -48.55
C GLY C 275 -24.38 -20.74 -50.05
N ARG C 276 -24.49 -21.85 -50.83
CA ARG C 276 -24.62 -21.83 -52.28
C ARG C 276 -25.80 -22.68 -52.75
N ALA C 284 -21.86 -30.64 -50.88
CA ALA C 284 -20.55 -30.35 -50.28
C ALA C 284 -20.44 -30.76 -48.80
N ARG C 285 -21.58 -31.03 -48.13
CA ARG C 285 -21.64 -31.48 -46.73
C ARG C 285 -21.13 -32.92 -46.59
N ASP C 286 -21.75 -33.85 -47.34
CA ASP C 286 -21.38 -35.27 -47.36
C ASP C 286 -20.00 -35.45 -47.97
N ASP C 287 -19.56 -34.47 -48.80
CA ASP C 287 -18.21 -34.44 -49.34
C ASP C 287 -17.26 -34.25 -48.15
N LEU C 288 -17.56 -33.32 -47.24
CA LEU C 288 -16.75 -33.11 -46.04
C LEU C 288 -16.75 -34.29 -45.10
N GLU C 289 -17.93 -34.79 -44.76
CA GLU C 289 -18.11 -35.94 -43.85
C GLU C 289 -17.47 -37.25 -44.35
N SER C 290 -17.16 -37.33 -45.66
CA SER C 290 -16.58 -38.50 -46.31
C SER C 290 -15.25 -38.20 -47.02
N ASN C 291 -14.77 -36.94 -46.98
CA ASN C 291 -13.49 -36.59 -47.62
C ASN C 291 -12.37 -37.04 -46.72
N SER C 292 -11.53 -37.93 -47.23
CA SER C 292 -10.38 -38.48 -46.52
C SER C 292 -9.42 -37.39 -46.04
N LYS C 293 -9.21 -36.33 -46.88
CA LYS C 293 -8.31 -35.22 -46.58
C LYS C 293 -8.75 -34.43 -45.35
N GLU C 294 -10.03 -34.17 -45.23
CA GLU C 294 -10.53 -33.44 -44.11
C GLU C 294 -10.72 -34.27 -42.85
N ILE C 295 -11.09 -35.54 -43.01
CA ILE C 295 -11.20 -36.47 -41.88
C ILE C 295 -9.81 -36.60 -41.22
N VAL C 296 -8.74 -36.84 -42.01
CA VAL C 296 -7.35 -36.95 -41.53
C VAL C 296 -6.91 -35.67 -40.79
N GLU C 297 -7.17 -34.49 -41.39
CA GLU C 297 -6.80 -33.21 -40.80
C GLU C 297 -7.55 -32.98 -39.50
N HIS C 298 -8.84 -33.28 -39.48
CA HIS C 298 -9.57 -33.22 -38.22
C HIS C 298 -9.08 -34.19 -37.17
N ALA C 299 -8.95 -35.46 -37.53
CA ALA C 299 -8.43 -36.39 -36.57
C ALA C 299 -7.07 -35.98 -35.99
N ILE C 300 -6.16 -35.49 -36.85
CA ILE C 300 -4.83 -35.04 -36.38
C ILE C 300 -4.98 -33.87 -35.35
N SER C 301 -5.92 -32.94 -35.65
CA SER C 301 -6.17 -31.81 -34.75
C SER C 301 -6.72 -32.26 -33.41
N VAL C 302 -7.65 -33.24 -33.41
CA VAL C 302 -8.28 -33.78 -32.19
C VAL C 302 -7.19 -34.43 -31.34
N ARG C 303 -6.32 -35.24 -31.97
CA ARG C 303 -5.21 -35.87 -31.28
C ARG C 303 -4.33 -34.79 -30.61
N SER C 304 -3.99 -33.73 -31.38
CA SER C 304 -3.21 -32.60 -30.87
C SER C 304 -3.87 -31.91 -29.66
N SER C 305 -5.19 -31.58 -29.76
CA SER C 305 -5.94 -30.94 -28.66
C SER C 305 -5.94 -31.78 -27.37
N LEU C 306 -6.08 -33.11 -27.53
CA LEU C 306 -6.08 -34.04 -26.41
C LEU C 306 -4.75 -34.06 -25.70
N GLU C 307 -3.63 -34.07 -26.46
CA GLU C 307 -2.29 -34.02 -25.87
C GLU C 307 -2.10 -32.70 -25.10
N GLU C 308 -2.53 -31.56 -25.71
CA GLU C 308 -2.38 -30.22 -25.11
C GLU C 308 -3.19 -30.09 -23.81
N ILE C 309 -4.51 -30.41 -23.88
CA ILE C 309 -5.40 -30.31 -22.72
C ILE C 309 -4.97 -31.22 -21.56
N THR C 310 -4.34 -32.33 -21.89
CA THR C 310 -3.96 -33.32 -20.90
C THR C 310 -2.96 -32.68 -19.95
N ASP C 311 -2.16 -31.79 -20.47
CA ASP C 311 -1.17 -31.07 -19.67
C ASP C 311 -1.66 -30.23 -18.52
N ILE C 312 -2.91 -29.81 -18.57
CA ILE C 312 -3.46 -28.95 -17.56
C ILE C 312 -4.64 -29.61 -16.89
N ALA C 313 -4.99 -30.81 -17.32
CA ALA C 313 -6.16 -31.52 -16.83
C ALA C 313 -5.96 -32.36 -15.60
N GLU C 314 -7.08 -32.65 -14.91
CA GLU C 314 -7.13 -33.59 -13.78
C GLU C 314 -6.90 -34.96 -14.43
N PRO C 315 -5.99 -35.84 -13.93
CA PRO C 315 -5.79 -37.14 -14.59
C PRO C 315 -7.08 -37.91 -14.88
N GLY C 316 -7.23 -38.36 -16.12
CA GLY C 316 -8.39 -39.08 -16.61
C GLY C 316 -9.63 -38.27 -16.98
N SER C 317 -9.59 -36.92 -16.79
CA SER C 317 -10.74 -36.04 -17.07
C SER C 317 -10.92 -35.63 -18.55
N ALA C 318 -9.84 -35.72 -19.36
CA ALA C 318 -9.85 -35.36 -20.79
C ALA C 318 -10.73 -36.31 -21.60
N ALA C 319 -11.65 -35.75 -22.39
CA ALA C 319 -12.58 -36.50 -23.23
C ALA C 319 -13.05 -35.73 -24.45
N VAL C 320 -13.31 -36.46 -25.55
CA VAL C 320 -13.91 -35.94 -26.77
C VAL C 320 -15.39 -36.22 -26.65
N ILE C 321 -16.17 -35.16 -26.54
CA ILE C 321 -17.59 -35.34 -26.30
C ILE C 321 -18.49 -35.25 -27.52
N ASP C 322 -18.13 -34.58 -28.56
CA ASP C 322 -18.91 -34.66 -29.75
C ASP C 322 -17.78 -34.93 -30.73
N PHE C 323 -17.65 -36.15 -31.23
CA PHE C 323 -16.51 -36.41 -32.09
C PHE C 323 -16.93 -36.33 -33.52
N MET C 324 -16.24 -35.50 -34.27
CA MET C 324 -16.37 -35.33 -35.71
C MET C 324 -17.80 -35.07 -36.21
N THR C 325 -18.21 -33.80 -36.12
CA THR C 325 -19.40 -33.26 -36.77
C THR C 325 -19.21 -31.98 -37.57
N VAL C 326 -20.05 -31.85 -38.60
CA VAL C 326 -20.02 -30.69 -39.49
C VAL C 326 -20.50 -29.46 -38.69
N ARG C 327 -19.72 -28.38 -38.73
CA ARG C 327 -20.05 -27.14 -37.99
C ARG C 327 -20.15 -25.94 -38.93
N ARG C 329 -20.65 -22.16 -40.32
CA ARG C 329 -19.96 -20.86 -40.21
C ARG C 329 -20.16 -19.97 -41.41
N VAL C 332 -18.41 -20.67 -45.11
CA VAL C 332 -17.63 -21.90 -45.08
C VAL C 332 -18.09 -22.91 -44.01
N GLN C 333 -17.86 -24.21 -44.28
CA GLN C 333 -18.17 -25.31 -43.36
C GLN C 333 -16.94 -26.18 -43.04
N HIS C 334 -16.82 -26.58 -41.77
CA HIS C 334 -15.70 -27.36 -41.24
C HIS C 334 -16.20 -28.51 -40.40
N LEU C 335 -15.32 -29.50 -40.15
CA LEU C 335 -15.67 -30.59 -39.25
C LEU C 335 -15.33 -30.11 -37.81
N GLY C 336 -16.11 -30.53 -36.82
CA GLY C 336 -15.82 -30.18 -35.44
C GLY C 336 -15.97 -31.25 -34.37
N SER C 337 -15.16 -31.12 -33.32
CA SER C 337 -15.22 -31.97 -32.15
C SER C 337 -15.20 -31.09 -30.91
N THR C 338 -15.80 -31.54 -29.82
CA THR C 338 -15.76 -30.78 -28.56
C THR C 338 -14.93 -31.58 -27.57
N ILE C 339 -13.78 -31.02 -27.15
CA ILE C 339 -12.86 -31.65 -26.20
C ILE C 339 -13.11 -30.97 -24.84
N ARG C 340 -13.41 -31.78 -23.83
CA ARG C 340 -13.70 -31.34 -22.46
C ARG C 340 -12.67 -31.96 -21.51
N ALA C 341 -12.39 -31.25 -20.40
CA ALA C 341 -11.48 -31.69 -19.35
C ALA C 341 -11.81 -30.90 -18.07
N ARG C 342 -11.18 -31.27 -16.94
CA ARG C 342 -11.34 -30.59 -15.67
C ARG C 342 -9.98 -30.00 -15.37
N LEU C 343 -9.96 -28.70 -15.05
CA LEU C 343 -8.72 -28.00 -14.76
C LEU C 343 -8.14 -28.53 -13.47
N ASP C 344 -6.90 -28.96 -13.53
CA ASP C 344 -6.17 -29.50 -12.38
C ASP C 344 -5.93 -28.39 -11.35
N PRO C 345 -6.00 -28.68 -10.02
CA PRO C 345 -5.79 -27.62 -9.03
C PRO C 345 -4.42 -26.95 -9.07
N SER C 346 -3.43 -27.60 -9.70
CA SER C 346 -2.06 -27.11 -9.89
C SER C 346 -1.91 -26.21 -11.14
N SER C 347 -3.01 -26.01 -11.88
CA SER C 347 -3.08 -25.19 -13.08
C SER C 347 -4.06 -24.02 -12.89
N ASP C 348 -4.23 -23.22 -13.94
CA ASP C 348 -5.09 -22.04 -13.92
C ASP C 348 -5.63 -21.75 -15.33
N ARG C 349 -6.58 -20.83 -15.44
CA ARG C 349 -7.21 -20.47 -16.70
C ARG C 349 -6.20 -19.97 -17.76
N MET C 350 -5.13 -19.24 -17.33
CA MET C 350 -4.12 -18.72 -18.26
C MET C 350 -3.27 -19.84 -18.81
N ALA C 351 -2.95 -20.84 -17.95
CA ALA C 351 -2.18 -22.00 -18.37
C ALA C 351 -3.01 -22.90 -19.30
N ALA C 352 -4.35 -22.89 -19.17
CA ALA C 352 -5.22 -23.64 -20.08
C ALA C 352 -5.18 -22.93 -21.42
N LEU C 353 -5.27 -21.58 -21.40
CA LEU C 353 -5.19 -20.80 -22.63
C LEU C 353 -3.83 -21.03 -23.28
N GLU C 354 -2.72 -20.96 -22.50
CA GLU C 354 -1.36 -21.20 -23.02
C GLU C 354 -1.16 -22.57 -23.67
N ALA C 355 -1.75 -23.63 -23.07
CA ALA C 355 -1.68 -25.01 -23.58
C ALA C 355 -2.43 -25.15 -24.90
N LEU C 356 -3.54 -24.43 -25.08
CA LEU C 356 -4.40 -24.50 -26.27
C LEU C 356 -4.13 -23.40 -27.30
N PHE C 357 -3.11 -22.57 -27.02
CA PHE C 357 -2.77 -21.44 -27.89
C PHE C 357 -1.36 -21.56 -28.49
N PRO C 358 -1.18 -21.24 -29.79
CA PRO C 358 -2.20 -20.84 -30.78
C PRO C 358 -3.04 -22.05 -31.21
N ALA C 359 -4.22 -21.84 -31.80
CA ALA C 359 -5.09 -22.93 -32.28
C ALA C 359 -4.45 -23.59 -33.50
N VAL C 360 -4.70 -24.92 -33.74
CA VAL C 360 -4.14 -25.65 -34.91
C VAL C 360 -4.72 -25.05 -36.20
N THR C 361 -6.01 -24.71 -36.17
CA THR C 361 -6.82 -24.12 -37.24
C THR C 361 -6.15 -22.96 -37.96
N ALA C 362 -5.26 -22.24 -37.24
CA ALA C 362 -4.60 -21.08 -37.80
C ALA C 362 -3.07 -21.08 -37.62
N SER C 363 -2.49 -22.20 -37.08
CA SER C 363 -1.04 -22.42 -36.89
C SER C 363 -0.45 -23.61 -37.74
N GLY C 364 -0.43 -24.83 -37.19
CA GLY C 364 0.08 -25.99 -37.92
C GLY C 364 0.37 -27.25 -37.13
N ILE C 365 0.86 -28.29 -37.81
CA ILE C 365 1.17 -29.60 -37.22
C ILE C 365 2.58 -30.09 -37.63
N PRO C 366 3.51 -30.35 -36.69
CA PRO C 366 3.44 -30.08 -35.25
C PRO C 366 3.30 -28.56 -35.07
N LYS C 367 2.70 -28.13 -33.95
CA LYS C 367 2.50 -26.70 -33.69
C LYS C 367 3.79 -25.93 -33.58
N ALA C 368 4.82 -26.55 -32.96
CA ALA C 368 6.16 -25.97 -32.81
C ALA C 368 6.75 -25.56 -34.16
N ALA C 369 6.66 -26.47 -35.16
CA ALA C 369 7.16 -26.32 -36.54
C ALA C 369 6.26 -25.47 -37.44
N GLY C 370 4.96 -25.52 -37.22
CA GLY C 370 3.99 -24.72 -37.96
C GLY C 370 4.11 -23.25 -37.61
N VAL C 371 4.38 -22.94 -36.31
CA VAL C 371 4.56 -21.56 -35.81
C VAL C 371 5.91 -21.03 -36.32
N GLU C 372 6.96 -21.90 -36.30
CA GLU C 372 8.29 -21.56 -36.80
C GLU C 372 8.20 -21.10 -38.26
N ALA C 373 7.50 -21.86 -39.11
CA ALA C 373 7.36 -21.54 -40.53
C ALA C 373 6.56 -20.26 -40.78
N ILE C 374 5.61 -19.94 -39.85
CA ILE C 374 4.80 -18.72 -39.98
C ILE C 374 5.69 -17.47 -39.94
N PHE C 375 6.73 -17.49 -39.09
CA PHE C 375 7.74 -16.43 -38.94
C PHE C 375 8.45 -16.15 -40.27
N ARG C 376 8.65 -17.19 -41.12
CA ARG C 376 9.36 -17.09 -42.40
C ARG C 376 8.48 -16.92 -43.60
N LEU C 377 7.34 -17.59 -43.62
CA LEU C 377 6.44 -17.65 -44.77
C LEU C 377 5.18 -16.82 -44.70
N ASP C 378 4.95 -16.09 -43.58
CA ASP C 378 3.78 -15.21 -43.47
C ASP C 378 4.20 -13.78 -43.07
N GLU C 379 3.28 -12.79 -43.27
CA GLU C 379 3.54 -11.40 -42.91
C GLU C 379 3.45 -11.28 -41.38
N CYS C 380 4.60 -11.11 -40.72
CA CYS C 380 4.67 -11.03 -39.26
C CYS C 380 5.08 -9.65 -38.69
N PRO C 381 4.68 -9.30 -37.44
CA PRO C 381 3.76 -10.02 -36.53
C PRO C 381 2.33 -10.01 -37.05
N ARG C 382 1.56 -11.09 -36.78
CA ARG C 382 0.18 -11.22 -37.25
C ARG C 382 -0.74 -10.32 -36.45
N GLY C 383 -0.41 -10.09 -35.19
CA GLY C 383 -1.20 -9.25 -34.30
C GLY C 383 -2.52 -9.91 -33.94
N LEU C 384 -3.63 -9.19 -34.06
CA LEU C 384 -4.95 -9.74 -33.71
C LEU C 384 -5.29 -11.03 -34.52
N TYR C 385 -4.93 -11.05 -35.83
CA TYR C 385 -5.28 -12.17 -36.70
C TYR C 385 -4.73 -13.47 -36.19
N SER C 386 -5.61 -14.49 -36.03
CA SER C 386 -5.24 -15.82 -35.52
C SER C 386 -4.87 -15.87 -34.01
N GLY C 387 -5.11 -14.76 -33.33
CA GLY C 387 -5.01 -14.67 -31.88
C GLY C 387 -6.40 -14.90 -31.29
N ALA C 388 -6.73 -14.22 -30.20
CA ALA C 388 -8.06 -14.43 -29.60
C ALA C 388 -8.63 -13.15 -29.02
N VAL C 389 -9.94 -13.07 -28.97
CA VAL C 389 -10.69 -12.02 -28.28
C VAL C 389 -11.19 -12.76 -27.01
N VAL C 390 -10.96 -12.14 -25.85
CA VAL C 390 -11.23 -12.83 -24.58
C VAL C 390 -12.15 -12.07 -23.63
N MET C 391 -12.89 -12.84 -22.80
CA MET C 391 -13.77 -12.34 -21.74
C MET C 391 -13.41 -13.18 -20.52
N LEU C 392 -12.93 -12.50 -19.46
CA LEU C 392 -12.51 -13.13 -18.20
C LEU C 392 -13.46 -12.72 -17.07
N SER C 393 -13.72 -13.64 -16.13
CA SER C 393 -14.64 -13.40 -15.01
C SER C 393 -13.95 -13.61 -13.67
N ALA C 394 -14.34 -12.80 -12.66
CA ALA C 394 -13.79 -12.88 -11.30
C ALA C 394 -13.97 -14.29 -10.70
N ASP C 395 -15.00 -15.05 -11.13
CA ASP C 395 -15.26 -16.43 -10.64
C ASP C 395 -14.31 -17.49 -11.25
N GLY C 396 -13.33 -17.03 -12.03
CA GLY C 396 -12.34 -17.86 -12.68
C GLY C 396 -12.66 -18.18 -14.14
N GLY C 397 -13.77 -17.65 -14.63
CA GLY C 397 -14.20 -17.88 -16.00
C GLY C 397 -13.23 -17.29 -17.03
N LEU C 398 -13.14 -17.93 -18.21
CA LEU C 398 -12.35 -17.48 -19.35
C LEU C 398 -13.10 -17.95 -20.59
N ASP C 399 -13.33 -17.06 -21.56
CA ASP C 399 -13.91 -17.41 -22.84
C ASP C 399 -13.02 -16.79 -23.90
N ALA C 400 -12.40 -17.62 -24.78
CA ALA C 400 -11.44 -17.13 -25.79
C ALA C 400 -11.83 -17.62 -27.17
N ALA C 401 -12.22 -16.68 -28.02
CA ALA C 401 -12.64 -16.94 -29.36
C ALA C 401 -11.50 -16.70 -30.37
N LEU C 402 -11.32 -17.65 -31.28
CA LEU C 402 -10.29 -17.55 -32.32
C LEU C 402 -10.57 -16.42 -33.28
N THR C 403 -9.58 -15.48 -33.42
CA THR C 403 -9.77 -14.29 -34.29
C THR C 403 -9.50 -14.58 -35.77
N LEU C 404 -10.56 -14.84 -36.50
CA LEU C 404 -10.52 -15.09 -37.95
C LEU C 404 -11.79 -14.46 -38.43
N ARG C 405 -11.91 -14.23 -39.75
CA ARG C 405 -13.05 -13.61 -40.44
C ARG C 405 -13.32 -12.24 -39.75
N ALA C 406 -12.25 -11.46 -39.60
CA ALA C 406 -12.23 -10.16 -38.93
C ALA C 406 -11.70 -9.04 -39.82
N ALA C 407 -12.10 -7.80 -39.53
CA ALA C 407 -11.64 -6.60 -40.24
C ALA C 407 -10.93 -5.71 -39.20
N TYR C 408 -9.91 -4.96 -39.62
CA TYR C 408 -9.07 -4.16 -38.71
C TYR C 408 -8.80 -2.77 -39.24
N GLN C 409 -8.65 -1.79 -38.34
CA GLN C 409 -8.26 -0.44 -38.73
C GLN C 409 -7.31 0.08 -37.71
N VAL C 410 -6.09 0.40 -38.16
CA VAL C 410 -5.01 0.92 -37.31
C VAL C 410 -4.20 1.92 -38.14
N GLY C 411 -3.93 3.08 -37.54
CA GLY C 411 -3.14 4.17 -38.13
C GLY C 411 -3.46 4.56 -39.56
N GLY C 412 -4.73 4.70 -39.89
CA GLY C 412 -5.15 5.08 -41.24
C GLY C 412 -5.23 3.94 -42.24
N ARG C 413 -4.93 2.72 -41.80
CA ARG C 413 -4.97 1.52 -42.63
C ARG C 413 -6.16 0.63 -42.20
N THR C 414 -6.97 0.21 -43.17
CA THR C 414 -8.10 -0.70 -43.04
C THR C 414 -7.76 -1.95 -43.82
N TRP C 415 -7.93 -3.12 -43.21
CA TRP C 415 -7.65 -4.36 -43.93
C TRP C 415 -8.41 -5.59 -43.45
N LEU C 416 -8.44 -6.58 -44.33
CA LEU C 416 -9.00 -7.90 -44.11
C LEU C 416 -7.81 -8.87 -44.13
N ARG C 417 -8.02 -10.09 -43.62
CA ARG C 417 -7.01 -11.15 -43.52
C ARG C 417 -7.62 -12.55 -43.47
N ALA C 418 -7.21 -13.41 -44.44
CA ALA C 418 -7.69 -14.80 -44.52
C ALA C 418 -6.58 -15.72 -44.99
N GLY C 419 -6.60 -16.91 -44.41
CA GLY C 419 -5.59 -17.94 -44.63
C GLY C 419 -6.13 -19.26 -45.08
N ALA C 420 -5.23 -20.25 -45.16
CA ALA C 420 -5.56 -21.59 -45.61
C ALA C 420 -4.61 -22.58 -45.03
N GLY C 421 -5.12 -23.77 -44.78
CA GLY C 421 -4.33 -24.89 -44.29
C GLY C 421 -3.59 -25.49 -45.47
N ILE C 422 -2.25 -25.52 -45.36
CA ILE C 422 -1.35 -26.04 -46.41
C ILE C 422 -0.81 -27.41 -46.02
N ILE C 423 -1.02 -28.41 -46.89
CA ILE C 423 -0.49 -29.77 -46.75
C ILE C 423 0.20 -30.19 -48.07
N GLU C 424 1.04 -31.25 -48.03
CA GLU C 424 1.80 -31.77 -49.19
C GLU C 424 1.03 -31.70 -50.54
N GLU C 425 -0.25 -32.08 -50.54
CA GLU C 425 -1.13 -32.13 -51.71
C GLU C 425 -1.85 -30.82 -52.10
N SER C 426 -1.61 -29.75 -51.36
CA SER C 426 -2.28 -28.48 -51.62
C SER C 426 -1.84 -27.79 -52.89
N GLU C 427 -2.74 -27.18 -53.64
CA GLU C 427 -2.29 -26.43 -54.81
C GLU C 427 -2.56 -24.90 -54.79
N PRO C 428 -1.53 -24.12 -54.96
CA PRO C 428 -1.62 -22.66 -54.97
C PRO C 428 -2.94 -22.01 -55.40
N GLU C 429 -3.48 -22.32 -56.57
CA GLU C 429 -4.68 -21.69 -57.05
C GLU C 429 -5.93 -22.09 -56.26
N ARG C 430 -5.94 -23.33 -55.79
CA ARG C 430 -7.01 -23.86 -54.94
C ARG C 430 -6.98 -23.16 -53.58
N GLU C 431 -5.77 -22.94 -53.04
CA GLU C 431 -5.57 -22.29 -51.75
C GLU C 431 -5.88 -20.80 -51.79
N PHE C 432 -5.58 -20.14 -52.91
CA PHE C 432 -5.89 -18.72 -53.11
C PHE C 432 -7.40 -18.55 -53.20
N GLU C 433 -8.08 -19.55 -53.81
CA GLU C 433 -9.53 -19.56 -53.97
C GLU C 433 -10.20 -19.73 -52.61
N GLU C 434 -9.62 -20.58 -51.73
CA GLU C 434 -10.12 -20.84 -50.38
C GLU C 434 -10.05 -19.58 -49.49
N THR C 435 -9.05 -18.71 -49.72
CA THR C 435 -8.87 -17.45 -49.00
C THR C 435 -9.95 -16.46 -49.45
N CYS C 436 -10.24 -16.46 -50.77
CA CYS C 436 -11.29 -15.64 -51.39
C CYS C 436 -12.66 -16.03 -50.80
N GLU C 437 -12.86 -17.34 -50.52
CA GLU C 437 -14.08 -17.91 -49.94
C GLU C 437 -14.23 -17.44 -48.48
N LYS C 438 -13.11 -17.44 -47.73
CA LYS C 438 -13.11 -17.03 -46.33
C LYS C 438 -13.32 -15.54 -46.18
N LEU C 439 -12.86 -14.75 -47.16
CA LEU C 439 -13.05 -13.31 -47.19
C LEU C 439 -14.52 -12.93 -47.44
N SER C 440 -15.28 -13.78 -48.18
CA SER C 440 -16.69 -13.54 -48.50
C SER C 440 -17.66 -13.56 -47.31
N THR C 441 -17.12 -13.75 -46.09
CA THR C 441 -17.83 -13.65 -44.81
C THR C 441 -18.00 -12.13 -44.53
N LEU C 442 -17.08 -11.31 -45.06
CA LEU C 442 -17.07 -9.89 -44.87
C LEU C 442 -17.18 -9.01 -46.11
N THR C 443 -16.59 -9.44 -47.23
CA THR C 443 -16.47 -8.59 -48.40
C THR C 443 -17.74 -7.93 -48.99
N PRO C 444 -18.89 -8.56 -48.94
CA PRO C 444 -20.09 -7.87 -49.45
C PRO C 444 -20.85 -7.06 -48.38
N TYR C 445 -20.23 -6.88 -47.19
CA TYR C 445 -20.89 -6.21 -46.06
C TYR C 445 -20.16 -4.99 -45.48
N LEU C 446 -19.21 -4.42 -46.24
CA LEU C 446 -18.40 -3.27 -45.82
C LEU C 446 -19.12 -1.94 -46.04
N VAL C 447 -19.54 -1.30 -44.92
CA VAL C 447 -20.25 -0.02 -44.91
C VAL C 447 -19.23 1.11 -44.81
N ALA C 448 -19.23 2.03 -45.80
CA ALA C 448 -18.34 3.19 -45.84
C ALA C 448 -18.63 4.17 -44.69
N ARG C 449 -17.57 4.77 -44.12
CA ARG C 449 -17.66 5.74 -43.02
C ARG C 449 -18.55 6.96 -43.34
N SER D 16 35.81 18.02 -21.10
CA SER D 16 35.73 19.47 -21.22
C SER D 16 34.39 20.10 -21.64
N SER D 17 33.87 19.83 -22.82
CA SER D 17 32.62 20.51 -23.21
C SER D 17 31.60 19.53 -23.78
N ILE D 18 30.32 19.72 -23.42
CA ILE D 18 29.20 18.87 -23.86
C ILE D 18 27.89 19.68 -23.93
N PRO D 19 26.92 19.34 -24.81
CA PRO D 19 25.67 20.13 -24.84
C PRO D 19 24.65 19.63 -23.82
N MET D 20 23.60 20.38 -23.55
CA MET D 20 22.54 19.90 -22.71
C MET D 20 21.38 19.46 -23.60
N PRO D 21 21.14 18.16 -23.69
CA PRO D 21 20.07 17.66 -24.57
C PRO D 21 18.69 18.09 -24.09
N ASN D 25 17.01 20.26 -18.19
CA ASN D 25 16.83 21.37 -17.25
C ASN D 25 18.10 21.55 -16.39
N PRO D 26 18.75 22.74 -16.43
CA PRO D 26 19.99 22.95 -15.64
C PRO D 26 19.93 22.69 -14.14
N ALA D 27 18.83 23.05 -13.47
CA ALA D 27 18.67 22.85 -12.01
C ALA D 27 18.61 21.36 -11.65
N ASP D 28 17.83 20.59 -12.41
CA ASP D 28 17.63 19.16 -12.22
C ASP D 28 18.88 18.33 -12.51
N LEU D 29 19.53 18.56 -13.64
CA LEU D 29 20.78 17.84 -13.99
C LEU D 29 21.91 18.04 -13.00
N ALA D 30 22.29 19.27 -12.76
CA ALA D 30 23.37 19.62 -11.84
C ALA D 30 23.25 18.94 -10.48
N ALA D 31 22.02 18.92 -9.90
CA ALA D 31 21.74 18.28 -8.62
C ALA D 31 21.77 16.75 -8.72
N GLU D 32 21.47 16.20 -9.90
CA GLU D 32 21.49 14.76 -10.15
C GLU D 32 22.91 14.20 -10.22
N LEU D 33 23.87 15.00 -10.74
CA LEU D 33 25.28 14.62 -10.76
C LEU D 33 25.84 14.75 -9.33
N ALA D 34 25.31 15.72 -8.55
CA ALA D 34 25.73 15.95 -7.15
C ALA D 34 25.39 14.78 -6.22
N ALA D 35 24.28 14.07 -6.51
CA ALA D 35 23.80 12.95 -5.70
C ALA D 35 24.36 11.58 -6.11
N VAL D 36 24.53 11.38 -7.42
CA VAL D 36 24.97 10.11 -7.99
C VAL D 36 26.49 10.06 -8.09
N VAL D 37 27.08 11.03 -8.82
CA VAL D 37 28.52 11.12 -9.12
C VAL D 37 29.39 11.25 -7.89
N THR D 38 29.02 12.11 -6.93
CA THR D 38 29.83 12.25 -5.71
C THR D 38 29.80 10.99 -4.83
N GLU D 39 28.62 10.38 -4.68
CA GLU D 39 28.44 9.15 -3.90
C GLU D 39 29.29 7.98 -4.43
N SER D 40 29.38 7.83 -5.76
CA SER D 40 30.13 6.77 -6.44
C SER D 40 31.62 6.87 -6.17
N VAL D 41 32.15 8.09 -6.14
CA VAL D 41 33.56 8.35 -5.89
C VAL D 41 33.91 8.70 -4.44
N ASP D 42 32.92 8.69 -3.54
CA ASP D 42 33.07 8.97 -2.09
C ASP D 42 33.59 10.39 -1.83
N GLU D 43 32.83 11.36 -2.24
CA GLU D 43 33.35 12.71 -2.07
C GLU D 43 32.35 13.74 -1.64
N ASP D 44 32.84 14.68 -0.84
CA ASP D 44 32.02 15.81 -0.41
C ASP D 44 31.82 16.72 -1.65
N TYR D 45 30.88 17.67 -1.57
CA TYR D 45 30.61 18.53 -2.71
C TYR D 45 29.82 19.77 -2.30
N LEU D 46 29.75 20.73 -3.21
CA LEU D 46 28.96 21.95 -3.01
C LEU D 46 28.53 22.38 -4.40
N LEU D 47 27.23 22.51 -4.58
CA LEU D 47 26.60 22.95 -5.82
C LEU D 47 26.09 24.40 -5.65
N TYR D 48 26.57 25.33 -6.49
CA TYR D 48 26.20 26.75 -6.41
C TYR D 48 25.62 27.28 -7.74
N GLU D 49 24.45 27.92 -7.65
CA GLU D 49 23.76 28.52 -8.80
C GLU D 49 23.95 30.03 -8.81
N CYS D 50 24.61 30.52 -9.85
CA CYS D 50 24.89 31.95 -10.03
C CYS D 50 24.65 32.39 -11.47
N ASP D 51 23.50 33.07 -11.68
CA ASP D 51 23.05 33.64 -12.97
C ASP D 51 22.89 32.56 -14.05
N GLY D 52 21.95 31.64 -13.83
CA GLY D 52 21.64 30.52 -14.72
C GLY D 52 22.74 29.48 -14.90
N GLN D 53 23.83 29.62 -14.16
CA GLN D 53 25.00 28.76 -14.26
C GLN D 53 25.25 27.99 -12.95
N TRP D 54 25.20 26.66 -13.01
CA TRP D 54 25.30 25.77 -11.85
C TRP D 54 26.69 25.16 -11.74
N VAL D 55 27.46 25.53 -10.72
CA VAL D 55 28.81 24.96 -10.56
C VAL D 55 28.82 23.90 -9.47
N LEU D 56 29.02 22.63 -9.88
CA LEU D 56 29.12 21.54 -8.93
C LEU D 56 30.59 21.34 -8.64
N ALA D 57 30.99 21.72 -7.42
CA ALA D 57 32.36 21.59 -6.97
C ALA D 57 32.41 20.26 -6.23
N ALA D 58 33.05 19.25 -6.83
CA ALA D 58 33.05 17.90 -6.27
C ALA D 58 34.42 17.44 -5.84
N GLY D 59 34.50 16.92 -4.61
CA GLY D 59 35.75 16.44 -4.03
C GLY D 59 36.55 17.54 -3.37
N VAL D 60 37.32 17.19 -2.34
CA VAL D 60 38.13 18.17 -1.64
C VAL D 60 39.62 18.07 -2.05
N GLN D 61 40.06 18.97 -2.97
CA GLN D 61 41.46 19.03 -3.40
C GLN D 61 42.28 19.63 -2.24
N ALA D 62 41.72 20.69 -1.58
CA ALA D 62 42.31 21.37 -0.43
C ALA D 62 41.22 22.02 0.43
N MET D 63 41.38 22.07 1.75
CA MET D 63 40.39 22.65 2.67
C MET D 63 40.90 23.74 3.61
N VAL D 64 40.19 24.89 3.62
CA VAL D 64 40.47 25.98 4.56
C VAL D 64 39.41 25.94 5.64
N GLU D 65 39.82 25.78 6.88
CA GLU D 65 38.91 25.79 8.01
C GLU D 65 39.26 26.98 8.89
N LEU D 66 38.32 27.92 9.02
CA LEU D 66 38.54 29.07 9.90
C LEU D 66 37.64 28.95 11.09
N ASP D 67 38.26 28.89 12.25
CA ASP D 67 37.56 28.88 13.52
C ASP D 67 37.90 30.19 14.25
N SER D 68 37.26 30.41 15.39
CA SER D 68 37.44 31.61 16.22
C SER D 68 38.85 31.66 16.83
N ASP D 69 39.38 30.51 17.27
CA ASP D 69 40.71 30.40 17.88
C ASP D 69 41.82 29.80 16.99
N GLU D 70 41.53 29.43 15.71
CA GLU D 70 42.50 28.78 14.81
C GLU D 70 42.15 28.86 13.30
N LEU D 71 43.18 28.75 12.42
CA LEU D 71 43.08 28.67 10.96
C LEU D 71 43.75 27.33 10.53
N ARG D 72 43.27 26.69 9.43
CA ARG D 72 43.75 25.37 8.94
C ARG D 72 43.71 25.23 7.42
N VAL D 73 44.82 24.77 6.82
CA VAL D 73 44.92 24.53 5.39
C VAL D 73 45.27 23.05 5.21
N ILE D 74 44.33 22.28 4.68
CA ILE D 74 44.53 20.83 4.49
C ILE D 74 44.65 20.55 3.01
N ARG D 75 45.83 20.10 2.61
CA ARG D 75 46.16 19.82 1.22
C ARG D 75 47.14 18.64 1.16
N ASP D 76 46.74 17.64 0.39
CA ASP D 76 47.49 16.41 0.12
C ASP D 76 47.89 15.66 1.40
N GLY D 77 46.89 15.29 2.21
CA GLY D 77 47.07 14.58 3.46
C GLY D 77 47.80 15.33 4.56
N VAL D 78 48.30 16.56 4.26
CA VAL D 78 49.05 17.43 5.16
C VAL D 78 48.21 18.63 5.62
N THR D 79 48.20 18.85 6.94
CA THR D 79 47.49 19.93 7.62
C THR D 79 48.48 21.00 8.08
N ARG D 80 48.29 22.23 7.60
CA ARG D 80 49.09 23.38 8.00
C ARG D 80 48.15 24.29 8.82
N ARG D 81 48.49 24.57 10.06
CA ARG D 81 47.75 25.56 10.77
C ARG D 81 48.48 26.85 10.96
N GLN D 82 47.79 27.77 11.64
CA GLN D 82 48.37 28.92 12.28
C GLN D 82 47.37 29.67 13.12
N GLN D 83 47.79 30.19 14.27
CA GLN D 83 46.90 31.00 15.05
C GLN D 83 46.57 32.23 14.27
N TRP D 84 45.42 32.82 14.57
CA TRP D 84 44.98 33.93 13.76
C TRP D 84 44.60 35.15 14.61
N SER D 85 44.67 36.33 13.98
CA SER D 85 44.34 37.61 14.61
C SER D 85 43.79 38.64 13.60
N GLY D 86 43.21 39.71 14.13
CA GLY D 86 42.67 40.82 13.35
C GLY D 86 41.39 40.47 12.63
N ARG D 87 41.19 41.07 11.45
CA ARG D 87 40.02 40.80 10.62
C ARG D 87 40.01 39.40 10.05
N PRO D 88 38.92 38.71 10.30
CA PRO D 88 38.83 37.31 9.91
C PRO D 88 38.99 37.16 8.44
N GLY D 89 38.46 38.10 7.69
CA GLY D 89 38.57 38.13 6.28
C GLY D 89 39.98 38.12 5.73
N ALA D 90 40.91 38.73 6.45
CA ALA D 90 42.31 38.82 6.06
C ALA D 90 42.95 37.42 5.98
N ALA D 91 42.81 36.62 7.05
CA ALA D 91 43.35 35.25 7.15
C ALA D 91 42.73 34.35 6.07
N LEU D 92 41.38 34.40 5.94
CA LEU D 92 40.59 33.63 4.98
C LEU D 92 40.90 34.05 3.54
N GLY D 93 40.93 35.36 3.27
CA GLY D 93 41.24 35.88 1.95
C GLY D 93 42.59 35.42 1.44
N GLU D 94 43.60 35.41 2.34
CA GLU D 94 44.99 35.00 2.09
C GLU D 94 45.03 33.52 1.62
N ALA D 95 44.44 32.62 2.43
CA ALA D 95 44.37 31.18 2.15
C ALA D 95 43.54 30.88 0.87
N VAL D 96 42.40 31.56 0.69
CA VAL D 96 41.57 31.39 -0.51
C VAL D 96 42.33 31.84 -1.79
N ASP D 97 43.17 32.91 -1.66
CA ASP D 97 44.01 33.43 -2.76
C ASP D 97 45.04 32.35 -3.14
N ARG D 98 45.61 31.67 -2.12
CA ARG D 98 46.58 30.59 -2.27
C ARG D 98 45.99 29.39 -3.02
N LEU D 99 44.76 28.95 -2.63
CA LEU D 99 44.06 27.83 -3.28
C LEU D 99 43.80 28.20 -4.73
N LEU D 100 43.41 29.47 -4.99
CA LEU D 100 43.10 29.97 -6.32
C LEU D 100 44.30 30.14 -7.27
N LEU D 101 45.49 30.14 -6.72
CA LEU D 101 46.67 30.26 -7.52
C LEU D 101 46.52 29.04 -8.39
N GLU D 102 46.53 27.90 -7.72
CA GLU D 102 46.45 26.58 -8.32
C GLU D 102 45.09 25.89 -8.18
N THR D 103 44.04 26.52 -8.70
CA THR D 103 42.73 26.00 -9.10
C THR D 103 41.90 27.21 -9.55
N ASP D 104 40.92 27.03 -10.42
CA ASP D 104 40.20 28.17 -10.95
C ASP D 104 39.07 28.70 -10.06
N GLN D 105 38.44 27.84 -9.27
CA GLN D 105 37.46 28.30 -8.31
C GLN D 105 37.59 27.62 -6.98
N ALA D 106 37.07 28.28 -5.95
CA ALA D 106 36.98 27.77 -4.58
C ALA D 106 35.55 28.04 -4.06
N PHE D 107 35.06 27.15 -3.16
CA PHE D 107 33.67 27.19 -2.68
C PHE D 107 33.56 26.89 -1.21
N GLY D 108 32.48 27.34 -0.60
CA GLY D 108 32.27 27.08 0.81
C GLY D 108 31.20 27.91 1.46
N TRP D 109 31.26 27.93 2.78
CA TRP D 109 30.33 28.65 3.61
C TRP D 109 30.99 29.52 4.63
N VAL D 110 30.26 30.56 5.05
CA VAL D 110 30.71 31.54 6.00
C VAL D 110 29.61 31.66 7.07
N ALA D 111 29.98 31.47 8.34
CA ALA D 111 29.04 31.49 9.45
C ALA D 111 28.61 32.93 9.78
N PHE D 112 27.46 33.08 10.47
CA PHE D 112 27.02 34.39 10.94
C PHE D 112 28.13 35.00 11.86
N GLU D 113 28.78 34.13 12.68
CA GLU D 113 29.83 34.49 13.63
C GLU D 113 31.07 35.15 13.03
N PHE D 114 31.27 35.00 11.72
CA PHE D 114 32.38 35.63 10.98
C PHE D 114 32.22 37.18 10.98
N GLY D 115 30.97 37.65 11.13
CA GLY D 115 30.64 39.08 11.12
C GLY D 115 30.69 39.80 12.44
N VAL D 116 31.08 39.12 13.54
CA VAL D 116 31.12 39.76 14.88
C VAL D 116 32.41 40.55 15.22
N HIS D 117 33.56 40.16 14.64
CA HIS D 117 34.90 40.71 14.89
C HIS D 117 35.02 42.19 14.57
N ARG D 118 34.35 42.59 13.51
CA ARG D 118 34.38 43.99 13.08
C ARG D 118 33.75 44.95 14.06
N TYR D 119 32.98 44.41 14.97
CA TYR D 119 32.32 45.15 16.06
C TYR D 119 32.99 44.87 17.39
N GLY D 120 34.17 44.23 17.32
CA GLY D 120 34.98 43.87 18.48
C GLY D 120 34.25 42.98 19.47
N LEU D 121 33.28 42.16 18.97
CA LEU D 121 32.44 41.28 19.77
C LEU D 121 32.92 39.82 19.86
N GLN D 122 34.13 39.55 19.37
CA GLN D 122 34.72 38.20 19.34
C GLN D 122 34.84 37.47 20.66
N GLN D 123 35.01 38.19 21.80
CA GLN D 123 35.07 37.54 23.13
C GLN D 123 33.75 36.89 23.57
N ARG D 124 32.63 37.21 22.88
CA ARG D 124 31.32 36.65 23.19
C ARG D 124 31.18 35.26 22.55
N LEU D 125 32.12 34.87 21.68
CA LEU D 125 32.13 33.58 21.01
C LEU D 125 32.72 32.49 21.91
N ALA D 126 32.17 31.26 21.80
CA ALA D 126 32.66 30.09 22.53
C ALA D 126 33.97 29.63 21.88
N PRO D 127 34.82 28.87 22.54
CA PRO D 127 36.01 28.39 21.82
C PRO D 127 35.64 27.44 20.69
N HIS D 128 36.53 27.28 19.75
CA HIS D 128 36.33 26.46 18.59
C HIS D 128 35.09 26.79 17.78
N THR D 129 34.67 28.06 17.71
CA THR D 129 33.49 28.43 16.90
C THR D 129 33.84 28.48 15.44
N PRO D 130 33.16 27.70 14.61
CA PRO D 130 33.48 27.73 13.18
C PRO D 130 33.02 29.04 12.55
N LEU D 131 33.86 29.60 11.66
CA LEU D 131 33.63 30.89 10.99
C LEU D 131 33.46 30.72 9.51
N ALA D 132 34.24 29.79 8.91
CA ALA D 132 34.18 29.52 7.50
C ALA D 132 34.83 28.17 7.17
N ARG D 133 34.38 27.60 6.05
CA ARG D 133 34.90 26.36 5.47
C ARG D 133 34.90 26.60 3.99
N VAL D 134 36.09 26.68 3.38
CA VAL D 134 36.22 26.95 1.96
C VAL D 134 37.16 25.90 1.36
N PHE D 135 36.78 25.30 0.21
CA PHE D 135 37.61 24.27 -0.40
C PHE D 135 37.80 24.48 -1.89
N SER D 136 38.92 23.97 -2.42
CA SER D 136 39.14 23.94 -3.85
C SER D 136 38.72 22.51 -4.27
N PRO D 137 37.81 22.40 -5.27
CA PRO D 137 37.31 21.07 -5.65
C PRO D 137 38.31 20.29 -6.50
N ARG D 138 38.13 18.96 -6.59
CA ARG D 138 38.97 18.14 -7.45
C ARG D 138 38.42 18.20 -8.87
N THR D 139 37.11 18.34 -9.00
CA THR D 139 36.43 18.43 -10.27
C THR D 139 35.29 19.48 -10.26
N ARG D 140 34.93 20.04 -11.41
CA ARG D 140 33.84 21.00 -11.55
C ARG D 140 32.92 20.64 -12.70
N ILE D 141 31.61 20.60 -12.46
CA ILE D 141 30.61 20.35 -13.50
C ILE D 141 29.75 21.61 -13.60
N MET D 142 29.98 22.42 -14.64
CA MET D 142 29.22 23.66 -14.86
C MET D 142 28.03 23.34 -15.75
N VAL D 143 26.82 23.36 -15.17
CA VAL D 143 25.57 23.04 -15.86
C VAL D 143 24.74 24.31 -16.12
N SER D 144 24.91 24.89 -17.32
CA SER D 144 24.21 26.11 -17.75
C SER D 144 23.00 25.83 -18.64
N GLU D 145 22.31 26.92 -19.10
CA GLU D 145 21.14 26.90 -19.98
C GLU D 145 21.34 26.02 -21.21
N LYS D 146 22.59 25.95 -21.72
CA LYS D 146 23.02 25.13 -22.83
C LYS D 146 24.19 24.24 -22.37
N GLU D 147 25.44 24.62 -22.69
CA GLU D 147 26.69 23.90 -22.40
C GLU D 147 26.86 23.31 -20.98
N ILE D 148 27.15 21.99 -20.92
CA ILE D 148 27.50 21.26 -19.70
C ILE D 148 29.03 21.19 -19.73
N ARG D 149 29.69 22.18 -19.11
CA ARG D 149 31.15 22.27 -19.07
C ARG D 149 31.74 21.26 -18.08
N LEU D 150 32.99 20.85 -18.33
CA LEU D 150 33.71 19.88 -17.51
C LEU D 150 35.13 20.38 -17.21
N PHE D 151 35.53 20.36 -15.93
CA PHE D 151 36.84 20.80 -15.47
C PHE D 151 37.48 19.74 -14.58
N ASP D 152 38.74 19.36 -14.89
CA ASP D 152 39.57 18.37 -14.19
C ASP D 152 38.84 17.07 -13.78
N ALA D 153 38.02 16.55 -14.70
CA ALA D 153 37.28 15.30 -14.50
C ALA D 153 38.09 14.09 -14.95
N GLY D 154 38.33 13.18 -14.01
CA GLY D 154 39.05 11.92 -14.24
C GLY D 154 38.15 10.89 -14.88
N ILE D 155 38.69 9.67 -15.14
CA ILE D 155 37.93 8.58 -15.78
C ILE D 155 36.60 8.27 -15.05
N ARG D 156 36.66 8.19 -13.70
CA ARG D 156 35.54 7.90 -12.82
C ARG D 156 34.40 8.93 -12.89
N HIS D 157 34.75 10.24 -12.95
CA HIS D 157 33.77 11.35 -13.05
C HIS D 157 33.12 11.41 -14.41
N ARG D 158 33.95 11.39 -15.49
CA ARG D 158 33.52 11.46 -16.89
C ARG D 158 32.55 10.31 -17.23
N GLU D 159 32.86 9.07 -16.77
CA GLU D 159 32.03 7.86 -16.97
C GLU D 159 30.69 7.97 -16.24
N ALA D 160 30.71 8.43 -14.97
CA ALA D 160 29.51 8.63 -14.16
C ALA D 160 28.64 9.75 -14.74
N ILE D 161 29.29 10.80 -15.32
CA ILE D 161 28.61 11.92 -15.98
C ILE D 161 27.84 11.42 -17.19
N ASP D 162 28.43 10.43 -17.93
CA ASP D 162 27.85 9.80 -19.11
C ASP D 162 26.61 8.97 -18.74
N ARG D 163 26.72 8.12 -17.69
CA ARG D 163 25.66 7.22 -17.22
C ARG D 163 24.37 7.94 -16.84
N LEU D 165 24.10 10.77 -17.44
CA LEU D 165 23.24 11.54 -18.30
C LEU D 165 22.43 10.66 -19.27
N ALA D 166 23.06 9.61 -19.78
CA ALA D 166 22.40 8.87 -20.80
C ALA D 166 20.98 8.70 -20.41
N THR D 167 20.74 8.71 -19.11
CA THR D 167 19.47 8.27 -18.58
C THR D 167 18.62 9.38 -17.97
N GLY D 168 19.22 10.53 -17.72
CA GLY D 168 18.41 11.67 -17.57
C GLY D 168 17.68 11.59 -16.27
N VAL D 169 16.85 12.58 -15.98
CA VAL D 169 16.48 12.80 -14.62
C VAL D 169 15.51 11.78 -14.04
N ARG D 170 15.85 11.36 -12.84
CA ARG D 170 15.14 10.26 -12.19
C ARG D 170 13.62 10.48 -12.11
N GLU D 171 13.25 11.62 -11.50
CA GLU D 171 11.88 12.10 -11.20
C GLU D 171 11.77 12.44 -9.68
N VAL D 172 11.03 13.48 -9.28
CA VAL D 172 11.00 13.82 -7.86
C VAL D 172 9.79 13.23 -7.19
N PRO D 173 10.00 12.48 -6.13
CA PRO D 173 8.91 11.81 -5.47
C PRO D 173 8.09 12.88 -4.88
N GLN D 174 7.03 12.51 -4.22
CA GLN D 174 6.14 13.48 -3.63
C GLN D 174 6.73 13.90 -2.31
N SER D 175 6.26 15.04 -1.79
CA SER D 175 6.84 15.68 -0.62
C SER D 175 6.07 15.44 0.66
N ARG D 176 6.75 15.50 1.80
CA ARG D 176 6.18 15.30 3.12
C ARG D 176 6.04 16.49 4.08
N SER D 177 4.91 16.51 4.76
CA SER D 177 4.51 17.55 5.69
C SER D 177 5.27 17.47 7.02
N VAL D 178 5.40 18.63 7.71
CA VAL D 178 6.04 18.82 9.01
C VAL D 178 5.30 19.95 9.79
N ASP D 179 5.18 19.80 11.13
CA ASP D 179 4.53 20.82 11.97
C ASP D 179 5.51 21.91 12.43
N VAL D 180 5.21 23.17 12.05
CA VAL D 180 6.00 24.37 12.36
C VAL D 180 5.27 25.35 13.33
N SER D 181 4.23 24.90 14.02
CA SER D 181 3.46 25.80 14.85
C SER D 181 3.75 25.75 16.34
N ASP D 182 4.63 24.88 16.78
CA ASP D 182 5.11 24.84 18.16
C ASP D 182 6.29 25.81 18.36
N ASP D 183 6.61 26.15 19.61
CA ASP D 183 7.55 27.19 19.99
C ASP D 183 8.42 26.80 21.19
N PRO D 184 9.25 25.78 21.04
CA PRO D 184 10.12 25.28 22.12
C PRO D 184 11.19 26.26 22.59
N SER D 185 11.65 27.16 21.70
CA SER D 185 12.72 28.12 22.01
C SER D 185 12.25 29.41 22.68
N GLY D 186 10.93 29.58 22.77
CA GLY D 186 10.31 30.76 23.39
C GLY D 186 10.48 32.01 22.55
N PHE D 187 10.32 31.86 21.21
CA PHE D 187 10.44 32.93 20.22
C PHE D 187 9.57 34.14 20.58
N ARG D 188 8.25 33.91 20.82
CA ARG D 188 7.26 34.94 21.20
C ARG D 188 7.73 35.80 22.39
N ARG D 189 8.27 35.13 23.43
CA ARG D 189 8.83 35.71 24.66
C ARG D 189 10.06 36.56 24.32
N ARG D 190 10.99 36.00 23.49
CA ARG D 190 12.22 36.65 23.04
C ARG D 190 11.93 37.91 22.20
N VAL D 191 10.86 37.87 21.38
CA VAL D 191 10.42 39.01 20.58
C VAL D 191 9.96 40.12 21.53
N ALA D 192 9.13 39.77 22.56
CA ALA D 192 8.63 40.70 23.57
C ALA D 192 9.78 41.40 24.31
N VAL D 193 10.89 40.67 24.59
CA VAL D 193 12.08 41.24 25.25
C VAL D 193 12.72 42.30 24.33
N ALA D 194 12.90 41.95 23.03
CA ALA D 194 13.48 42.82 22.00
C ALA D 194 12.70 44.15 21.85
N VAL D 195 11.34 44.06 21.81
CA VAL D 195 10.42 45.21 21.70
C VAL D 195 10.64 46.20 22.84
N ASP D 196 10.80 45.70 24.10
CA ASP D 196 11.08 46.52 25.29
C ASP D 196 12.40 47.29 25.10
N GLU D 197 13.47 46.58 24.67
CA GLU D 197 14.82 47.10 24.42
C GLU D 197 14.81 48.22 23.40
N ILE D 198 14.01 48.05 22.30
CA ILE D 198 13.83 49.04 21.23
C ILE D 198 13.13 50.28 21.80
N ALA D 199 11.99 50.09 22.53
CA ALA D 199 11.23 51.16 23.19
C ALA D 199 12.11 51.98 24.16
N ALA D 200 13.18 51.36 24.69
CA ALA D 200 14.15 51.95 25.60
C ALA D 200 15.31 52.66 24.86
N GLY D 201 15.29 52.60 23.53
CA GLY D 201 16.30 53.21 22.67
C GLY D 201 17.63 52.47 22.58
N ARG D 202 17.62 51.13 22.82
CA ARG D 202 18.84 50.32 22.76
C ARG D 202 19.32 50.17 21.31
N TYR D 203 18.36 49.97 20.39
CA TYR D 203 18.57 49.82 18.94
C TYR D 203 17.23 49.99 18.25
N HIS D 204 17.24 50.14 16.93
CA HIS D 204 16.05 50.37 16.12
C HIS D 204 15.40 49.06 15.65
N LYS D 205 16.20 48.07 15.22
CA LYS D 205 15.70 46.80 14.68
C LYS D 205 16.69 45.66 14.92
N VAL D 206 16.15 44.47 15.22
CA VAL D 206 16.90 43.22 15.42
C VAL D 206 16.11 42.08 14.80
N ILE D 207 16.80 41.17 14.12
CA ILE D 207 16.16 40.00 13.53
C ILE D 207 16.40 38.85 14.50
N LEU D 208 15.31 38.27 15.04
CA LEU D 208 15.42 37.12 15.94
C LEU D 208 14.85 35.94 15.19
N SER D 209 15.24 34.72 15.58
CA SER D 209 14.84 33.53 14.86
C SER D 209 14.51 32.35 15.79
N ARG D 210 14.04 31.27 15.18
CA ARG D 210 13.73 30.02 15.87
C ARG D 210 14.06 28.83 14.97
N CYS D 211 14.61 27.79 15.58
CA CYS D 211 14.95 26.54 14.93
C CYS D 211 13.72 25.63 14.92
N VAL D 212 13.49 24.93 13.80
CA VAL D 212 12.39 23.99 13.63
C VAL D 212 13.01 22.63 13.27
N GLU D 213 12.92 21.68 14.18
CA GLU D 213 13.38 20.30 13.97
C GLU D 213 12.59 19.55 12.94
N VAL D 214 13.23 18.91 11.97
CA VAL D 214 12.52 18.06 11.00
C VAL D 214 12.59 16.64 11.59
N PRO D 215 11.44 16.01 11.94
CA PRO D 215 11.47 14.69 12.59
C PRO D 215 12.00 13.55 11.72
N PHE D 216 11.92 13.68 10.39
CA PHE D 216 12.36 12.66 9.43
C PHE D 216 13.59 13.10 8.62
N ALA D 217 14.36 12.12 8.11
CA ALA D 217 15.53 12.34 7.28
C ALA D 217 15.06 12.77 5.89
N ILE D 218 15.74 13.76 5.31
CA ILE D 218 15.37 14.30 3.99
C ILE D 218 16.45 14.02 2.95
N ASP D 219 16.06 13.90 1.68
CA ASP D 219 17.01 13.72 0.61
C ASP D 219 17.29 15.14 0.13
N PHE D 220 18.47 15.69 0.53
CA PHE D 220 18.87 17.05 0.18
C PHE D 220 18.88 17.29 -1.33
N PRO D 221 19.50 16.43 -2.18
CA PRO D 221 19.48 16.69 -3.63
C PRO D 221 18.09 16.73 -4.30
N LEU D 222 17.10 15.95 -3.78
CA LEU D 222 15.72 15.93 -4.30
C LEU D 222 14.91 17.11 -3.78
N THR D 223 15.13 17.48 -2.49
CA THR D 223 14.49 18.63 -1.84
C THR D 223 14.97 19.91 -2.54
N TYR D 224 16.25 19.97 -2.90
CA TYR D 224 16.78 21.09 -3.64
C TYR D 224 16.10 21.30 -4.98
N ARG D 225 15.97 20.21 -5.71
CA ARG D 225 15.33 20.20 -6.99
C ARG D 225 13.86 20.65 -6.91
N LEU D 226 13.12 20.14 -5.95
CA LEU D 226 11.71 20.46 -5.76
C LEU D 226 11.49 21.93 -5.43
N GLY D 227 12.11 22.41 -4.35
CA GLY D 227 12.00 23.80 -3.93
C GLY D 227 12.41 24.76 -5.02
N ARG D 228 13.40 24.38 -5.79
CA ARG D 228 13.97 25.24 -6.80
C ARG D 228 13.01 25.55 -7.97
N ARG D 229 12.12 24.62 -8.24
CA ARG D 229 11.11 24.85 -9.26
C ARG D 229 9.98 25.77 -8.73
N HIS D 230 9.81 25.80 -7.41
CA HIS D 230 8.77 26.63 -6.79
C HIS D 230 9.28 27.85 -6.06
N ASN D 231 10.40 28.37 -6.51
CA ASN D 231 11.07 29.44 -5.87
C ASN D 231 11.91 29.95 -7.00
N THR D 232 12.13 31.25 -7.04
CA THR D 232 13.11 31.82 -7.92
C THR D 232 13.81 32.72 -6.93
N PRO D 233 15.07 32.42 -6.60
CA PRO D 233 15.84 33.17 -5.64
C PRO D 233 16.99 33.84 -6.33
N VAL D 234 17.68 34.70 -5.61
CA VAL D 234 18.80 35.43 -6.22
C VAL D 234 19.93 34.43 -6.53
N ARG D 235 20.13 33.47 -5.62
CA ARG D 235 21.12 32.38 -5.69
C ARG D 235 20.54 31.14 -4.96
N SER D 236 21.11 29.98 -5.23
CA SER D 236 20.71 28.74 -4.55
C SER D 236 21.91 27.83 -4.32
N PHE D 237 21.79 26.89 -3.36
CA PHE D 237 22.89 25.99 -3.03
C PHE D 237 22.42 24.66 -2.50
N LEU D 238 23.33 23.68 -2.57
CA LEU D 238 23.18 22.29 -2.11
C LEU D 238 24.58 21.76 -1.78
N LEU D 239 24.79 21.22 -0.55
CA LEU D 239 26.13 20.72 -0.21
C LEU D 239 26.14 19.56 0.79
N GLN D 240 27.26 18.84 0.82
CA GLN D 240 27.63 17.82 1.80
C GLN D 240 29.12 18.11 2.05
N LEU D 241 29.44 18.69 3.19
CA LEU D 241 30.81 19.08 3.44
C LEU D 241 31.16 18.96 4.90
N GLY D 242 32.19 18.18 5.19
CA GLY D 242 32.70 17.97 6.53
C GLY D 242 31.67 17.55 7.54
N GLY D 243 30.73 16.68 7.12
CA GLY D 243 29.67 16.16 7.97
C GLY D 243 28.39 16.98 8.01
N ILE D 244 28.37 18.07 7.25
CA ILE D 244 27.20 18.92 7.20
C ILE D 244 26.52 18.71 5.86
N ARG D 245 25.20 18.53 5.89
CA ARG D 245 24.37 18.57 4.70
C ARG D 245 23.58 19.88 4.79
N ALA D 246 23.50 20.64 3.69
CA ALA D 246 22.71 21.89 3.67
C ALA D 246 22.22 22.24 2.26
N LEU D 247 21.05 22.93 2.19
CA LEU D 247 20.48 23.44 0.94
C LEU D 247 19.75 24.76 1.22
N GLY D 248 19.66 25.65 0.23
CA GLY D 248 18.94 26.90 0.44
C GLY D 248 18.69 27.74 -0.78
N TYR D 249 17.67 28.60 -0.69
CA TYR D 249 17.26 29.54 -1.73
C TYR D 249 17.48 30.91 -1.17
N SER D 250 18.66 31.44 -1.47
CA SER D 250 19.12 32.73 -0.98
C SER D 250 18.23 33.89 -1.47
N PRO D 251 17.65 34.68 -0.53
CA PRO D 251 16.78 35.80 -0.94
C PRO D 251 17.49 37.15 -1.09
N GLU D 252 18.83 37.16 -0.98
CA GLU D 252 19.65 38.37 -1.06
C GLU D 252 21.10 38.02 -1.42
N LEU D 253 21.77 38.96 -2.10
CA LEU D 253 23.16 38.84 -2.51
C LEU D 253 23.96 39.79 -1.61
N VAL D 254 24.74 39.23 -0.68
CA VAL D 254 25.56 39.99 0.29
C VAL D 254 26.60 40.84 -0.46
N THR D 255 27.28 40.21 -1.43
CA THR D 255 28.37 40.83 -2.18
C THR D 255 28.55 40.04 -3.47
N ALA D 256 28.88 40.76 -4.54
CA ALA D 256 29.25 40.21 -5.83
C ALA D 256 30.38 41.08 -6.30
N VAL D 257 31.56 40.46 -6.44
CA VAL D 257 32.77 41.11 -6.90
C VAL D 257 33.08 40.53 -8.28
N ARG D 258 33.22 41.42 -9.29
CA ARG D 258 33.52 41.04 -10.68
C ARG D 258 35.04 41.00 -10.88
N ALA D 259 35.50 40.40 -12.00
CA ALA D 259 36.94 40.33 -12.34
C ALA D 259 37.52 41.75 -12.54
N ASP D 260 36.73 42.67 -13.15
CA ASP D 260 37.11 44.08 -13.42
C ASP D 260 37.44 44.87 -12.15
N GLY D 261 36.68 44.62 -11.08
CA GLY D 261 36.87 45.25 -9.77
C GLY D 261 35.61 45.88 -9.21
N VAL D 262 34.48 45.74 -9.93
CA VAL D 262 33.18 46.27 -9.53
C VAL D 262 32.57 45.40 -8.41
N VAL D 263 32.23 46.05 -7.29
CA VAL D 263 31.64 45.45 -6.09
C VAL D 263 30.16 45.86 -6.05
N ILE D 264 29.27 44.87 -5.97
CA ILE D 264 27.83 45.06 -5.93
C ILE D 264 27.22 44.43 -4.67
N THR D 265 26.23 45.11 -4.10
CA THR D 265 25.42 44.65 -2.98
C THR D 265 23.99 45.09 -3.22
N GLU D 266 23.04 44.18 -2.99
CA GLU D 266 21.64 44.46 -3.23
C GLU D 266 20.71 44.24 -2.03
N PRO D 267 20.70 45.16 -1.02
CA PRO D 267 19.75 45.01 0.09
C PRO D 267 18.33 45.20 -0.44
N LEU D 268 17.45 44.22 -0.17
CA LEU D 268 16.06 44.24 -0.62
C LEU D 268 15.11 44.51 0.54
N ALA D 269 13.95 45.13 0.25
CA ALA D 269 12.92 45.49 1.24
C ALA D 269 11.76 44.48 1.20
N ALA D 284 -0.98 46.88 -6.03
CA ALA D 284 -0.12 46.34 -4.97
C ALA D 284 1.31 46.86 -5.18
N ARG D 285 1.74 46.98 -6.46
CA ARG D 285 3.04 47.51 -6.86
C ARG D 285 3.10 49.00 -6.50
N ASP D 286 1.95 49.69 -6.63
CA ASP D 286 1.78 51.11 -6.29
C ASP D 286 1.88 51.28 -4.76
N ASP D 287 1.39 50.27 -3.99
CA ASP D 287 1.43 50.24 -2.52
C ASP D 287 2.85 49.92 -2.04
N LEU D 288 3.60 49.09 -2.79
CA LEU D 288 5.00 48.72 -2.50
C LEU D 288 5.87 50.00 -2.45
N GLU D 289 5.74 50.86 -3.48
CA GLU D 289 6.46 52.13 -3.64
C GLU D 289 6.00 53.24 -2.67
N SER D 290 4.71 53.20 -2.25
CA SER D 290 4.08 54.21 -1.38
C SER D 290 4.17 53.96 0.14
N ASN D 291 4.36 52.69 0.56
CA ASN D 291 4.42 52.30 1.99
C ASN D 291 5.54 53.00 2.73
N SER D 292 5.16 53.92 3.66
CA SER D 292 6.09 54.72 4.46
C SER D 292 7.02 53.88 5.34
N LYS D 293 6.45 53.00 6.19
CA LYS D 293 7.20 52.14 7.11
C LYS D 293 8.30 51.34 6.42
N GLU D 294 8.02 50.81 5.23
CA GLU D 294 8.96 50.02 4.42
C GLU D 294 10.02 50.89 3.74
N ILE D 295 9.66 52.15 3.37
CA ILE D 295 10.61 53.11 2.77
C ILE D 295 11.68 53.49 3.80
N VAL D 296 11.27 53.79 5.06
CA VAL D 296 12.16 54.15 6.20
C VAL D 296 13.26 53.10 6.39
N GLU D 297 12.84 51.83 6.59
CA GLU D 297 13.73 50.70 6.81
C GLU D 297 14.74 50.49 5.68
N HIS D 298 14.26 50.60 4.42
CA HIS D 298 15.08 50.46 3.23
C HIS D 298 16.12 51.59 3.09
N ALA D 299 15.68 52.84 3.27
CA ALA D 299 16.54 54.03 3.23
C ALA D 299 17.66 53.92 4.28
N ILE D 300 17.33 53.49 5.53
CA ILE D 300 18.30 53.30 6.63
C ILE D 300 19.34 52.25 6.22
N SER D 301 18.87 51.14 5.61
CA SER D 301 19.74 50.07 5.14
C SER D 301 20.63 50.53 3.97
N VAL D 302 20.03 51.29 3.02
CA VAL D 302 20.79 51.83 1.88
C VAL D 302 21.92 52.73 2.39
N ARG D 303 21.60 53.64 3.34
CA ARG D 303 22.60 54.53 3.94
C ARG D 303 23.75 53.70 4.58
N SER D 304 23.39 52.65 5.35
CA SER D 304 24.34 51.73 5.99
C SER D 304 25.27 51.03 4.98
N SER D 305 24.71 50.44 3.88
CA SER D 305 25.49 49.77 2.81
C SER D 305 26.44 50.74 2.09
N LEU D 306 25.97 51.98 1.88
CA LEU D 306 26.78 53.01 1.26
C LEU D 306 27.96 53.38 2.16
N GLU D 307 27.73 53.55 3.49
CA GLU D 307 28.78 53.86 4.46
C GLU D 307 29.82 52.71 4.50
N GLU D 308 29.32 51.47 4.49
CA GLU D 308 30.11 50.23 4.52
C GLU D 308 31.00 50.05 3.29
N ILE D 309 30.40 50.05 2.09
CA ILE D 309 31.14 49.89 0.83
C ILE D 309 32.22 50.98 0.64
N THR D 310 31.96 52.23 1.11
CA THR D 310 32.90 53.37 1.04
C THR D 310 34.28 53.03 1.64
N ASP D 311 34.30 52.25 2.72
CA ASP D 311 35.51 51.82 3.44
C ASP D 311 36.45 50.94 2.62
N ILE D 312 35.90 50.22 1.62
CA ILE D 312 36.65 49.30 0.73
C ILE D 312 36.77 49.85 -0.71
N ALA D 313 36.11 50.95 -0.99
CA ALA D 313 36.07 51.52 -2.30
C ALA D 313 37.11 52.58 -2.59
N GLU D 314 37.43 52.71 -3.86
CA GLU D 314 38.27 53.76 -4.39
C GLU D 314 37.52 55.03 -4.20
N PRO D 315 38.17 56.05 -3.66
CA PRO D 315 37.49 57.32 -3.39
C PRO D 315 36.63 57.83 -4.53
N GLY D 316 35.40 58.16 -4.20
CA GLY D 316 34.37 58.65 -5.10
C GLY D 316 33.67 57.62 -5.99
N SER D 317 34.00 56.32 -5.85
CA SER D 317 33.40 55.25 -6.67
C SER D 317 32.07 54.70 -6.15
N ALA D 318 31.82 54.81 -4.82
CA ALA D 318 30.59 54.33 -4.18
C ALA D 318 29.33 55.07 -4.64
N ALA D 319 28.35 54.31 -5.15
CA ALA D 319 27.09 54.87 -5.66
C ALA D 319 25.89 53.93 -5.56
N VAL D 320 24.70 54.51 -5.40
CA VAL D 320 23.43 53.76 -5.36
C VAL D 320 22.87 53.82 -6.77
N ILE D 321 22.99 52.70 -7.50
CA ILE D 321 22.41 52.60 -8.85
C ILE D 321 21.02 51.97 -8.68
N ASP D 322 20.00 52.48 -9.39
CA ASP D 322 18.61 52.02 -9.27
C ASP D 322 18.13 52.01 -7.80
N PHE D 323 18.05 53.20 -7.22
CA PHE D 323 17.61 53.43 -5.86
C PHE D 323 16.11 53.19 -5.74
N MET D 324 15.70 52.34 -4.77
CA MET D 324 14.30 51.98 -4.45
C MET D 324 13.49 51.57 -5.70
N THR D 325 14.00 50.61 -6.46
CA THR D 325 13.34 50.14 -7.65
C THR D 325 12.70 48.81 -7.49
N VAL D 326 11.79 48.53 -8.42
CA VAL D 326 10.95 47.32 -8.52
C VAL D 326 10.04 47.16 -7.31
N VAL D 332 7.33 40.83 -1.23
CA VAL D 332 6.32 41.54 -2.03
C VAL D 332 6.96 42.35 -3.16
N GLN D 333 6.80 41.86 -4.38
CA GLN D 333 7.42 42.29 -5.61
C GLN D 333 8.89 42.63 -5.61
N HIS D 334 9.40 42.87 -4.41
CA HIS D 334 10.78 43.25 -4.18
C HIS D 334 11.14 44.63 -4.59
N LEU D 335 11.11 45.49 -3.61
CA LEU D 335 11.61 46.85 -3.77
C LEU D 335 13.06 46.74 -3.27
N GLY D 336 13.99 47.33 -4.00
CA GLY D 336 15.40 47.24 -3.64
C GLY D 336 16.31 48.21 -4.32
N SER D 337 17.53 48.32 -3.80
CA SER D 337 18.58 49.19 -4.33
C SER D 337 19.83 48.40 -4.59
N THR D 338 20.58 48.84 -5.58
CA THR D 338 21.84 48.24 -5.96
C THR D 338 22.93 49.22 -5.56
N ILE D 339 23.74 48.84 -4.58
CA ILE D 339 24.86 49.66 -4.13
C ILE D 339 26.05 49.12 -4.87
N ARG D 340 26.77 50.00 -5.56
CA ARG D 340 27.91 49.67 -6.37
C ARG D 340 29.11 50.53 -6.02
N ALA D 341 30.30 49.97 -6.17
CA ALA D 341 31.56 50.66 -5.93
C ALA D 341 32.65 49.98 -6.75
N ARG D 342 33.85 50.56 -6.76
CA ARG D 342 35.00 49.97 -7.43
C ARG D 342 35.99 49.66 -6.32
N LEU D 343 36.41 48.39 -6.20
CA LEU D 343 37.33 47.94 -5.17
C LEU D 343 38.64 48.72 -5.22
N ASP D 344 39.04 49.19 -4.08
CA ASP D 344 40.20 50.01 -4.03
C ASP D 344 41.36 49.11 -4.32
N PRO D 345 42.51 49.70 -4.58
CA PRO D 345 43.71 48.90 -4.75
C PRO D 345 44.20 48.35 -3.42
N SER D 346 44.05 49.11 -2.35
CA SER D 346 44.51 48.70 -1.03
C SER D 346 43.57 47.73 -0.35
N SER D 347 42.56 47.29 -1.08
CA SER D 347 41.50 46.50 -0.46
C SER D 347 41.30 45.28 -1.28
N ASP D 348 40.47 44.35 -0.81
CA ASP D 348 40.29 43.08 -1.53
C ASP D 348 38.90 42.45 -1.39
N ARG D 349 38.72 41.38 -2.16
CA ARG D 349 37.60 40.45 -2.19
C ARG D 349 36.90 40.24 -0.85
N MET D 350 37.67 39.66 0.04
CA MET D 350 37.22 39.27 1.37
C MET D 350 36.97 40.48 2.26
N ALA D 351 37.79 41.56 2.12
CA ALA D 351 37.63 42.80 2.90
C ALA D 351 36.30 43.47 2.56
N ALA D 352 35.83 43.28 1.30
CA ALA D 352 34.56 43.76 0.76
C ALA D 352 33.39 42.93 1.32
N LEU D 353 33.48 41.57 1.26
CA LEU D 353 32.41 40.72 1.81
C LEU D 353 32.30 40.97 3.33
N GLU D 354 33.44 41.13 4.01
CA GLU D 354 33.50 41.42 5.44
C GLU D 354 32.94 42.79 5.78
N ALA D 355 33.13 43.79 4.89
CA ALA D 355 32.61 45.15 5.12
C ALA D 355 31.09 45.15 5.00
N LEU D 356 30.54 44.19 4.26
CA LEU D 356 29.10 44.10 4.00
C LEU D 356 28.42 42.96 4.76
N PHE D 357 29.12 42.39 5.75
CA PHE D 357 28.70 41.24 6.53
C PHE D 357 28.57 41.59 8.01
N PRO D 358 27.54 41.09 8.70
CA PRO D 358 26.41 40.29 8.18
C PRO D 358 25.41 41.18 7.45
N ALA D 359 24.49 40.61 6.69
CA ALA D 359 23.50 41.42 5.97
C ALA D 359 22.57 42.12 6.98
N VAL D 360 22.14 43.37 6.68
CA VAL D 360 21.20 44.08 7.57
C VAL D 360 19.90 43.25 7.67
N THR D 361 19.53 42.58 6.56
CA THR D 361 18.35 41.72 6.42
C THR D 361 18.23 40.65 7.52
N ALA D 362 19.36 40.18 8.07
CA ALA D 362 19.34 39.17 9.13
C ALA D 362 20.15 39.53 10.37
N SER D 363 20.44 40.83 10.58
CA SER D 363 21.14 41.23 11.79
C SER D 363 20.31 42.30 12.52
N GLY D 364 20.47 43.55 12.10
CA GLY D 364 19.74 44.66 12.69
C GLY D 364 20.38 46.01 12.47
N ILE D 365 19.77 47.05 13.08
CA ILE D 365 20.19 48.47 13.01
C ILE D 365 20.10 49.16 14.39
N PRO D 366 21.17 49.85 14.85
CA PRO D 366 22.53 49.89 14.28
C PRO D 366 23.11 48.47 14.30
N LYS D 367 23.81 48.07 13.22
CA LYS D 367 24.37 46.72 13.06
C LYS D 367 25.07 46.15 14.28
N ALA D 368 25.97 46.93 14.92
CA ALA D 368 26.72 46.54 16.12
C ALA D 368 25.78 46.15 17.27
N ALA D 369 24.73 46.97 17.52
CA ALA D 369 23.75 46.72 18.57
C ALA D 369 22.85 45.53 18.22
N GLY D 370 22.58 45.33 16.92
CA GLY D 370 21.76 44.24 16.43
C GLY D 370 22.46 42.90 16.64
N VAL D 371 23.77 42.85 16.29
CA VAL D 371 24.61 41.66 16.45
C VAL D 371 24.73 41.31 17.94
N GLU D 372 24.93 42.33 18.81
CA GLU D 372 25.03 42.12 20.26
C GLU D 372 23.73 41.58 20.84
N ALA D 373 22.57 42.08 20.35
CA ALA D 373 21.25 41.65 20.80
C ALA D 373 20.97 40.21 20.36
N ILE D 374 21.58 39.77 19.25
CA ILE D 374 21.45 38.40 18.76
C ILE D 374 22.15 37.39 19.69
N PHE D 375 23.34 37.74 20.23
CA PHE D 375 24.07 36.91 21.19
C PHE D 375 23.25 36.63 22.45
N ARG D 376 22.45 37.62 22.89
CA ARG D 376 21.63 37.54 24.12
C ARG D 376 20.24 36.97 23.88
N LEU D 377 19.61 37.35 22.76
CA LEU D 377 18.23 37.00 22.47
C LEU D 377 17.97 35.91 21.45
N ASP D 378 19.01 35.35 20.84
CA ASP D 378 18.80 34.26 19.88
C ASP D 378 19.62 33.04 20.29
N GLU D 379 19.31 31.85 19.72
CA GLU D 379 20.07 30.63 19.99
C GLU D 379 21.38 30.74 19.20
N CYS D 380 22.51 30.79 19.92
CA CYS D 380 23.83 30.94 19.31
C CYS D 380 24.72 29.73 19.56
N PRO D 381 25.70 29.44 18.68
CA PRO D 381 25.98 30.11 17.40
C PRO D 381 24.91 29.83 16.34
N ARG D 382 24.71 30.79 15.43
CA ARG D 382 23.75 30.62 14.34
C ARG D 382 24.33 29.70 13.27
N GLY D 383 25.67 29.67 13.18
CA GLY D 383 26.40 28.89 12.19
C GLY D 383 26.07 29.35 10.78
N LEU D 384 25.66 28.41 9.91
CA LEU D 384 25.34 28.72 8.51
C LEU D 384 24.19 29.70 8.36
N TYR D 385 23.15 29.60 9.24
CA TYR D 385 21.96 30.48 9.20
C TYR D 385 22.34 31.95 9.31
N SER D 386 21.90 32.74 8.32
CA SER D 386 22.15 34.20 8.18
C SER D 386 23.63 34.53 7.87
N GLY D 387 24.41 33.50 7.52
CA GLY D 387 25.78 33.67 7.06
C GLY D 387 25.74 33.68 5.55
N ALA D 388 26.78 33.16 4.90
CA ALA D 388 26.78 33.12 3.43
C ALA D 388 27.38 31.85 2.86
N VAL D 389 26.95 31.50 1.64
CA VAL D 389 27.50 30.42 0.84
C VAL D 389 28.22 31.17 -0.27
N VAL D 390 29.52 30.85 -0.48
CA VAL D 390 30.39 31.56 -1.40
C VAL D 390 30.94 30.75 -2.60
N MET D 391 31.25 31.46 -3.71
CA MET D 391 31.86 30.96 -4.94
C MET D 391 32.88 32.01 -5.33
N LEU D 392 34.15 31.64 -5.22
CA LEU D 392 35.27 32.51 -5.55
C LEU D 392 35.90 32.02 -6.86
N SER D 393 36.43 32.96 -7.68
CA SER D 393 37.11 32.66 -8.95
C SER D 393 38.49 33.30 -9.00
N ALA D 394 39.46 32.65 -9.69
CA ALA D 394 40.88 33.08 -9.84
C ALA D 394 41.08 34.52 -10.36
N ASP D 395 40.21 34.94 -11.29
CA ASP D 395 40.21 36.28 -11.91
C ASP D 395 39.89 37.41 -10.90
N GLY D 396 39.50 37.03 -9.68
CA GLY D 396 39.15 37.93 -8.58
C GLY D 396 37.68 37.93 -8.18
N GLY D 397 36.88 37.17 -8.92
CA GLY D 397 35.45 37.03 -8.68
C GLY D 397 35.09 36.52 -7.30
N LEU D 398 33.96 37.00 -6.76
CA LEU D 398 33.38 36.61 -5.47
C LEU D 398 31.88 36.71 -5.65
N ASP D 399 31.16 35.68 -5.22
CA ASP D 399 29.71 35.70 -5.26
C ASP D 399 29.23 35.13 -3.94
N ALA D 400 28.58 35.98 -3.13
CA ALA D 400 28.14 35.60 -1.79
C ALA D 400 26.66 35.81 -1.56
N ALA D 401 25.96 34.68 -1.40
CA ALA D 401 24.54 34.55 -1.18
C ALA D 401 24.22 34.50 0.32
N LEU D 402 23.20 35.26 0.75
CA LEU D 402 22.78 35.30 2.15
C LEU D 402 22.04 34.01 2.50
N THR D 403 22.52 33.34 3.55
CA THR D 403 21.94 32.06 3.93
C THR D 403 20.66 32.16 4.76
N LEU D 404 19.53 32.15 4.04
CA LEU D 404 18.19 32.13 4.61
C LEU D 404 17.38 31.18 3.74
N ARG D 405 16.21 30.71 4.23
CA ARG D 405 15.32 29.75 3.56
C ARG D 405 16.14 28.49 3.28
N ALA D 406 16.84 28.02 4.33
CA ALA D 406 17.75 26.88 4.24
C ALA D 406 17.44 25.77 5.21
N ALA D 407 17.80 24.54 4.81
CA ALA D 407 17.64 23.32 5.58
C ALA D 407 19.05 22.81 5.91
N TYR D 408 19.23 22.22 7.08
CA TYR D 408 20.53 21.73 7.56
C TYR D 408 20.43 20.38 8.24
N GLN D 409 21.50 19.58 8.10
CA GLN D 409 21.65 18.30 8.78
C GLN D 409 23.07 18.17 9.29
N VAL D 410 23.21 18.03 10.62
CA VAL D 410 24.50 17.90 11.35
C VAL D 410 24.25 16.99 12.59
N GLY D 411 25.11 15.98 12.77
CA GLY D 411 25.07 15.05 13.90
C GLY D 411 23.74 14.39 14.20
N GLY D 412 23.08 13.89 13.16
CA GLY D 412 21.78 13.23 13.25
C GLY D 412 20.58 14.16 13.28
N ARG D 413 20.81 15.43 13.58
CA ARG D 413 19.77 16.42 13.70
C ARG D 413 19.52 17.09 12.38
N THR D 414 18.27 17.17 11.97
CA THR D 414 17.84 17.87 10.76
C THR D 414 16.98 19.04 11.21
N TRP D 415 17.27 20.24 10.67
CA TRP D 415 16.51 21.42 11.05
C TRP D 415 16.34 22.51 10.00
N LEU D 416 15.34 23.37 10.26
CA LEU D 416 15.01 24.55 9.49
C LEU D 416 15.17 25.69 10.47
N ARG D 417 15.28 26.91 9.96
CA ARG D 417 15.43 28.09 10.81
C ARG D 417 14.98 29.28 10.01
N ALA D 418 14.11 30.10 10.64
CA ALA D 418 13.54 31.30 10.05
C ALA D 418 13.34 32.32 11.15
N GLY D 419 13.48 33.58 10.78
CA GLY D 419 13.31 34.68 11.71
C GLY D 419 12.45 35.82 11.19
N ALA D 420 12.43 36.93 11.93
CA ALA D 420 11.67 38.12 11.54
C ALA D 420 12.30 39.37 12.10
N GLY D 421 12.23 40.45 11.31
CA GLY D 421 12.74 41.77 11.68
C GLY D 421 11.83 42.44 12.68
N ILE D 422 12.28 42.54 13.94
CA ILE D 422 11.54 43.13 15.06
C ILE D 422 11.83 44.62 15.15
N ILE D 423 10.75 45.42 15.23
CA ILE D 423 10.82 46.87 15.40
C ILE D 423 10.03 47.28 16.65
N GLU D 424 9.79 48.59 16.89
CA GLU D 424 9.07 49.11 18.05
C GLU D 424 7.59 48.67 18.14
N GLU D 425 6.86 48.70 17.02
CA GLU D 425 5.44 48.34 16.97
C GLU D 425 5.17 46.84 16.69
N SER D 426 6.19 45.97 16.87
CA SER D 426 6.11 44.53 16.62
C SER D 426 5.37 43.75 17.68
N GLU D 427 4.51 42.83 17.27
CA GLU D 427 3.80 41.99 18.19
C GLU D 427 4.19 40.53 18.11
N PRO D 428 4.41 39.91 19.24
CA PRO D 428 4.96 38.54 19.24
C PRO D 428 4.20 37.47 18.45
N GLU D 429 2.89 37.57 18.36
CA GLU D 429 2.13 36.56 17.64
C GLU D 429 2.17 36.76 16.17
N ARG D 430 2.23 37.98 15.73
CA ARG D 430 2.38 38.27 14.32
C ARG D 430 3.77 37.97 13.81
N GLU D 431 4.75 38.14 14.68
CA GLU D 431 6.15 37.85 14.34
C GLU D 431 6.41 36.35 14.25
N PHE D 432 5.81 35.59 15.15
CA PHE D 432 5.89 34.16 15.19
C PHE D 432 5.26 33.61 13.95
N GLU D 433 4.28 34.29 13.39
CA GLU D 433 3.58 33.83 12.21
C GLU D 433 4.29 34.32 10.98
N GLU D 434 5.12 35.33 11.13
CA GLU D 434 5.92 35.69 10.00
C GLU D 434 6.95 34.55 9.75
N THR D 435 7.49 33.97 10.81
CA THR D 435 8.47 32.86 10.70
C THR D 435 7.83 31.68 10.00
N CYS D 436 6.58 31.32 10.40
CA CYS D 436 5.76 30.25 9.79
C CYS D 436 5.64 30.47 8.27
N GLU D 437 5.46 31.74 7.84
CA GLU D 437 5.37 32.13 6.43
C GLU D 437 6.71 31.98 5.69
N LYS D 438 7.81 32.37 6.32
CA LYS D 438 9.12 32.23 5.67
C LYS D 438 9.52 30.77 5.50
N LEU D 439 9.16 29.92 6.44
CA LEU D 439 9.39 28.47 6.40
C LEU D 439 8.69 27.80 5.19
N SER D 440 7.58 28.40 4.68
CA SER D 440 6.79 27.90 3.53
C SER D 440 7.55 27.79 2.19
N THR D 441 8.81 28.26 2.17
CA THR D 441 9.70 28.17 1.01
C THR D 441 10.20 26.69 0.93
N LEU D 442 10.22 25.98 2.08
CA LEU D 442 10.72 24.61 2.24
C LEU D 442 9.71 23.59 2.73
N THR D 443 8.92 23.93 3.77
CA THR D 443 7.92 23.06 4.42
C THR D 443 6.97 22.26 3.47
N PRO D 444 6.42 22.82 2.36
CA PRO D 444 5.61 22.00 1.44
C PRO D 444 6.42 21.30 0.34
N TYR D 445 7.76 21.38 0.44
CA TYR D 445 8.67 20.77 -0.52
C TYR D 445 9.77 19.83 0.01
N LEU D 446 9.61 19.35 1.24
CA LEU D 446 10.55 18.43 1.89
C LEU D 446 10.39 17.01 1.34
N VAL D 447 11.37 16.54 0.55
CA VAL D 447 11.36 15.18 0.00
C VAL D 447 12.10 14.29 1.00
N ALA D 448 11.37 13.40 1.67
CA ALA D 448 11.93 12.47 2.66
C ALA D 448 12.96 11.51 2.03
N ARG D 449 13.87 11.01 2.85
CA ARG D 449 14.86 10.06 2.42
C ARG D 449 14.23 8.73 1.99
C8 RVE E . -27.26 -12.15 8.79
OA' RVE E . -28.13 -9.70 7.45
OB RVE E . -28.27 -18.55 9.44
OB' RVE E . -30.13 -10.28 7.90
OA RVE E . -27.54 -17.39 7.77
O2 RVE E . -28.13 -14.86 7.64
C5 RVE E . -30.30 -15.34 11.00
C4 RVE E . -30.25 -14.11 10.37
C6 RVE E . -29.62 -16.41 10.50
O3 RVE E . -29.51 -12.75 8.62
C' RVE E . -28.95 -10.51 7.78
C RVE E . -28.12 -17.49 8.83
C7 RVE E . -28.51 -11.94 8.30
C3 RVE E . -29.49 -13.93 9.24
C2 RVE E . -28.83 -15.02 8.72
C1 RVE E . -28.88 -16.28 9.37
C8 RVE F . 10.31 -16.87 19.57
OA' RVE F . 10.79 -14.09 20.14
OB RVE F . 10.67 -22.97 21.90
OB' RVE F . 12.64 -14.53 21.07
OA RVE F . 9.34 -21.25 22.18
O2 RVE F . 10.14 -18.90 21.72
C5 RVE F . 13.68 -20.48 20.47
C4 RVE F . 13.45 -19.12 20.53
C6 RVE F . 12.68 -21.30 20.89
O3 RVE F . 12.14 -17.24 20.97
C' RVE F . 11.60 -14.88 20.55
C RVE F . 10.39 -21.76 21.77
C7 RVE F . 11.33 -16.39 20.35
C3 RVE F . 12.26 -18.57 20.90
C2 RVE F . 11.28 -19.41 21.33
C1 RVE F . 11.48 -20.79 21.31
#